data_9KFB
#
_entry.id   9KFB
#
_cell.length_a   157.619
_cell.length_b   157.619
_cell.length_c   221.392
_cell.angle_alpha   90.00
_cell.angle_beta   90.00
_cell.angle_gamma   90.00
#
_symmetry.space_group_name_H-M   'P 41 21 2'
#
loop_
_entity.id
_entity.type
_entity.pdbx_description
1 polymer 'NM57-scFv light chain, NM57-scFv heavy chain'
2 polymer RABV-G-ecto
#
loop_
_entity_poly.entity_id
_entity_poly.type
_entity_poly.pdbx_seq_one_letter_code
_entity_poly.pdbx_strand_id
1 'polypeptide(L)'
;MQSALTQPRSVSGSPGQSVTISCTGTSSDIGGYNFVSWYQQHPGKAPKLMIYDATKRPSGVPDRFSGSKSGNTASLTISG
LQAEDEADYYCCSYAGDYTPGVVFGGGTKLTVLGQPKGGGGSGGGGSGGGGSGGGGSQVQLVQSGAEVKKPGSSVKVSCK
ASGGTFNRYTVNWVRQAPGQGLEWMGGIIPIFGTANYAQRFQGRLTITADESTSTAYMELSSLRSDDTAVYFCARENLDN
SGTYYYFSGWFDPWGQGTLVTVSS
;
A,M,X
2 'polypeptide(L)'
;KFPIYTIPDELGPWSPIDIHHLSCPNNLVVEDEGCTNLSEFSYMELKVGYISAIKVNGFTCTGVVTEAETYTGGSGGTTF
KRKHFRPTPDACRAAYNWKMAGDPRYEESLHNPYGGSGGRTTKESLIIISPSVTDLDPYDKSLHSRVFPGGKCSGITVSS
TYCSTNHDYTIWMPENPRPRTPCDIFTNSRGKRASNGNKTCGFVDERGLYKSLKGACRLKLCGVLGLRLMDGTWVAMQTS
DETKWCPPDQLVNLHDFRSDEIEHLVVEELVKKREECLDALESIMTTKSVSFRRLSHLRKLVPGFGKAYTIFNKTLMEAD
AHYKSVRTWNEIIPSKGCLKVGGRCHPHVNGVFFNGIILGPDDHVLIPEMQSSLLQQHMELLKSSVIPLMHPLADPSTVF
KEGDEAEDFVEVHLPDVYKQISGVDLGLPNWGK
;
B,K,F
#
# COMPACT_ATOMS: atom_id res chain seq x y z
N SER A 3 45.47 4.78 -6.93
CA SER A 3 46.35 3.62 -6.96
C SER A 3 45.69 2.40 -7.62
N ALA A 4 46.26 1.93 -8.73
CA ALA A 4 45.67 0.83 -9.49
C ALA A 4 46.29 -0.51 -9.14
N LEU A 5 47.55 -0.71 -9.51
CA LEU A 5 48.28 -1.91 -9.13
C LEU A 5 49.36 -1.56 -8.12
N THR A 6 50.33 -2.45 -7.91
CA THR A 6 51.39 -2.19 -6.96
C THR A 6 52.67 -2.84 -7.45
N GLN A 7 53.76 -2.06 -7.46
CA GLN A 7 55.08 -2.54 -7.79
C GLN A 7 56.08 -1.84 -6.89
N PRO A 8 57.09 -2.57 -6.40
CA PRO A 8 58.20 -1.89 -5.73
C PRO A 8 58.90 -0.96 -6.71
N ARG A 9 59.10 0.30 -6.28
CA ARG A 9 59.68 1.31 -7.18
C ARG A 9 60.96 0.81 -7.84
N SER A 10 61.70 -0.05 -7.15
CA SER A 10 62.93 -0.64 -7.67
C SER A 10 63.32 -1.78 -6.74
N VAL A 11 63.96 -2.79 -7.33
CA VAL A 11 64.48 -3.93 -6.59
C VAL A 11 65.93 -4.17 -7.01
N SER A 12 66.79 -4.46 -6.03
CA SER A 12 68.23 -4.53 -6.22
C SER A 12 68.71 -5.97 -6.23
N GLY A 13 69.67 -6.26 -7.10
CA GLY A 13 70.28 -7.58 -7.19
C GLY A 13 70.98 -7.88 -8.51
N SER A 18 69.01 -14.54 -7.43
CA SER A 18 67.72 -14.28 -8.04
C SER A 18 66.98 -13.17 -7.30
N VAL A 19 66.35 -12.28 -8.05
CA VAL A 19 65.57 -11.18 -7.49
C VAL A 19 64.14 -11.31 -8.01
N THR A 20 63.18 -10.81 -7.24
CA THR A 20 61.77 -11.00 -7.55
C THR A 20 61.00 -9.70 -7.41
N ILE A 21 60.08 -9.47 -8.34
CA ILE A 21 59.16 -8.34 -8.29
C ILE A 21 57.74 -8.90 -8.14
N SER A 22 56.95 -8.26 -7.30
CA SER A 22 55.56 -8.64 -7.09
C SER A 22 54.64 -7.64 -7.77
N CYS A 23 53.36 -8.03 -7.88
CA CYS A 23 52.34 -7.20 -8.50
C CYS A 23 51.01 -7.44 -7.77
N THR A 24 50.97 -7.12 -6.48
CA THR A 24 49.74 -7.26 -5.71
C THR A 24 48.63 -6.44 -6.35
N GLY A 25 47.46 -7.05 -6.48
CA GLY A 25 46.37 -6.43 -7.20
C GLY A 25 45.92 -7.31 -8.34
N THR A 26 46.33 -8.57 -8.31
CA THR A 26 45.80 -9.56 -9.24
C THR A 26 44.33 -9.40 -8.94
N SER A 27 43.53 -9.23 -9.99
CA SER A 27 42.10 -8.99 -9.85
C SER A 27 41.49 -10.09 -10.69
N SER A 28 40.62 -10.89 -10.07
CA SER A 28 39.77 -11.83 -10.78
C SER A 28 38.35 -11.29 -10.74
N ASP A 29 37.71 -11.18 -11.91
CA ASP A 29 36.37 -10.58 -11.95
C ASP A 29 35.29 -11.48 -11.35
N ILE A 30 34.03 -11.21 -11.67
CA ILE A 30 32.92 -11.74 -10.87
C ILE A 30 32.72 -13.23 -11.10
N GLY A 31 32.69 -13.65 -12.37
CA GLY A 31 33.08 -15.00 -12.71
C GLY A 31 34.58 -15.12 -12.58
N GLY A 32 35.10 -16.33 -12.66
CA GLY A 32 36.50 -16.50 -12.32
C GLY A 32 37.53 -16.37 -13.43
N TYR A 33 37.97 -15.15 -13.77
CA TYR A 33 38.99 -14.99 -14.80
C TYR A 33 40.08 -14.03 -14.33
N ASN A 34 41.33 -14.41 -14.59
CA ASN A 34 42.48 -13.63 -14.16
C ASN A 34 43.59 -13.78 -15.20
N PHE A 35 44.09 -12.66 -15.72
CA PHE A 35 45.06 -12.67 -16.81
C PHE A 35 46.16 -11.62 -16.57
N VAL A 36 46.99 -11.85 -15.53
CA VAL A 36 48.19 -11.03 -15.37
C VAL A 36 49.16 -11.35 -16.49
N SER A 37 49.61 -10.31 -17.20
CA SER A 37 50.54 -10.45 -18.32
C SER A 37 51.62 -9.38 -18.19
N TRP A 38 52.86 -9.82 -17.97
CA TRP A 38 53.97 -8.92 -17.69
C TRP A 38 54.61 -8.40 -18.97
N TYR A 39 55.45 -7.38 -18.79
CA TYR A 39 56.13 -6.69 -19.89
C TYR A 39 57.39 -6.05 -19.31
N GLN A 40 58.47 -6.04 -20.09
CA GLN A 40 59.71 -5.41 -19.66
C GLN A 40 60.05 -4.25 -20.59
N GLN A 41 60.54 -3.17 -20.02
CA GLN A 41 60.75 -1.90 -20.73
C GLN A 41 62.22 -1.51 -20.65
N HIS A 42 62.94 -1.66 -21.76
CA HIS A 42 64.25 -1.04 -21.91
C HIS A 42 64.09 0.40 -22.38
N PRO A 43 65.05 1.26 -22.07
CA PRO A 43 64.90 2.69 -22.39
C PRO A 43 64.69 2.93 -23.88
N GLY A 44 63.67 3.72 -24.21
CA GLY A 44 63.42 4.14 -25.58
C GLY A 44 62.94 3.02 -26.48
N LYS A 45 62.87 1.83 -25.91
CA LYS A 45 62.49 0.63 -26.62
C LYS A 45 61.07 0.23 -26.21
N ALA A 46 60.37 -0.41 -27.12
CA ALA A 46 59.03 -0.87 -26.81
C ALA A 46 59.08 -2.10 -25.91
N PRO A 47 58.16 -2.21 -24.96
CA PRO A 47 58.12 -3.40 -24.10
C PRO A 47 57.82 -4.66 -24.90
N LYS A 48 58.43 -5.75 -24.46
CA LYS A 48 58.22 -7.06 -25.05
C LYS A 48 57.41 -7.93 -24.08
N LEU A 49 56.62 -8.84 -24.65
CA LEU A 49 55.79 -9.72 -23.85
C LEU A 49 56.64 -10.82 -23.24
N MET A 50 56.65 -10.90 -21.91
CA MET A 50 57.44 -11.90 -21.20
C MET A 50 56.63 -12.91 -20.43
N ILE A 51 55.40 -12.60 -20.03
CA ILE A 51 54.53 -13.53 -19.33
C ILE A 51 53.09 -13.24 -19.74
N TYR A 52 52.34 -14.29 -20.08
CA TYR A 52 50.91 -14.18 -20.31
C TYR A 52 50.22 -15.29 -19.53
N ASP A 53 48.99 -15.03 -19.11
CA ASP A 53 48.19 -15.99 -18.34
C ASP A 53 48.91 -16.44 -17.07
N ALA A 54 49.43 -15.47 -16.31
CA ALA A 54 50.00 -15.68 -14.99
C ALA A 54 51.32 -16.46 -14.99
N THR A 55 51.33 -17.65 -15.60
CA THR A 55 52.48 -18.54 -15.51
C THR A 55 53.07 -18.95 -16.86
N LYS A 56 52.46 -18.59 -17.98
CA LYS A 56 52.94 -19.03 -19.28
C LYS A 56 53.94 -18.05 -19.86
N ARG A 57 54.92 -18.60 -20.64
CA ARG A 57 56.00 -17.90 -21.30
C ARG A 57 55.60 -17.51 -22.73
N PRO A 58 56.14 -16.42 -23.27
CA PRO A 58 55.79 -16.01 -24.64
C PRO A 58 56.23 -17.07 -25.64
N SER A 59 55.33 -17.41 -26.56
CA SER A 59 55.47 -18.61 -27.37
C SER A 59 56.60 -18.55 -28.40
N GLY A 60 57.18 -17.38 -28.68
CA GLY A 60 58.17 -17.28 -29.73
C GLY A 60 59.62 -17.42 -29.30
N VAL A 61 60.08 -16.51 -28.44
CA VAL A 61 61.49 -16.44 -28.03
C VAL A 61 61.57 -16.00 -26.56
N PRO A 62 61.60 -16.95 -25.61
CA PRO A 62 61.64 -16.57 -24.18
C PRO A 62 62.82 -17.13 -23.41
N ASP A 63 63.45 -16.31 -22.54
CA ASP A 63 64.70 -16.69 -21.89
C ASP A 63 64.69 -16.65 -20.35
N ARG A 64 63.78 -15.92 -19.70
CA ARG A 64 63.93 -15.77 -18.25
C ARG A 64 63.13 -16.74 -17.38
N PHE A 65 61.98 -17.21 -17.86
CA PHE A 65 61.22 -18.42 -17.43
C PHE A 65 60.24 -18.38 -16.25
N SER A 66 60.10 -17.30 -15.50
CA SER A 66 59.30 -17.33 -14.28
C SER A 66 57.98 -16.59 -14.41
N GLY A 67 56.92 -17.20 -13.87
CA GLY A 67 55.60 -16.60 -13.84
C GLY A 67 54.77 -17.19 -12.72
N SER A 68 54.33 -16.37 -11.78
CA SER A 68 53.67 -16.86 -10.59
C SER A 68 52.44 -16.01 -10.30
N LYS A 69 51.53 -16.57 -9.51
CA LYS A 69 50.31 -15.88 -9.13
C LYS A 69 49.67 -16.62 -7.97
N SER A 70 49.30 -15.88 -6.92
CA SER A 70 48.62 -16.43 -5.75
C SER A 70 47.30 -15.71 -5.49
N GLY A 71 46.55 -15.41 -6.56
CA GLY A 71 45.26 -14.77 -6.43
C GLY A 71 45.32 -13.31 -6.00
N ASN A 72 45.82 -13.07 -4.79
CA ASN A 72 46.03 -11.73 -4.30
C ASN A 72 47.40 -11.19 -4.68
N THR A 73 48.20 -11.97 -5.40
CA THR A 73 49.58 -11.58 -5.71
C THR A 73 50.04 -12.32 -6.95
N ALA A 74 50.63 -11.59 -7.89
CA ALA A 74 51.40 -12.16 -8.98
C ALA A 74 52.88 -11.96 -8.70
N SER A 75 53.73 -12.78 -9.34
CA SER A 75 55.14 -12.76 -9.01
C SER A 75 55.99 -13.05 -10.24
N LEU A 76 57.28 -12.73 -10.13
CA LEU A 76 58.22 -12.80 -11.26
C LEU A 76 59.62 -12.95 -10.68
N THR A 77 60.24 -14.12 -10.86
CA THR A 77 61.54 -14.42 -10.29
C THR A 77 62.57 -14.54 -11.42
N ILE A 78 63.43 -13.54 -11.55
CA ILE A 78 64.43 -13.57 -12.61
C ILE A 78 65.40 -14.72 -12.38
N SER A 79 65.92 -15.27 -13.48
CA SER A 79 66.82 -16.40 -13.40
C SER A 79 68.28 -15.97 -13.38
N GLY A 80 68.63 -14.93 -14.13
CA GLY A 80 70.00 -14.49 -14.25
C GLY A 80 70.31 -13.31 -13.34
N LEU A 81 71.58 -13.20 -12.97
CA LEU A 81 72.01 -12.12 -12.08
C LEU A 81 73.11 -11.30 -12.73
N ALA A 83 73.17 -8.52 -15.81
CA ALA A 83 73.56 -7.16 -16.14
C ALA A 83 72.66 -6.56 -17.23
N GLU A 84 72.32 -7.35 -18.25
CA GLU A 84 71.44 -6.93 -19.32
C GLU A 84 69.96 -6.97 -18.94
N ASP A 85 69.63 -7.61 -17.82
CA ASP A 85 68.24 -7.59 -17.34
C ASP A 85 67.82 -6.18 -16.96
N GLU A 86 68.79 -5.33 -16.60
CA GLU A 86 68.58 -3.99 -16.08
C GLU A 86 67.55 -3.21 -16.90
N ALA A 87 66.42 -2.90 -16.28
CA ALA A 87 65.31 -2.18 -16.91
C ALA A 87 64.21 -2.01 -15.86
N ASP A 88 63.17 -1.27 -16.25
CA ASP A 88 61.91 -1.28 -15.50
C ASP A 88 61.06 -2.48 -15.92
N TYR A 89 60.18 -2.90 -15.03
CA TYR A 89 59.30 -4.04 -15.31
C TYR A 89 57.88 -3.68 -14.91
N TYR A 90 56.94 -4.07 -15.76
CA TYR A 90 55.53 -3.75 -15.59
C TYR A 90 54.70 -5.03 -15.72
N CYS A 91 53.55 -5.02 -15.06
CA CYS A 91 52.56 -6.09 -15.15
C CYS A 91 51.28 -5.53 -15.75
N CYS A 92 50.39 -6.44 -16.16
CA CYS A 92 49.16 -6.04 -16.83
C CYS A 92 48.15 -7.16 -16.71
N SER A 93 47.02 -6.88 -16.05
CA SER A 93 45.98 -7.89 -15.86
C SER A 93 44.65 -7.39 -16.41
N TYR A 94 43.66 -8.26 -16.35
CA TYR A 94 42.28 -7.94 -16.72
C TYR A 94 41.55 -7.35 -15.52
N ALA A 95 40.34 -6.84 -15.78
CA ALA A 95 39.43 -6.37 -14.74
C ALA A 95 38.04 -6.33 -15.33
N GLY A 96 37.04 -6.76 -14.54
CA GLY A 96 35.81 -7.20 -15.16
C GLY A 96 34.50 -6.51 -14.84
N ASP A 97 34.44 -5.69 -13.79
CA ASP A 97 33.13 -5.14 -13.47
C ASP A 97 32.99 -3.72 -13.99
N TYR A 98 33.77 -2.79 -13.44
CA TYR A 98 33.65 -1.39 -13.80
C TYR A 98 34.75 -0.94 -14.76
N THR A 99 35.84 -1.67 -14.86
CA THR A 99 36.87 -1.11 -15.72
C THR A 99 36.92 -1.81 -17.08
N PRO A 100 37.36 -1.09 -18.15
CA PRO A 100 37.12 -1.58 -19.52
C PRO A 100 38.25 -2.33 -20.19
N GLY A 101 39.49 -2.15 -19.74
CA GLY A 101 40.60 -2.71 -20.47
C GLY A 101 41.66 -3.39 -19.63
N VAL A 102 42.82 -2.75 -19.50
CA VAL A 102 43.97 -3.32 -18.80
C VAL A 102 44.69 -2.21 -18.06
N VAL A 103 45.39 -2.59 -16.98
CA VAL A 103 46.12 -1.65 -16.14
C VAL A 103 47.58 -2.08 -16.06
N PHE A 104 48.39 -1.23 -15.44
CA PHE A 104 49.85 -1.37 -15.47
C PHE A 104 50.43 -1.02 -14.10
N GLY A 105 51.75 -1.17 -13.99
CA GLY A 105 52.45 -0.91 -12.75
C GLY A 105 53.01 0.50 -12.68
N GLY A 106 53.83 0.72 -11.66
CA GLY A 106 54.33 2.05 -11.38
C GLY A 106 55.84 2.17 -11.40
N GLY A 107 56.51 1.21 -12.04
CA GLY A 107 57.94 1.29 -12.22
C GLY A 107 58.72 0.43 -11.24
N THR A 108 59.51 -0.51 -11.77
CA THR A 108 60.37 -1.38 -10.96
C THR A 108 61.75 -1.32 -11.57
N LYS A 109 62.53 -0.32 -11.19
CA LYS A 109 63.87 -0.16 -11.76
C LYS A 109 64.74 -1.31 -11.25
N LEU A 110 64.79 -2.38 -12.03
CA LEU A 110 65.60 -3.55 -11.65
C LEU A 110 67.08 -3.22 -11.80
N THR A 111 67.85 -3.52 -10.75
CA THR A 111 69.27 -3.20 -10.70
C THR A 111 70.08 -4.48 -10.53
N VAL A 112 71.12 -4.63 -11.35
CA VAL A 112 72.00 -5.80 -11.25
C VAL A 112 73.42 -5.35 -10.87
N GLN A 140 55.93 -7.88 -37.07
CA GLN A 140 56.37 -6.54 -36.76
C GLN A 140 55.42 -5.47 -37.33
N LEU A 141 55.46 -4.28 -36.74
CA LEU A 141 54.51 -3.22 -37.07
C LEU A 141 55.24 -1.89 -37.22
N VAL A 142 54.51 -0.91 -37.76
CA VAL A 142 55.00 0.45 -37.91
C VAL A 142 53.93 1.40 -37.39
N GLN A 143 54.32 2.66 -37.23
CA GLN A 143 53.45 3.74 -36.78
C GLN A 143 53.44 4.86 -37.82
N SER A 144 52.93 6.02 -37.41
CA SER A 144 52.88 7.17 -38.32
C SER A 144 54.19 7.96 -38.32
N GLY A 145 54.78 8.19 -37.15
CA GLY A 145 56.06 8.86 -37.05
C GLY A 145 55.99 10.11 -36.19
N ALA A 146 57.15 10.75 -36.07
CA ALA A 146 57.30 11.88 -35.15
C ALA A 146 56.48 13.07 -35.64
N GLU A 147 55.69 13.65 -34.74
CA GLU A 147 54.81 14.76 -35.09
C GLU A 147 54.67 15.70 -33.90
N VAL A 148 54.20 16.92 -34.19
CA VAL A 148 54.05 17.98 -33.19
C VAL A 148 52.79 18.77 -33.54
N LYS A 149 52.16 19.39 -32.52
CA LYS A 149 51.02 20.25 -32.71
C LYS A 149 51.08 21.44 -31.74
N LYS A 150 50.70 22.63 -32.23
CA LYS A 150 50.78 23.83 -31.42
C LYS A 150 49.53 23.97 -30.54
N PRO A 151 48.32 24.14 -31.08
CA PRO A 151 47.14 24.16 -30.21
C PRO A 151 46.52 22.78 -30.09
N GLY A 152 45.60 22.67 -29.13
CA GLY A 152 44.85 21.44 -28.97
C GLY A 152 43.92 21.17 -30.13
N SER A 153 44.48 20.74 -31.27
CA SER A 153 43.66 20.43 -32.42
C SER A 153 44.00 18.95 -32.51
N SER A 154 43.72 18.33 -33.67
CA SER A 154 43.99 16.91 -33.84
C SER A 154 45.32 16.34 -34.25
N VAL A 155 45.56 15.09 -33.85
CA VAL A 155 46.71 14.30 -34.27
C VAL A 155 46.21 12.91 -34.66
N LYS A 156 46.72 12.39 -35.77
CA LYS A 156 46.23 11.13 -36.31
C LYS A 156 47.41 10.20 -36.56
N VAL A 157 47.39 9.05 -35.90
CA VAL A 157 48.45 8.05 -36.01
C VAL A 157 47.99 6.94 -36.95
N SER A 158 48.94 6.37 -37.67
CA SER A 158 48.73 5.18 -38.47
C SER A 158 49.48 4.02 -37.86
N CYS A 159 49.13 2.80 -38.29
CA CYS A 159 49.77 1.60 -37.78
C CYS A 159 49.57 0.46 -38.78
N LYS A 160 50.36 0.48 -39.86
CA LYS A 160 50.26 -0.53 -40.90
C LYS A 160 50.65 -1.91 -40.35
N ALA A 161 50.30 -2.94 -41.13
CA ALA A 161 50.68 -4.31 -40.82
C ALA A 161 50.94 -5.10 -42.11
N GLY A 164 48.40 -10.94 -41.60
CA GLY A 164 47.15 -11.05 -40.87
C GLY A 164 46.89 -12.45 -40.37
N THR A 165 46.98 -12.63 -39.05
CA THR A 165 46.84 -13.97 -38.48
C THR A 165 45.43 -14.52 -38.63
N PHE A 166 44.44 -13.64 -38.78
CA PHE A 166 43.03 -13.92 -39.09
C PHE A 166 42.23 -14.40 -37.88
N ASN A 167 42.86 -14.77 -36.78
CA ASN A 167 42.12 -15.20 -35.61
C ASN A 167 41.56 -13.96 -34.88
N ARG A 168 40.92 -14.22 -33.73
CA ARG A 168 40.22 -13.22 -32.93
C ARG A 168 41.31 -12.20 -32.63
N TYR A 169 41.07 -10.92 -32.90
CA TYR A 169 42.11 -9.91 -32.83
C TYR A 169 41.48 -8.59 -32.41
N THR A 170 42.13 -7.93 -31.44
CA THR A 170 41.66 -6.67 -30.87
C THR A 170 42.83 -5.69 -30.81
N VAL A 171 42.89 -4.75 -31.75
CA VAL A 171 43.98 -3.78 -31.79
C VAL A 171 43.74 -2.71 -30.72
N ASN A 172 44.84 -2.16 -30.18
CA ASN A 172 44.76 -1.22 -29.07
C ASN A 172 45.81 -0.13 -29.24
N TRP A 173 45.83 0.80 -28.28
CA TRP A 173 46.77 1.91 -28.26
C TRP A 173 47.07 2.29 -26.82
N VAL A 174 48.35 2.49 -26.51
CA VAL A 174 48.80 2.71 -25.14
C VAL A 174 49.61 4.01 -25.09
N ARG A 175 49.68 4.60 -23.90
CA ARG A 175 50.30 5.90 -23.66
C ARG A 175 51.30 5.79 -22.51
N GLN A 176 52.54 6.21 -22.75
CA GLN A 176 53.49 6.45 -21.66
C GLN A 176 53.89 7.92 -21.65
N ALA A 177 53.52 8.60 -20.57
CA ALA A 177 54.00 9.94 -20.33
C ALA A 177 55.52 9.93 -20.12
N PRO A 178 56.17 11.08 -20.32
CA PRO A 178 57.63 11.15 -20.14
C PRO A 178 58.12 10.55 -18.83
N GLY A 179 58.73 9.36 -18.90
CA GLY A 179 59.34 8.74 -17.74
C GLY A 179 58.40 8.50 -16.59
N GLN A 180 57.33 7.75 -16.85
CA GLN A 180 56.35 7.44 -15.81
C GLN A 180 55.93 6.11 -16.43
N GLY A 181 54.90 5.50 -15.85
CA GLY A 181 54.30 4.31 -16.38
C GLY A 181 53.42 4.23 -17.62
N LEU A 182 52.97 3.02 -17.92
CA LEU A 182 52.15 2.79 -19.10
C LEU A 182 50.70 3.16 -18.81
N GLU A 183 49.88 3.22 -19.86
CA GLU A 183 48.50 3.66 -19.69
C GLU A 183 47.70 3.27 -20.93
N TRP A 184 46.87 2.25 -20.81
CA TRP A 184 45.98 1.85 -21.91
C TRP A 184 44.95 2.94 -22.15
N MET A 185 44.65 3.19 -23.43
CA MET A 185 43.66 4.21 -23.77
C MET A 185 42.41 3.64 -24.39
N GLY A 186 42.55 2.81 -25.41
CA GLY A 186 41.37 2.27 -26.07
C GLY A 186 41.72 1.11 -26.96
N GLY A 187 40.69 0.41 -27.41
CA GLY A 187 40.84 -0.76 -28.25
C GLY A 187 39.88 -0.74 -29.42
N ILE A 188 40.03 -1.74 -30.27
CA ILE A 188 39.18 -1.89 -31.44
C ILE A 188 39.19 -3.35 -31.87
N ILE A 189 38.00 -3.88 -32.13
CA ILE A 189 37.87 -5.22 -32.69
C ILE A 189 37.47 -5.06 -34.14
N PRO A 190 38.42 -5.09 -35.08
CA PRO A 190 38.08 -4.70 -36.47
C PRO A 190 37.01 -5.54 -37.11
N ILE A 191 36.91 -6.83 -36.76
CA ILE A 191 35.91 -7.70 -37.37
C ILE A 191 34.50 -7.15 -37.12
N PHE A 192 34.16 -6.92 -35.85
CA PHE A 192 32.84 -6.43 -35.50
C PHE A 192 32.70 -4.92 -35.66
N GLY A 193 33.79 -4.22 -35.95
CA GLY A 193 33.72 -2.77 -36.08
C GLY A 193 33.30 -2.05 -34.82
N THR A 194 33.73 -2.54 -33.66
CA THR A 194 33.39 -1.94 -32.37
C THR A 194 34.67 -1.58 -31.62
N ALA A 195 34.64 -0.47 -30.90
CA ALA A 195 35.81 0.04 -30.21
C ALA A 195 35.50 0.33 -28.76
N ASN A 196 36.45 0.02 -27.88
CA ASN A 196 36.37 0.33 -26.46
C ASN A 196 37.46 1.35 -26.11
N TYR A 197 37.05 2.55 -25.76
CA TYR A 197 37.95 3.54 -25.19
C TYR A 197 37.83 3.53 -23.66
N ALA A 198 38.83 4.10 -23.00
CA ALA A 198 38.87 4.11 -21.55
C ALA A 198 38.11 5.32 -21.00
N GLN A 199 38.17 5.53 -19.69
CA GLN A 199 37.32 6.53 -19.04
C GLN A 199 37.94 7.93 -19.06
N ARG A 200 39.22 8.04 -18.70
CA ARG A 200 39.86 9.35 -18.69
C ARG A 200 39.89 9.97 -20.09
N PHE A 201 39.85 9.14 -21.14
CA PHE A 201 40.00 9.60 -22.50
C PHE A 201 38.74 9.40 -23.33
N GLN A 202 37.59 9.24 -22.69
CA GLN A 202 36.34 9.00 -23.42
C GLN A 202 35.89 10.25 -24.14
N GLY A 203 35.47 10.08 -25.40
CA GLY A 203 34.97 11.17 -26.22
C GLY A 203 36.06 11.92 -26.97
N ARG A 204 37.17 12.21 -26.30
CA ARG A 204 38.30 12.86 -26.96
C ARG A 204 39.02 11.89 -27.89
N LEU A 205 38.97 10.60 -27.59
CA LEU A 205 39.60 9.56 -28.41
C LEU A 205 38.59 9.00 -29.39
N THR A 206 39.11 8.54 -30.54
CA THR A 206 38.29 7.89 -31.57
C THR A 206 39.19 6.91 -32.31
N ILE A 207 39.26 5.68 -31.78
CA ILE A 207 40.13 4.64 -32.33
C ILE A 207 39.39 3.87 -33.41
N THR A 208 40.02 3.74 -34.58
CA THR A 208 39.48 2.99 -35.69
C THR A 208 40.56 2.13 -36.34
N SER A 212 41.20 -2.17 -44.82
CA SER A 212 41.45 -3.28 -45.74
C SER A 212 42.95 -3.43 -45.94
N THR A 213 43.61 -2.33 -46.27
CA THR A 213 45.04 -2.25 -46.04
C THR A 213 45.22 -2.61 -44.57
N SER A 214 46.31 -3.34 -44.27
CA SER A 214 46.51 -3.85 -42.92
C SER A 214 46.93 -2.57 -42.21
N THR A 215 45.95 -1.85 -41.65
CA THR A 215 46.15 -0.47 -41.24
C THR A 215 45.18 -0.16 -40.11
N ALA A 216 45.72 0.35 -39.00
CA ALA A 216 44.94 0.87 -37.89
C ALA A 216 45.20 2.36 -37.74
N TYR A 217 44.35 3.02 -36.94
CA TYR A 217 44.44 4.47 -36.76
C TYR A 217 44.06 4.85 -35.34
N MET A 218 44.17 6.15 -35.06
CA MET A 218 43.93 6.71 -33.74
C MET A 218 43.81 8.22 -33.86
N GLU A 219 42.81 8.79 -33.19
CA GLU A 219 42.53 10.23 -33.30
C GLU A 219 42.26 10.81 -31.93
N LEU A 220 42.74 12.03 -31.70
CA LEU A 220 42.47 12.80 -30.49
C LEU A 220 41.67 14.06 -30.84
N SER A 221 40.69 14.40 -30.01
CA SER A 221 39.82 15.53 -30.28
C SER A 221 40.24 16.82 -29.59
N SER A 222 41.18 16.75 -28.65
CA SER A 222 41.64 17.94 -27.95
C SER A 222 42.92 17.59 -27.20
N LEU A 223 44.06 17.97 -27.77
CA LEU A 223 45.34 17.90 -27.08
C LEU A 223 45.41 19.01 -26.06
N ARG A 224 45.70 18.68 -24.80
CA ARG A 224 45.78 19.74 -23.81
C ARG A 224 47.00 19.57 -22.93
N SER A 225 48.14 19.27 -23.56
CA SER A 225 49.47 19.27 -22.94
C SER A 225 49.67 18.21 -21.85
N ASP A 226 48.63 17.90 -21.06
CA ASP A 226 48.77 16.79 -20.11
C ASP A 226 48.79 15.44 -20.82
N ASP A 227 48.43 15.42 -22.10
CA ASP A 227 48.43 14.21 -22.91
C ASP A 227 49.71 14.04 -23.72
N THR A 228 50.65 14.98 -23.62
CA THR A 228 51.91 14.87 -24.33
C THR A 228 52.68 13.65 -23.83
N ALA A 229 52.91 12.68 -24.72
CA ALA A 229 53.49 11.40 -24.32
C ALA A 229 53.93 10.65 -25.57
N VAL A 230 54.24 9.37 -25.41
CA VAL A 230 54.62 8.47 -26.49
C VAL A 230 53.51 7.44 -26.68
N TYR A 231 53.22 7.13 -27.94
CA TYR A 231 52.02 6.36 -28.28
C TYR A 231 52.40 5.16 -29.13
N PHE A 232 51.95 3.97 -28.72
CA PHE A 232 52.24 2.71 -29.37
C PHE A 232 50.94 1.99 -29.72
N CYS A 233 51.00 1.13 -30.73
CA CYS A 233 49.86 0.32 -31.17
C CYS A 233 50.16 -1.16 -30.96
N ALA A 234 49.15 -1.92 -30.52
CA ALA A 234 49.31 -3.33 -30.23
C ALA A 234 47.95 -4.04 -30.29
N ARG A 235 48.00 -5.38 -30.34
CA ARG A 235 46.78 -6.16 -30.52
C ARG A 235 46.93 -7.53 -29.89
N GLU A 236 45.81 -8.26 -29.84
CA GLU A 236 45.71 -9.62 -29.32
C GLU A 236 45.01 -10.65 -30.20
N ASN A 237 45.63 -11.85 -30.36
CA ASN A 237 45.10 -12.73 -31.40
C ASN A 237 45.00 -14.13 -30.81
N LEU A 238 43.86 -14.65 -30.38
CA LEU A 238 43.83 -15.95 -29.75
C LEU A 238 42.40 -16.37 -30.05
N ASP A 239 42.15 -17.67 -29.89
CA ASP A 239 40.85 -18.27 -30.16
C ASP A 239 39.97 -18.41 -28.91
N ASN A 240 40.41 -19.24 -27.97
CA ASN A 240 39.52 -19.80 -26.96
C ASN A 240 39.55 -19.01 -25.65
N SER A 241 38.43 -19.13 -24.91
CA SER A 241 38.20 -18.31 -23.72
C SER A 241 39.20 -18.57 -22.61
N GLY A 242 39.97 -19.65 -22.68
CA GLY A 242 40.90 -19.97 -21.61
C GLY A 242 41.83 -18.81 -21.27
N THR A 243 42.41 -18.18 -22.30
CA THR A 243 43.18 -16.96 -22.12
C THR A 243 42.60 -15.82 -22.94
N TYR A 244 41.30 -15.90 -23.28
CA TYR A 244 40.60 -14.87 -24.05
C TYR A 244 39.59 -14.13 -23.19
N TYR A 245 39.87 -12.87 -22.93
CA TYR A 245 38.85 -11.85 -22.71
C TYR A 245 39.21 -10.69 -23.62
N TYR A 246 38.22 -10.09 -24.26
CA TYR A 246 38.52 -9.01 -25.19
C TYR A 246 39.24 -7.89 -24.46
N PHE A 247 40.43 -7.53 -24.96
CA PHE A 247 41.33 -6.60 -24.28
C PHE A 247 41.70 -7.15 -22.90
N SER A 248 42.34 -8.31 -22.91
CA SER A 248 42.73 -8.96 -21.66
C SER A 248 44.13 -8.59 -21.20
N GLY A 249 45.00 -8.18 -22.12
CA GLY A 249 46.36 -7.85 -21.77
C GLY A 249 47.39 -8.62 -22.58
N TRP A 250 46.92 -9.48 -23.48
CA TRP A 250 47.80 -10.29 -24.33
C TRP A 250 48.20 -9.48 -25.56
N PHE A 251 49.01 -8.45 -25.30
CA PHE A 251 49.50 -7.57 -26.35
C PHE A 251 50.84 -8.13 -26.80
N ASP A 252 50.83 -8.91 -27.88
CA ASP A 252 52.09 -9.51 -28.33
C ASP A 252 52.54 -8.93 -29.66
N PRO A 253 51.65 -8.77 -30.67
CA PRO A 253 52.01 -7.89 -31.79
C PRO A 253 52.11 -6.46 -31.32
N TRP A 254 53.31 -5.88 -31.32
CA TRP A 254 53.53 -4.56 -30.75
C TRP A 254 54.02 -3.58 -31.81
N GLY A 255 53.37 -2.42 -31.89
CA GLY A 255 53.87 -1.29 -32.66
C GLY A 255 54.58 -0.30 -31.74
N GLN A 256 55.03 0.80 -32.34
CA GLN A 256 55.86 1.71 -31.57
C GLN A 256 56.04 3.01 -32.35
N GLY A 257 56.25 4.09 -31.61
CA GLY A 257 56.97 5.23 -32.17
C GLY A 257 56.27 6.54 -32.41
N THR A 258 55.11 6.80 -31.81
CA THR A 258 54.41 8.07 -32.03
C THR A 258 54.68 9.01 -30.86
N LEU A 259 55.61 9.94 -31.04
CA LEU A 259 55.96 10.94 -30.03
C LEU A 259 55.37 12.27 -30.48
N VAL A 260 54.31 12.71 -29.81
CA VAL A 260 53.57 13.90 -30.18
C VAL A 260 53.84 14.99 -29.15
N THR A 261 53.94 16.23 -29.62
CA THR A 261 54.21 17.39 -28.78
C THR A 261 53.08 18.39 -28.92
N VAL A 262 52.56 18.85 -27.78
CA VAL A 262 51.56 19.90 -27.74
C VAL A 262 52.24 21.19 -27.31
N SER A 263 51.62 22.32 -27.66
CA SER A 263 52.16 23.62 -27.29
C SER A 263 51.08 24.54 -26.73
N LYS B 1 3.26 14.26 -11.20
CA LYS B 1 4.32 13.42 -11.74
C LYS B 1 4.87 13.99 -13.05
N PHE B 2 4.29 15.10 -13.49
CA PHE B 2 4.72 15.84 -14.67
C PHE B 2 5.70 16.93 -14.27
N PRO B 3 6.44 17.51 -15.21
CA PRO B 3 7.27 18.67 -14.85
C PRO B 3 6.40 19.85 -14.46
N ILE B 4 6.87 20.62 -13.46
CA ILE B 4 6.04 21.66 -12.85
C ILE B 4 5.59 22.66 -13.90
N TYR B 5 6.38 22.85 -14.95
CA TYR B 5 6.02 23.70 -16.07
C TYR B 5 6.79 23.21 -17.28
N THR B 6 6.43 23.73 -18.46
CA THR B 6 7.15 23.44 -19.69
C THR B 6 7.40 24.75 -20.42
N ILE B 7 8.61 25.27 -20.29
CA ILE B 7 8.99 26.51 -20.96
C ILE B 7 9.43 26.12 -22.38
N PRO B 8 9.12 26.93 -23.39
CA PRO B 8 9.54 26.60 -24.75
C PRO B 8 11.04 26.77 -24.94
N ASP B 9 11.53 26.15 -26.01
CA ASP B 9 12.94 26.24 -26.37
C ASP B 9 13.18 26.95 -27.68
N GLU B 10 12.26 26.84 -28.64
CA GLU B 10 12.40 27.57 -29.91
C GLU B 10 11.00 27.82 -30.46
N LEU B 11 10.51 29.05 -30.28
CA LEU B 11 9.28 29.51 -30.91
C LEU B 11 9.59 30.09 -32.29
N GLY B 12 8.54 30.37 -33.05
CA GLY B 12 8.71 30.80 -34.41
C GLY B 12 7.59 31.67 -34.94
N PRO B 13 7.01 31.27 -36.06
CA PRO B 13 6.00 32.12 -36.71
C PRO B 13 4.73 32.24 -35.87
N TRP B 14 4.21 33.46 -35.81
CA TRP B 14 2.99 33.78 -35.08
C TRP B 14 1.89 34.08 -36.11
N SER B 15 1.01 33.12 -36.34
CA SER B 15 -0.06 33.22 -37.32
C SER B 15 -1.42 33.31 -36.63
N PRO B 16 -2.38 34.01 -37.23
CA PRO B 16 -3.69 34.15 -36.59
C PRO B 16 -4.65 33.02 -36.91
N ILE B 17 -5.41 32.61 -35.90
CA ILE B 17 -6.43 31.57 -36.02
C ILE B 17 -7.67 32.01 -35.26
N ASP B 18 -8.71 31.20 -35.36
CA ASP B 18 -9.96 31.41 -34.64
C ASP B 18 -10.16 30.30 -33.61
N ILE B 19 -11.31 30.33 -32.94
CA ILE B 19 -11.55 29.38 -31.86
C ILE B 19 -11.81 27.99 -32.42
N HIS B 20 -12.56 27.89 -33.53
CA HIS B 20 -12.96 26.59 -34.06
C HIS B 20 -11.75 25.73 -34.45
N HIS B 21 -10.54 26.31 -34.43
CA HIS B 21 -9.32 25.62 -34.83
C HIS B 21 -8.38 25.20 -33.69
N LEU B 22 -8.91 25.05 -32.48
CA LEU B 22 -8.10 24.80 -31.30
C LEU B 22 -7.95 23.31 -31.03
N SER B 23 -6.71 22.87 -30.89
CA SER B 23 -6.37 21.49 -30.60
C SER B 23 -5.82 21.38 -29.17
N CYS B 24 -6.15 20.28 -28.52
CA CYS B 24 -5.61 19.99 -27.20
C CYS B 24 -4.18 19.49 -27.32
N PRO B 25 -3.38 19.58 -26.25
CA PRO B 25 -1.97 19.23 -26.38
C PRO B 25 -1.79 17.72 -26.48
N ASN B 26 -1.04 17.29 -27.51
CA ASN B 26 -0.63 15.90 -27.61
C ASN B 26 0.15 16.05 -26.32
N ASN B 27 -0.10 15.16 -25.35
CA ASN B 27 0.49 15.29 -24.02
C ASN B 27 1.16 13.93 -23.99
N LEU B 28 1.27 13.30 -25.14
CA LEU B 28 1.92 12.01 -25.25
C LEU B 28 3.43 12.22 -25.18
N VAL B 29 4.12 11.34 -24.46
CA VAL B 29 5.57 11.33 -24.50
C VAL B 29 6.03 10.87 -25.88
N VAL B 30 7.05 11.55 -26.40
CA VAL B 30 7.69 11.17 -27.66
C VAL B 30 9.17 10.97 -27.36
N GLU B 31 9.73 9.86 -27.84
CA GLU B 31 11.14 9.58 -27.61
C GLU B 31 12.00 10.69 -28.21
N ASP B 32 13.29 10.66 -27.88
CA ASP B 32 14.21 11.65 -28.43
C ASP B 32 14.24 11.58 -29.95
N GLU B 33 13.61 12.56 -30.61
CA GLU B 33 13.55 12.61 -32.07
C GLU B 33 14.47 13.66 -32.68
N GLY B 34 15.11 14.50 -31.86
CA GLY B 34 16.07 15.45 -32.40
C GLY B 34 17.22 14.78 -33.12
N CYS B 35 17.53 13.53 -32.75
CA CYS B 35 18.60 12.76 -33.37
C CYS B 35 18.15 12.29 -34.75
N THR B 36 18.15 13.24 -35.70
CA THR B 36 17.84 12.92 -37.08
C THR B 36 19.04 12.41 -37.86
N ASN B 37 20.25 12.69 -37.36
CA ASN B 37 21.48 12.26 -38.02
C ASN B 37 21.50 10.74 -38.14
N LEU B 38 21.34 10.23 -39.36
CA LEU B 38 21.30 8.80 -39.64
C LEU B 38 22.64 8.39 -40.22
N SER B 39 23.50 7.81 -39.39
CA SER B 39 24.84 7.40 -39.79
C SER B 39 24.91 5.87 -39.73
N GLU B 40 25.09 5.24 -40.88
CA GLU B 40 25.12 3.78 -40.93
C GLU B 40 26.48 3.25 -40.46
N PHE B 41 26.45 2.02 -39.95
CA PHE B 41 27.62 1.45 -39.29
C PHE B 41 27.37 -0.02 -38.96
N SER B 42 28.37 -0.66 -38.33
CA SER B 42 28.27 -2.05 -37.89
C SER B 42 28.39 -2.10 -36.38
N TYR B 43 27.50 -2.86 -35.74
CA TYR B 43 27.41 -2.91 -34.29
C TYR B 43 27.27 -4.36 -33.82
N MET B 44 27.71 -4.61 -32.59
CA MET B 44 27.58 -5.93 -31.98
C MET B 44 26.24 -6.12 -31.28
N GLU B 45 25.80 -7.36 -31.24
CA GLU B 45 24.64 -7.76 -30.46
C GLU B 45 24.92 -9.10 -29.80
N LEU B 46 24.20 -9.38 -28.72
CA LEU B 46 24.09 -10.73 -28.24
C LEU B 46 23.35 -11.55 -29.29
N LYS B 47 23.87 -12.73 -29.61
CA LYS B 47 23.33 -13.49 -30.74
C LYS B 47 21.84 -13.76 -30.52
N VAL B 48 21.47 -14.29 -29.37
CA VAL B 48 20.09 -14.27 -28.93
C VAL B 48 19.79 -12.87 -28.41
N GLY B 49 18.57 -12.40 -28.65
CA GLY B 49 18.28 -10.98 -28.44
C GLY B 49 18.68 -10.46 -27.08
N TYR B 50 18.49 -11.27 -26.04
CA TYR B 50 18.37 -10.75 -24.68
C TYR B 50 19.52 -11.21 -23.80
N ILE B 51 19.88 -10.37 -22.82
CA ILE B 51 20.90 -10.74 -21.85
C ILE B 51 20.52 -12.04 -21.16
N SER B 52 19.27 -12.14 -20.75
CA SER B 52 18.83 -13.30 -19.97
C SER B 52 18.89 -14.58 -20.79
N ALA B 53 18.53 -14.49 -22.07
CA ALA B 53 18.33 -15.68 -22.90
C ALA B 53 19.61 -15.99 -23.66
N ILE B 54 20.26 -17.09 -23.29
CA ILE B 54 21.45 -17.65 -23.94
C ILE B 54 21.66 -19.03 -23.33
N LYS B 55 22.24 -19.99 -24.06
CA LYS B 55 22.48 -21.29 -23.37
C LYS B 55 23.50 -22.22 -24.02
N VAL B 56 24.35 -22.86 -23.22
CA VAL B 56 25.25 -23.93 -23.76
C VAL B 56 24.41 -25.19 -23.58
N ASN B 57 24.07 -25.89 -24.67
CA ASN B 57 23.13 -26.99 -24.55
C ASN B 57 23.78 -28.11 -23.75
N GLY B 58 22.99 -29.09 -23.33
CA GLY B 58 23.60 -30.04 -22.43
C GLY B 58 22.84 -31.34 -22.25
N PHE B 59 23.40 -32.17 -21.38
CA PHE B 59 22.95 -33.55 -21.17
C PHE B 59 23.04 -33.87 -19.69
N THR B 60 22.68 -35.10 -19.33
CA THR B 60 22.93 -35.65 -18.01
C THR B 60 23.60 -37.01 -18.15
N CYS B 61 24.02 -37.58 -17.01
CA CYS B 61 24.73 -38.85 -17.04
C CYS B 61 24.69 -39.45 -15.65
N THR B 62 24.13 -40.66 -15.52
CA THR B 62 23.80 -41.24 -14.22
C THR B 62 24.99 -42.04 -13.65
N GLY B 63 24.73 -42.77 -12.56
CA GLY B 63 25.79 -43.45 -11.83
C GLY B 63 25.42 -44.81 -11.26
N VAL B 64 25.99 -45.17 -10.11
CA VAL B 64 25.87 -46.54 -9.59
C VAL B 64 25.75 -46.58 -8.07
N VAL B 65 24.53 -46.41 -7.55
CA VAL B 65 24.24 -46.73 -6.15
C VAL B 65 22.73 -46.81 -5.91
N ARG B 86 28.96 -43.47 -7.43
CA ARG B 86 29.00 -42.21 -8.17
C ARG B 86 29.50 -42.43 -9.61
N PRO B 87 29.01 -41.61 -10.54
CA PRO B 87 29.45 -41.72 -11.94
C PRO B 87 30.89 -41.28 -12.12
N THR B 88 31.39 -41.55 -13.33
CA THR B 88 32.76 -41.25 -13.73
C THR B 88 32.79 -40.20 -14.85
N PRO B 89 33.83 -39.36 -14.92
CA PRO B 89 33.79 -38.21 -15.84
C PRO B 89 34.21 -38.48 -17.28
N ASP B 90 35.34 -39.17 -17.49
CA ASP B 90 35.86 -39.33 -18.84
C ASP B 90 34.88 -40.07 -19.74
N ALA B 91 34.14 -41.02 -19.18
CA ALA B 91 33.18 -41.77 -19.97
C ALA B 91 31.84 -41.06 -20.10
N CYS B 92 31.46 -40.26 -19.11
CA CYS B 92 30.18 -39.57 -19.18
C CYS B 92 30.13 -38.59 -20.36
N ARG B 93 31.27 -38.01 -20.72
CA ARG B 93 31.33 -37.23 -21.95
C ARG B 93 31.45 -38.13 -23.17
N ALA B 94 32.29 -39.17 -23.09
CA ALA B 94 32.37 -40.14 -24.16
C ALA B 94 31.07 -40.89 -24.38
N ALA B 95 30.19 -40.90 -23.36
CA ALA B 95 28.82 -41.37 -23.52
C ALA B 95 27.94 -40.37 -24.25
N TYR B 96 28.28 -39.09 -24.19
CA TYR B 96 27.52 -38.08 -24.93
C TYR B 96 27.76 -38.20 -26.43
N ASN B 97 28.93 -38.70 -26.83
CA ASN B 97 29.21 -38.90 -28.25
C ASN B 97 28.39 -40.06 -28.82
N TRP B 98 28.17 -41.11 -28.04
CA TRP B 98 27.45 -42.27 -28.57
C TRP B 98 25.96 -42.00 -28.70
N LYS B 99 25.35 -41.35 -27.71
CA LYS B 99 23.92 -41.06 -27.77
C LYS B 99 23.57 -40.23 -29.00
N MET B 100 24.51 -39.39 -29.45
CA MET B 100 24.34 -38.64 -30.68
C MET B 100 24.78 -39.44 -31.91
N ALA B 101 25.69 -40.40 -31.75
CA ALA B 101 26.15 -41.21 -32.86
C ALA B 101 25.08 -42.18 -33.32
N ASP B 103 28.26 -45.01 -33.95
CA ASP B 103 28.75 -46.19 -33.28
C ASP B 103 27.91 -46.51 -32.04
N PRO B 104 26.79 -47.21 -32.23
CA PRO B 104 25.91 -47.54 -31.10
C PRO B 104 26.43 -48.68 -30.23
N ARG B 105 27.15 -48.37 -29.15
CA ARG B 105 27.68 -49.38 -28.26
C ARG B 105 26.83 -49.62 -27.03
N TYR B 106 25.82 -48.79 -26.78
CA TYR B 106 24.98 -48.97 -25.60
C TYR B 106 23.50 -48.90 -25.95
N GLU B 107 23.17 -48.17 -27.02
CA GLU B 107 21.80 -47.98 -27.54
C GLU B 107 20.77 -49.04 -27.15
N ARG B 120 8.91 -58.34 -12.41
CA ARG B 120 8.98 -58.06 -10.97
C ARG B 120 9.49 -56.65 -10.72
N THR B 121 9.62 -56.31 -9.44
CA THR B 121 10.22 -55.03 -9.08
C THR B 121 11.70 -54.98 -9.47
N THR B 122 12.32 -56.14 -9.70
CA THR B 122 13.73 -56.26 -10.06
C THR B 122 14.65 -55.68 -8.99
N LYS B 123 15.94 -55.95 -9.11
CA LYS B 123 16.93 -55.44 -8.17
C LYS B 123 17.53 -54.14 -8.71
N GLU B 124 18.10 -53.36 -7.79
CA GLU B 124 18.91 -52.22 -8.20
C GLU B 124 19.90 -52.97 -9.07
N SER B 125 20.02 -52.57 -10.35
CA SER B 125 20.93 -53.25 -11.28
C SER B 125 21.87 -52.11 -11.65
N LEU B 126 22.78 -51.78 -10.72
CA LEU B 126 23.53 -50.53 -10.82
C LEU B 126 24.46 -50.46 -12.02
N ILE B 127 24.05 -49.68 -13.02
CA ILE B 127 24.91 -49.23 -14.12
C ILE B 127 24.50 -47.81 -14.50
N ILE B 128 25.01 -47.33 -15.64
CA ILE B 128 24.97 -45.92 -16.01
C ILE B 128 23.91 -45.70 -17.10
N ILE B 129 23.58 -44.43 -17.33
CA ILE B 129 22.80 -43.98 -18.49
C ILE B 129 22.96 -42.47 -18.59
N SER B 130 22.88 -41.93 -19.82
CA SER B 130 23.15 -40.52 -20.08
C SER B 130 21.97 -39.91 -20.85
N PRO B 131 20.90 -39.52 -20.16
CA PRO B 131 19.81 -38.80 -20.81
C PRO B 131 20.12 -37.32 -20.98
N SER B 132 19.58 -36.76 -22.06
CA SER B 132 19.90 -35.38 -22.42
C SER B 132 18.66 -34.54 -22.65
N VAL B 133 18.77 -33.54 -23.54
CA VAL B 133 17.68 -32.71 -24.03
C VAL B 133 17.25 -31.80 -22.86
N THR B 134 18.15 -31.58 -21.91
CA THR B 134 17.92 -30.59 -20.86
C THR B 134 19.09 -29.62 -20.95
N ASP B 135 18.79 -28.32 -21.02
CA ASP B 135 19.74 -27.27 -21.31
C ASP B 135 19.97 -26.41 -20.06
N LEU B 136 20.30 -25.14 -20.25
CA LEU B 136 20.56 -24.23 -19.16
C LEU B 136 20.55 -22.82 -19.70
N ASP B 137 20.75 -21.86 -18.80
CA ASP B 137 20.74 -20.43 -19.10
C ASP B 137 21.90 -19.76 -18.38
N PRO B 138 22.37 -18.62 -18.88
CA PRO B 138 23.44 -17.92 -18.17
C PRO B 138 22.89 -16.89 -17.21
N TYR B 139 23.36 -16.92 -15.97
CA TYR B 139 23.10 -15.84 -15.03
C TYR B 139 24.35 -14.98 -14.97
N ASP B 140 24.15 -13.67 -14.98
CA ASP B 140 25.12 -12.75 -15.55
C ASP B 140 26.40 -12.63 -14.72
N LYS B 141 26.36 -13.00 -13.44
CA LYS B 141 27.56 -12.89 -12.61
C LYS B 141 28.44 -14.13 -12.79
N SER B 142 27.89 -15.27 -12.37
CA SER B 142 28.52 -16.59 -12.65
C SER B 142 27.39 -17.30 -13.40
N LEU B 143 27.64 -17.90 -14.56
CA LEU B 143 26.48 -18.38 -15.37
C LEU B 143 26.27 -19.90 -15.40
N HIS B 144 25.55 -20.48 -14.42
CA HIS B 144 25.18 -21.89 -14.54
C HIS B 144 23.91 -22.19 -13.74
N SER B 145 22.76 -22.00 -14.39
CA SER B 145 21.46 -22.15 -13.73
C SER B 145 20.42 -22.72 -14.68
N ARG B 146 19.75 -23.77 -14.23
CA ARG B 146 18.51 -24.32 -14.81
C ARG B 146 17.90 -25.13 -13.67
N VAL B 147 16.74 -25.76 -13.91
CA VAL B 147 16.16 -26.58 -12.84
C VAL B 147 17.52 -27.27 -12.82
N PHE B 148 18.00 -27.42 -11.59
CA PHE B 148 19.21 -28.19 -11.27
C PHE B 148 18.82 -28.41 -9.82
N PRO B 149 18.18 -29.53 -9.42
CA PRO B 149 17.65 -29.68 -8.05
C PRO B 149 18.26 -28.65 -7.11
N GLY B 150 19.58 -28.47 -7.14
CA GLY B 150 20.23 -27.43 -6.35
C GLY B 150 20.36 -26.16 -7.17
N GLY B 151 20.08 -25.04 -6.53
CA GLY B 151 20.26 -23.76 -7.17
C GLY B 151 21.67 -23.55 -7.68
N LYS B 152 21.84 -23.43 -9.00
CA LYS B 152 23.11 -23.12 -9.64
C LYS B 152 24.15 -24.22 -9.51
N CYS B 153 25.32 -23.97 -10.08
CA CYS B 153 26.49 -24.84 -9.91
C CYS B 153 27.74 -23.99 -9.74
N SER B 154 28.66 -24.05 -10.72
CA SER B 154 29.87 -23.24 -10.71
C SER B 154 30.44 -23.20 -12.13
N GLY B 155 31.76 -23.00 -12.24
CA GLY B 155 32.39 -22.82 -13.54
C GLY B 155 32.89 -24.12 -14.15
N ILE B 156 32.94 -24.14 -15.48
CA ILE B 156 33.18 -25.38 -16.23
C ILE B 156 34.29 -25.25 -17.26
N THR B 157 35.43 -24.70 -16.84
CA THR B 157 36.63 -24.78 -17.65
C THR B 157 37.34 -26.10 -17.32
N VAL B 158 38.65 -26.20 -17.63
CA VAL B 158 39.40 -27.41 -17.29
C VAL B 158 39.67 -27.54 -15.80
N SER B 159 39.43 -26.49 -15.01
CA SER B 159 39.57 -26.59 -13.55
C SER B 159 38.67 -27.70 -13.00
N SER B 160 37.41 -27.70 -13.41
CA SER B 160 36.46 -28.75 -13.05
C SER B 160 35.67 -29.14 -14.29
N THR B 161 35.58 -30.43 -14.55
CA THR B 161 34.95 -30.95 -15.76
C THR B 161 33.62 -31.64 -15.44
N TYR B 162 32.94 -31.17 -14.39
CA TYR B 162 31.64 -31.70 -14.02
C TYR B 162 30.93 -30.67 -13.15
N CYS B 163 29.60 -30.67 -13.25
CA CYS B 163 28.71 -29.84 -12.43
C CYS B 163 27.74 -30.71 -11.67
N SER B 164 28.15 -31.19 -10.49
CA SER B 164 27.30 -32.07 -9.70
C SER B 164 25.93 -31.45 -9.45
N THR B 165 24.92 -32.32 -9.40
CA THR B 165 23.55 -31.88 -9.22
C THR B 165 22.97 -32.62 -8.02
N ASN B 166 21.67 -32.88 -7.99
CA ASN B 166 21.10 -33.56 -6.84
C ASN B 166 21.69 -34.94 -6.68
N HIS B 167 21.65 -35.44 -5.45
CA HIS B 167 22.19 -36.76 -5.09
C HIS B 167 23.62 -36.86 -5.58
N ASP B 168 24.05 -38.08 -5.91
CA ASP B 168 25.29 -38.32 -6.62
C ASP B 168 25.07 -38.98 -7.95
N TYR B 169 23.88 -39.55 -8.19
CA TYR B 169 23.68 -40.47 -9.31
C TYR B 169 23.97 -39.78 -10.64
N THR B 170 23.43 -38.58 -10.84
CA THR B 170 23.60 -37.84 -12.08
C THR B 170 24.66 -36.76 -11.91
N ILE B 171 25.39 -36.45 -12.99
CA ILE B 171 26.59 -35.62 -12.85
C ILE B 171 26.65 -34.39 -13.78
N TRP B 172 26.93 -34.56 -15.06
CA TRP B 172 27.45 -33.46 -15.87
C TRP B 172 26.36 -32.82 -16.75
N MET B 173 26.68 -31.61 -17.26
CA MET B 173 25.72 -30.77 -17.99
C MET B 173 26.44 -29.82 -18.95
N PRO B 174 27.15 -30.35 -20.00
CA PRO B 174 27.73 -29.44 -21.00
C PRO B 174 27.29 -29.75 -22.43
N GLU B 175 27.83 -28.99 -23.39
CA GLU B 175 27.77 -29.33 -24.80
C GLU B 175 29.15 -29.67 -25.34
N ASN B 176 30.12 -28.75 -25.19
CA ASN B 176 31.49 -28.94 -25.63
C ASN B 176 32.41 -28.80 -24.42
N PRO B 177 33.43 -29.67 -24.30
CA PRO B 177 34.14 -29.79 -23.01
C PRO B 177 34.88 -28.54 -22.58
N ARG B 178 35.19 -27.64 -23.50
CA ARG B 178 35.95 -26.44 -23.21
C ARG B 178 35.05 -25.22 -23.44
N PRO B 179 35.13 -24.18 -22.58
CA PRO B 179 34.14 -23.07 -22.66
C PRO B 179 33.92 -22.53 -24.05
N ARG B 180 32.86 -23.02 -24.72
CA ARG B 180 32.56 -22.66 -26.10
C ARG B 180 31.61 -21.48 -26.22
N THR B 181 30.77 -21.25 -25.21
CA THR B 181 29.73 -20.23 -25.29
C THR B 181 30.05 -18.94 -24.53
N PRO B 182 30.74 -18.98 -23.35
CA PRO B 182 31.07 -17.73 -22.65
C PRO B 182 31.48 -16.55 -23.53
N CYS B 183 32.44 -16.72 -24.45
CA CYS B 183 32.92 -15.63 -25.29
C CYS B 183 32.53 -15.74 -26.75
N ASP B 184 31.81 -16.78 -27.15
CA ASP B 184 31.55 -17.03 -28.57
C ASP B 184 30.04 -16.93 -28.83
N ILE B 185 29.42 -15.86 -28.33
CA ILE B 185 27.97 -15.74 -28.47
C ILE B 185 27.55 -14.33 -28.84
N PHE B 186 28.37 -13.64 -29.62
CA PHE B 186 28.01 -12.35 -30.16
C PHE B 186 27.83 -12.43 -31.68
N THR B 187 27.34 -11.33 -32.24
CA THR B 187 27.17 -11.21 -33.68
C THR B 187 27.39 -9.75 -34.09
N ASN B 188 27.60 -9.55 -35.38
CA ASN B 188 27.70 -8.22 -35.97
C ASN B 188 26.47 -8.02 -36.86
N SER B 189 26.21 -6.76 -37.23
CA SER B 189 25.05 -6.45 -38.05
C SER B 189 25.24 -5.08 -38.69
N ARG B 190 24.27 -4.71 -39.54
CA ARG B 190 24.18 -3.41 -40.18
C ARG B 190 23.11 -2.57 -39.49
N GLY B 191 23.18 -1.26 -39.71
CA GLY B 191 22.21 -0.37 -39.11
C GLY B 191 22.67 1.07 -39.20
N LYS B 192 21.86 1.95 -38.64
CA LYS B 192 22.10 3.40 -38.68
C LYS B 192 22.17 3.91 -37.25
N ARG B 193 23.20 4.69 -36.93
CA ARG B 193 23.37 5.24 -35.60
C ARG B 193 22.81 6.65 -35.58
N ALA B 194 21.73 6.85 -34.83
CA ALA B 194 21.23 8.20 -34.63
C ALA B 194 22.19 8.98 -33.75
N SER B 195 22.09 10.31 -33.84
CA SER B 195 22.92 11.20 -33.03
C SER B 195 22.45 12.63 -33.22
N ASN B 196 22.70 13.45 -32.20
CA ASN B 196 22.78 14.88 -32.43
C ASN B 196 24.26 15.22 -32.58
N GLY B 197 24.66 16.43 -32.21
CA GLY B 197 26.04 16.85 -32.41
C GLY B 197 27.05 16.03 -31.64
N ASN B 198 27.07 16.19 -30.32
CA ASN B 198 28.08 15.58 -29.46
C ASN B 198 27.57 14.44 -28.61
N LYS B 199 26.26 14.33 -28.40
CA LYS B 199 25.66 13.20 -27.70
C LYS B 199 25.39 12.09 -28.72
N THR B 200 25.53 10.85 -28.27
CA THR B 200 25.34 9.70 -29.15
C THR B 200 23.99 9.08 -28.85
N CYS B 201 23.22 8.79 -29.91
CA CYS B 201 21.80 8.44 -29.77
C CYS B 201 21.58 6.96 -30.08
N GLY B 202 20.31 6.55 -30.07
CA GLY B 202 19.95 5.15 -30.14
C GLY B 202 20.05 4.54 -31.53
N PHE B 203 19.86 3.22 -31.57
CA PHE B 203 19.97 2.44 -32.80
C PHE B 203 18.67 2.46 -33.59
N VAL B 204 18.79 2.26 -34.90
CA VAL B 204 17.73 1.71 -35.72
C VAL B 204 18.18 0.32 -36.16
N ASP B 205 17.29 -0.66 -36.05
CA ASP B 205 17.63 -2.05 -36.28
C ASP B 205 17.40 -2.38 -37.76
N GLU B 206 17.85 -3.57 -38.18
CA GLU B 206 17.48 -4.05 -39.51
C GLU B 206 15.97 -4.23 -39.62
N ARG B 207 15.33 -4.69 -38.54
CA ARG B 207 13.90 -4.47 -38.39
C ARG B 207 13.70 -2.98 -38.12
N GLY B 208 12.92 -2.31 -38.96
CA GLY B 208 12.78 -0.87 -38.85
C GLY B 208 12.14 -0.40 -37.55
N LEU B 209 12.95 -0.14 -36.53
CA LEU B 209 12.43 0.20 -35.21
C LEU B 209 13.51 0.86 -34.36
N TYR B 210 13.04 1.60 -33.36
CA TYR B 210 13.91 2.37 -32.47
C TYR B 210 14.18 1.62 -31.17
N LYS B 211 15.46 1.53 -30.83
CA LYS B 211 15.96 0.95 -29.59
C LYS B 211 16.93 1.98 -29.02
N SER B 212 16.53 2.66 -27.94
CA SER B 212 17.30 3.78 -27.42
C SER B 212 18.08 3.39 -26.18
N LEU B 213 19.30 3.93 -26.06
CA LEU B 213 20.21 3.79 -24.93
C LEU B 213 19.79 4.65 -23.77
N LYS B 214 18.64 5.29 -23.96
CA LYS B 214 18.06 6.19 -22.97
C LYS B 214 17.77 5.45 -21.68
N GLY B 215 18.31 5.98 -20.58
CA GLY B 215 18.11 5.37 -19.28
C GLY B 215 18.51 3.92 -19.25
N ALA B 216 19.63 3.62 -19.89
CA ALA B 216 20.09 2.24 -19.91
C ALA B 216 21.09 2.00 -18.79
N CYS B 217 21.97 1.03 -19.00
CA CYS B 217 23.00 0.74 -18.03
C CYS B 217 24.08 -0.10 -18.70
N ARG B 218 25.27 -0.10 -18.11
CA ARG B 218 26.48 -0.61 -18.73
C ARG B 218 26.80 -2.01 -18.22
N LEU B 219 27.21 -2.87 -19.15
CA LEU B 219 27.60 -4.24 -18.87
C LEU B 219 28.84 -4.60 -19.68
N LYS B 220 29.81 -5.24 -19.03
CA LYS B 220 31.03 -5.69 -19.69
C LYS B 220 30.95 -7.19 -19.90
N LEU B 221 30.96 -7.61 -21.17
CA LEU B 221 30.74 -9.01 -21.55
C LEU B 221 32.01 -9.58 -22.18
N CYS B 222 32.77 -10.32 -21.38
CA CYS B 222 33.98 -11.01 -21.84
C CYS B 222 34.95 -10.03 -22.49
N GLY B 223 35.05 -8.84 -21.90
CA GLY B 223 36.03 -7.85 -22.28
C GLY B 223 35.47 -6.64 -23.00
N VAL B 224 34.44 -6.82 -23.82
CA VAL B 224 33.89 -5.72 -24.61
C VAL B 224 32.89 -4.96 -23.75
N LEU B 225 32.93 -3.63 -23.85
CA LEU B 225 32.10 -2.77 -23.02
C LEU B 225 30.80 -2.47 -23.75
N GLY B 226 29.72 -3.14 -23.33
CA GLY B 226 28.42 -2.94 -23.89
C GLY B 226 27.41 -2.38 -22.90
N LEU B 227 26.17 -2.25 -23.37
CA LEU B 227 25.10 -1.66 -22.59
C LEU B 227 23.87 -2.54 -22.66
N ARG B 228 23.32 -2.89 -21.49
CA ARG B 228 21.98 -3.46 -21.44
C ARG B 228 20.96 -2.34 -21.51
N LEU B 229 20.03 -2.42 -22.45
CA LEU B 229 18.98 -1.42 -22.55
C LEU B 229 17.88 -1.73 -21.54
N MET B 230 16.83 -0.92 -21.52
CA MET B 230 15.70 -1.22 -20.66
C MET B 230 15.01 -2.52 -21.08
N ASP B 231 15.02 -2.80 -22.38
CA ASP B 231 14.77 -4.15 -22.85
C ASP B 231 16.03 -4.99 -22.64
N GLY B 232 15.85 -6.27 -22.37
CA GLY B 232 16.97 -7.14 -22.10
C GLY B 232 17.99 -7.27 -23.23
N THR B 233 17.70 -6.63 -24.37
CA THR B 233 18.63 -6.69 -25.49
C THR B 233 19.94 -6.00 -25.14
N TRP B 234 21.04 -6.69 -25.40
CA TRP B 234 22.36 -6.20 -25.06
C TRP B 234 23.10 -5.79 -26.32
N VAL B 235 23.73 -4.62 -26.28
CA VAL B 235 24.55 -4.12 -27.37
C VAL B 235 25.98 -4.00 -26.85
N ALA B 236 26.91 -3.71 -27.76
CA ALA B 236 28.30 -3.48 -27.38
C ALA B 236 28.73 -2.06 -27.77
N MET B 237 27.78 -1.13 -27.76
CA MET B 237 28.07 0.27 -28.03
C MET B 237 29.19 0.75 -27.11
N GLN B 238 30.00 1.67 -27.61
CA GLN B 238 31.02 2.29 -26.79
C GLN B 238 30.38 2.91 -25.55
N THR B 239 31.21 3.13 -24.53
CA THR B 239 30.76 3.94 -23.41
C THR B 239 30.12 5.21 -23.95
N SER B 240 28.79 5.21 -24.02
CA SER B 240 28.10 6.45 -24.29
C SER B 240 28.58 7.49 -23.29
N ASP B 241 28.46 8.76 -23.69
CA ASP B 241 29.08 9.83 -22.91
C ASP B 241 28.62 9.85 -21.45
N GLU B 242 27.46 9.25 -21.16
CA GLU B 242 26.88 9.27 -19.80
C GLU B 242 26.03 8.02 -19.59
N THR B 243 26.54 7.06 -18.80
CA THR B 243 25.74 5.94 -18.30
C THR B 243 26.29 5.45 -16.96
N LYS B 244 25.63 4.45 -16.39
CA LYS B 244 26.02 3.82 -15.13
C LYS B 244 25.88 2.30 -15.26
N TRP B 245 26.68 1.58 -14.45
CA TRP B 245 26.72 0.13 -14.54
C TRP B 245 25.42 -0.51 -14.10
N CYS B 246 24.98 -1.50 -14.88
CA CYS B 246 23.85 -2.31 -14.48
C CYS B 246 24.19 -2.97 -13.14
N PRO B 247 23.34 -2.82 -12.12
CA PRO B 247 23.62 -3.47 -10.85
C PRO B 247 23.52 -4.98 -11.00
N PRO B 248 23.87 -5.73 -9.97
CA PRO B 248 23.59 -7.17 -10.00
C PRO B 248 22.10 -7.46 -9.98
N ASP B 249 21.31 -6.45 -10.28
CA ASP B 249 19.89 -6.62 -10.59
C ASP B 249 19.76 -6.87 -12.09
N GLN B 250 20.13 -8.08 -12.48
CA GLN B 250 20.10 -8.46 -13.89
C GLN B 250 19.79 -9.93 -14.07
N LEU B 251 19.43 -10.63 -13.00
CA LEU B 251 19.20 -12.07 -13.05
C LEU B 251 17.96 -12.66 -13.71
N VAL B 252 16.81 -12.04 -13.43
CA VAL B 252 15.55 -12.47 -14.09
C VAL B 252 15.23 -11.39 -15.14
N ASN B 253 16.11 -10.39 -15.25
CA ASN B 253 15.91 -9.28 -16.22
C ASN B 253 14.76 -8.38 -15.77
N LEU B 254 14.15 -8.68 -14.61
CA LEU B 254 12.98 -7.89 -14.16
C LEU B 254 13.37 -7.10 -12.90
N HIS B 255 13.46 -7.79 -11.75
CA HIS B 255 13.80 -7.11 -10.48
C HIS B 255 13.12 -5.74 -10.49
N ASP B 256 13.92 -4.67 -10.40
CA ASP B 256 13.33 -3.30 -10.50
C ASP B 256 12.81 -3.48 -11.93
N PHE B 257 11.51 -3.29 -12.14
CA PHE B 257 10.92 -3.51 -13.48
C PHE B 257 9.58 -2.78 -13.42
N GLU B 263 4.12 4.10 -18.31
CA GLU B 263 3.67 2.98 -17.46
C GLU B 263 2.13 2.98 -17.38
N HIS B 264 1.58 2.78 -16.18
CA HIS B 264 0.11 2.73 -16.01
C HIS B 264 -0.37 4.01 -15.31
N LEU B 265 0.06 4.22 -14.08
CA LEU B 265 -0.35 5.42 -13.33
C LEU B 265 -0.26 6.66 -14.22
N VAL B 266 0.68 6.69 -15.16
CA VAL B 266 0.80 7.85 -16.03
C VAL B 266 -0.37 7.91 -17.02
N VAL B 267 -0.88 6.76 -17.46
CA VAL B 267 -1.96 6.81 -18.45
C VAL B 267 -3.27 7.25 -17.82
N GLU B 268 -3.34 7.22 -16.49
CA GLU B 268 -4.52 7.77 -15.81
C GLU B 268 -4.52 9.29 -15.87
N GLU B 269 -3.45 9.92 -15.38
CA GLU B 269 -3.39 11.37 -15.33
C GLU B 269 -3.60 11.99 -16.70
N LEU B 270 -3.18 11.29 -17.76
CA LEU B 270 -3.37 11.82 -19.11
C LEU B 270 -4.84 12.08 -19.40
N VAL B 271 -5.72 11.22 -18.92
CA VAL B 271 -7.15 11.47 -19.08
C VAL B 271 -7.56 12.72 -18.29
N LYS B 272 -7.23 12.75 -17.00
CA LYS B 272 -7.77 13.79 -16.12
C LYS B 272 -7.09 15.15 -16.32
N LYS B 273 -6.07 15.25 -17.18
CA LYS B 273 -5.50 16.54 -17.56
C LYS B 273 -5.95 16.98 -18.96
N ARG B 274 -5.87 16.09 -19.93
CA ARG B 274 -6.34 16.49 -21.26
C ARG B 274 -7.87 16.53 -21.35
N GLU B 275 -8.55 16.44 -20.20
CA GLU B 275 -9.98 16.74 -20.11
C GLU B 275 -10.22 18.16 -19.63
N GLU B 276 -9.45 18.63 -18.65
CA GLU B 276 -9.44 20.05 -18.34
C GLU B 276 -9.14 20.89 -19.57
N CYS B 277 -8.30 20.36 -20.47
CA CYS B 277 -8.10 21.01 -21.77
C CYS B 277 -9.44 21.18 -22.49
N LEU B 278 -10.23 20.11 -22.55
CA LEU B 278 -11.52 20.20 -23.21
C LEU B 278 -12.60 20.81 -22.32
N ASP B 279 -12.49 20.61 -21.00
CA ASP B 279 -13.32 21.39 -20.08
C ASP B 279 -13.15 22.88 -20.34
N ALA B 280 -11.92 23.30 -20.57
CA ALA B 280 -11.65 24.69 -20.89
C ALA B 280 -11.95 25.00 -22.35
N LEU B 281 -11.60 24.08 -23.26
CA LEU B 281 -11.89 24.31 -24.67
C LEU B 281 -13.39 24.45 -24.90
N GLU B 282 -14.21 23.78 -24.10
CA GLU B 282 -15.66 23.98 -24.20
C GLU B 282 -16.05 25.35 -23.70
N SER B 283 -15.52 25.76 -22.54
CA SER B 283 -15.84 27.06 -21.97
C SER B 283 -15.35 28.21 -22.83
N ILE B 284 -14.39 27.95 -23.72
CA ILE B 284 -13.97 28.96 -24.69
C ILE B 284 -14.81 28.88 -25.96
N MET B 285 -15.25 27.68 -26.34
CA MET B 285 -16.02 27.49 -27.56
C MET B 285 -17.48 27.88 -27.40
N THR B 286 -18.06 27.68 -26.21
CA THR B 286 -19.46 27.97 -25.97
C THR B 286 -19.71 29.36 -25.37
N THR B 287 -18.66 30.16 -25.20
CA THR B 287 -18.81 31.54 -24.74
C THR B 287 -18.06 32.56 -25.59
N LYS B 288 -17.31 32.12 -26.60
CA LYS B 288 -16.48 33.01 -27.44
C LYS B 288 -15.56 33.89 -26.61
N SER B 289 -15.35 33.54 -25.34
CA SER B 289 -14.66 34.39 -24.38
C SER B 289 -13.58 33.57 -23.69
N VAL B 290 -12.32 33.88 -23.97
CA VAL B 290 -11.19 33.20 -23.36
C VAL B 290 -10.76 33.96 -22.12
N SER B 291 -10.10 33.26 -21.20
CA SER B 291 -9.42 33.87 -20.07
C SER B 291 -8.03 33.28 -19.96
N PHE B 292 -7.11 34.05 -19.38
CA PHE B 292 -5.71 33.62 -19.36
C PHE B 292 -5.52 32.36 -18.53
N ARG B 293 -6.38 32.11 -17.55
CA ARG B 293 -6.34 30.86 -16.82
C ARG B 293 -6.60 29.67 -17.75
N ARG B 294 -7.63 29.78 -18.58
CA ARG B 294 -8.02 28.66 -19.45
C ARG B 294 -6.95 28.36 -20.49
N LEU B 295 -6.19 29.36 -20.91
CA LEU B 295 -5.17 29.14 -21.92
C LEU B 295 -4.07 28.21 -21.43
N SER B 296 -3.72 28.30 -20.14
CA SER B 296 -2.62 27.50 -19.62
C SER B 296 -2.88 26.01 -19.76
N HIS B 297 -4.15 25.61 -19.79
CA HIS B 297 -4.49 24.19 -19.89
C HIS B 297 -4.12 23.62 -21.24
N LEU B 298 -3.91 24.46 -22.25
CA LEU B 298 -3.49 24.03 -23.57
C LEU B 298 -1.98 23.93 -23.71
N ARG B 299 -1.23 24.26 -22.65
CA ARG B 299 0.21 24.08 -22.65
C ARG B 299 0.56 22.59 -22.76
N LYS B 300 1.39 22.26 -23.74
CA LYS B 300 1.90 20.89 -23.84
C LYS B 300 2.71 20.58 -22.58
N LEU B 301 2.16 19.72 -21.72
CA LEU B 301 2.68 19.47 -20.39
C LEU B 301 3.97 18.65 -20.38
N VAL B 302 4.45 18.20 -21.54
CA VAL B 302 5.65 17.37 -21.61
C VAL B 302 6.48 17.87 -22.79
N PRO B 303 7.82 17.88 -22.68
CA PRO B 303 8.65 18.38 -23.79
C PRO B 303 8.38 17.70 -25.12
N GLY B 304 8.80 18.33 -26.20
CA GLY B 304 8.55 17.84 -27.54
C GLY B 304 7.87 18.89 -28.41
N PHE B 305 7.73 18.53 -29.68
CA PHE B 305 7.16 19.43 -30.68
C PHE B 305 5.64 19.47 -30.52
N GLY B 306 5.17 20.51 -29.83
CA GLY B 306 3.77 20.81 -29.75
C GLY B 306 3.56 22.24 -30.21
N LYS B 307 2.43 22.83 -29.83
CA LYS B 307 2.07 24.17 -30.23
C LYS B 307 1.86 25.05 -29.01
N ALA B 308 2.13 26.35 -29.18
CA ALA B 308 2.08 27.33 -28.10
C ALA B 308 1.11 28.44 -28.45
N TYR B 309 0.29 28.86 -27.47
CA TYR B 309 -0.82 29.76 -27.71
C TYR B 309 -0.72 31.00 -26.82
N THR B 310 -1.10 32.15 -27.36
CA THR B 310 -1.34 33.35 -26.57
C THR B 310 -2.24 34.28 -27.35
N ILE B 311 -2.68 35.33 -26.67
CA ILE B 311 -3.62 36.29 -27.23
C ILE B 311 -3.17 37.69 -26.85
N PHE B 312 -3.04 38.57 -27.85
CA PHE B 312 -2.58 39.93 -27.58
C PHE B 312 -3.79 40.79 -27.25
N ASN B 313 -4.73 40.96 -28.17
CA ASN B 313 -5.98 41.60 -27.80
C ASN B 313 -7.27 40.83 -28.07
N LYS B 314 -7.68 40.80 -29.33
CA LYS B 314 -8.91 40.13 -29.72
C LYS B 314 -8.65 39.00 -30.71
N THR B 315 -7.47 38.98 -31.33
CA THR B 315 -7.10 37.95 -32.30
C THR B 315 -6.29 36.86 -31.62
N LEU B 316 -6.79 35.63 -31.68
CA LEU B 316 -6.09 34.48 -31.13
C LEU B 316 -5.11 33.94 -32.16
N MET B 317 -3.91 33.59 -31.69
CA MET B 317 -2.80 33.28 -32.59
C MET B 317 -2.05 32.07 -32.07
N GLU B 318 -1.41 31.36 -33.00
CA GLU B 318 -0.75 30.08 -32.74
C GLU B 318 0.71 30.16 -33.18
N ALA B 319 1.55 29.31 -32.56
CA ALA B 319 2.95 29.21 -32.93
C ALA B 319 3.49 27.85 -32.51
N ASP B 320 4.39 27.31 -33.32
CA ASP B 320 5.03 26.03 -33.04
C ASP B 320 6.22 26.22 -32.10
N ALA B 321 6.45 25.23 -31.24
CA ALA B 321 7.54 25.33 -30.28
C ALA B 321 7.96 23.94 -29.84
N HIS B 322 9.28 23.76 -29.71
CA HIS B 322 9.82 22.62 -28.98
C HIS B 322 9.86 22.97 -27.50
N TYR B 323 9.09 22.25 -26.70
CA TYR B 323 8.96 22.57 -25.27
C TYR B 323 10.10 21.97 -24.47
N LYS B 324 10.45 22.66 -23.38
CA LYS B 324 11.52 22.25 -22.48
C LYS B 324 10.97 22.15 -21.07
N SER B 325 11.40 21.12 -20.34
CA SER B 325 10.91 20.92 -18.98
C SER B 325 11.43 22.00 -18.05
N VAL B 326 10.59 22.36 -17.09
CA VAL B 326 10.95 23.28 -16.01
C VAL B 326 11.02 22.49 -14.72
N ARG B 327 11.99 22.82 -13.88
CA ARG B 327 12.15 22.11 -12.62
C ARG B 327 11.61 22.91 -11.43
N THR B 328 12.10 24.12 -11.19
CA THR B 328 11.56 25.00 -10.17
C THR B 328 11.33 26.38 -10.77
N TRP B 329 10.50 27.19 -10.12
CA TRP B 329 10.14 28.48 -10.67
C TRP B 329 11.33 29.43 -10.74
N ASN B 330 12.37 29.18 -9.95
CA ASN B 330 13.47 30.14 -9.82
C ASN B 330 14.31 30.27 -11.08
N GLU B 331 14.24 29.31 -12.00
CA GLU B 331 15.10 29.35 -13.18
C GLU B 331 14.46 30.07 -14.37
N ILE B 332 13.23 30.55 -14.25
CA ILE B 332 12.60 31.28 -15.35
C ILE B 332 12.08 32.65 -14.94
N ILE B 333 11.90 32.92 -13.65
CA ILE B 333 11.55 34.27 -13.21
C ILE B 333 12.63 34.73 -12.25
N PRO B 334 13.78 35.21 -12.74
CA PRO B 334 14.85 35.61 -11.84
C PRO B 334 14.83 37.08 -11.44
N SER B 335 14.26 37.92 -12.30
CA SER B 335 14.41 39.36 -12.15
C SER B 335 13.12 40.03 -12.60
N LYS B 336 12.42 40.63 -11.64
CA LYS B 336 11.30 41.52 -11.93
C LYS B 336 10.44 40.91 -13.02
N GLY B 337 10.33 41.61 -14.14
CA GLY B 337 9.63 41.11 -15.31
C GLY B 337 10.54 40.45 -16.34
N CYS B 338 10.76 39.14 -16.20
CA CYS B 338 11.58 38.39 -17.14
C CYS B 338 11.07 36.97 -17.26
N LEU B 339 11.13 36.42 -18.48
CA LEU B 339 10.72 35.05 -18.77
C LEU B 339 11.80 34.42 -19.64
N LYS B 340 12.56 33.50 -19.05
CA LYS B 340 13.69 32.89 -19.74
C LYS B 340 13.22 32.01 -20.88
N VAL B 341 13.55 32.38 -22.11
CA VAL B 341 13.14 31.66 -23.32
C VAL B 341 14.42 31.20 -24.01
N GLY B 342 14.83 29.96 -23.72
CA GLY B 342 16.21 29.63 -23.99
C GLY B 342 17.06 30.59 -23.18
N GLY B 343 18.04 31.22 -23.83
CA GLY B 343 18.88 32.17 -23.14
C GLY B 343 18.58 33.64 -23.41
N ARG B 344 17.42 34.13 -23.00
CA ARG B 344 17.07 35.54 -23.14
C ARG B 344 16.01 35.90 -22.11
N CYS B 345 15.56 37.14 -22.17
CA CYS B 345 14.37 37.62 -21.44
C CYS B 345 13.30 37.99 -22.46
N HIS B 346 12.19 37.26 -22.44
CA HIS B 346 11.16 37.48 -23.44
C HIS B 346 10.43 38.80 -23.16
N PRO B 347 10.10 39.56 -24.20
CA PRO B 347 9.60 40.92 -24.01
C PRO B 347 8.12 41.00 -23.65
N HIS B 348 7.79 42.00 -22.82
CA HIS B 348 6.40 42.23 -22.46
C HIS B 348 5.67 42.82 -23.66
N VAL B 349 4.66 42.10 -24.15
CA VAL B 349 3.81 42.58 -25.24
C VAL B 349 2.48 42.97 -24.62
N ASN B 350 2.36 44.23 -24.19
CA ASN B 350 1.25 44.72 -23.38
C ASN B 350 1.15 44.00 -22.05
N GLY B 351 2.27 43.48 -21.54
CA GLY B 351 2.26 42.80 -20.27
C GLY B 351 1.60 41.44 -20.27
N VAL B 352 1.46 40.80 -21.44
CA VAL B 352 0.88 39.46 -21.56
C VAL B 352 2.17 38.80 -22.07
N PHE B 353 2.27 37.48 -21.90
CA PHE B 353 3.38 36.75 -22.50
C PHE B 353 2.51 35.51 -22.74
N PHE B 354 3.08 34.52 -23.42
CA PHE B 354 2.39 33.30 -23.79
C PHE B 354 1.73 32.43 -22.73
N ASN B 355 0.82 31.56 -23.20
CA ASN B 355 0.16 30.56 -22.34
C ASN B 355 -0.43 31.18 -21.08
N GLY B 356 -0.97 32.39 -21.22
CA GLY B 356 -1.66 33.03 -20.12
C GLY B 356 -0.78 33.66 -19.07
N ILE B 357 0.53 33.72 -19.29
CA ILE B 357 1.44 34.39 -18.37
C ILE B 357 1.41 35.88 -18.66
N ILE B 358 1.14 36.69 -17.63
CA ILE B 358 1.00 38.13 -17.82
C ILE B 358 1.85 38.87 -16.78
N LEU B 359 2.12 40.15 -17.08
CA LEU B 359 2.79 41.05 -16.15
C LEU B 359 1.72 41.82 -15.38
N GLY B 360 1.76 41.71 -14.05
CA GLY B 360 0.65 42.14 -13.23
C GLY B 360 0.70 43.58 -12.83
N PRO B 361 0.29 43.86 -11.58
CA PRO B 361 0.24 45.25 -11.11
C PRO B 361 1.62 45.89 -11.05
N ASP B 362 2.57 45.22 -10.44
CA ASP B 362 3.97 45.60 -10.54
C ASP B 362 4.55 44.76 -11.68
N ASP B 363 5.87 44.62 -11.75
CA ASP B 363 6.51 43.87 -12.82
C ASP B 363 6.75 42.40 -12.47
N HIS B 364 6.06 41.85 -11.46
CA HIS B 364 6.15 40.41 -11.24
C HIS B 364 5.66 39.67 -12.46
N VAL B 365 6.51 38.81 -13.02
CA VAL B 365 6.01 37.84 -13.99
C VAL B 365 5.20 36.83 -13.19
N LEU B 366 3.89 36.83 -13.37
CA LEU B 366 3.01 35.92 -12.66
C LEU B 366 2.62 34.81 -13.63
N ILE B 367 3.08 33.60 -13.34
CA ILE B 367 2.76 32.43 -14.15
C ILE B 367 1.51 31.80 -13.56
N PRO B 368 0.50 31.50 -14.38
CA PRO B 368 -0.76 30.97 -13.84
C PRO B 368 -0.60 29.81 -12.87
N GLU B 369 0.08 28.76 -13.32
CA GLU B 369 0.24 27.59 -12.46
C GLU B 369 1.11 27.88 -11.24
N MET B 370 1.98 28.89 -11.33
CA MET B 370 2.81 29.24 -10.20
C MET B 370 2.17 30.13 -9.14
N GLN B 371 1.27 31.02 -9.58
CA GLN B 371 0.52 31.88 -8.67
C GLN B 371 -0.64 31.03 -8.15
N SER B 372 -0.69 29.75 -8.51
CA SER B 372 -1.51 28.76 -7.81
C SER B 372 -0.61 28.14 -6.75
N SER B 373 0.05 29.00 -5.99
CA SER B 373 0.78 28.55 -4.80
C SER B 373 0.22 29.32 -3.63
N LEU B 374 -1.12 29.36 -3.54
CA LEU B 374 -1.85 30.12 -2.53
C LEU B 374 -1.78 31.62 -2.80
N LEU B 375 -1.69 32.01 -4.06
CA LEU B 375 -1.65 33.41 -4.45
C LEU B 375 -2.92 33.69 -5.23
N GLN B 376 -3.80 34.53 -4.67
CA GLN B 376 -5.07 34.85 -5.33
C GLN B 376 -4.88 36.10 -6.17
N GLN B 377 -5.04 35.96 -7.48
CA GLN B 377 -4.78 37.05 -8.42
C GLN B 377 -5.87 37.04 -9.49
N HIS B 378 -6.54 38.18 -9.66
CA HIS B 378 -7.83 38.23 -10.34
C HIS B 378 -7.78 38.82 -11.74
N MET B 379 -6.64 39.34 -12.20
CA MET B 379 -6.68 40.14 -13.41
C MET B 379 -6.92 39.33 -14.69
N GLU B 380 -7.02 38.01 -14.62
CA GLU B 380 -6.91 37.15 -15.79
C GLU B 380 -8.22 36.40 -16.04
N LEU B 381 -9.28 37.12 -16.44
CA LEU B 381 -10.55 36.41 -16.55
C LEU B 381 -11.44 36.78 -17.74
N LEU B 382 -11.33 37.95 -18.36
CA LEU B 382 -12.31 38.32 -19.37
C LEU B 382 -11.64 38.71 -20.68
N LYS B 383 -12.08 38.10 -21.78
CA LYS B 383 -11.59 38.43 -23.11
C LYS B 383 -12.64 37.98 -24.12
N SER B 384 -12.32 38.09 -25.41
CA SER B 384 -13.27 37.77 -26.48
C SER B 384 -12.54 37.33 -27.74
N SER B 385 -13.31 36.74 -28.67
CA SER B 385 -12.81 36.22 -29.93
C SER B 385 -13.73 36.64 -31.07
N VAL B 386 -13.14 36.86 -32.25
CA VAL B 386 -13.86 37.42 -33.40
C VAL B 386 -13.30 36.83 -34.69
N ILE B 387 -14.12 36.86 -35.74
CA ILE B 387 -13.82 36.49 -37.14
C ILE B 387 -12.38 36.00 -37.38
N LYS C 1 -18.05 0.55 -9.13
CA LYS C 1 -18.90 -0.42 -9.79
C LYS C 1 -19.54 0.18 -11.04
N PHE C 2 -18.91 1.21 -11.60
CA PHE C 2 -19.52 1.70 -12.83
C PHE C 2 -18.88 1.03 -14.04
N PRO C 3 -19.70 0.56 -14.98
CA PRO C 3 -19.17 0.06 -16.25
C PRO C 3 -18.78 1.20 -17.18
N ILE C 4 -17.93 0.86 -18.15
CA ILE C 4 -17.41 1.87 -19.07
C ILE C 4 -18.54 2.60 -19.77
N TYR C 5 -19.60 1.89 -20.12
CA TYR C 5 -20.76 2.49 -20.73
C TYR C 5 -22.01 1.76 -20.25
N THR C 6 -23.17 2.37 -20.51
CA THR C 6 -24.45 1.71 -20.32
C THR C 6 -25.30 2.04 -21.54
N ILE C 7 -25.54 1.04 -22.40
CA ILE C 7 -26.33 1.24 -23.60
C ILE C 7 -27.80 1.08 -23.24
N PRO C 8 -28.72 1.82 -23.85
CA PRO C 8 -30.13 1.57 -23.62
C PRO C 8 -30.53 0.26 -24.28
N ASP C 9 -31.56 -0.35 -23.70
CA ASP C 9 -32.12 -1.58 -24.23
C ASP C 9 -33.55 -1.41 -24.72
N GLU C 10 -34.29 -0.46 -24.17
CA GLU C 10 -35.68 -0.23 -24.56
C GLU C 10 -35.90 1.27 -24.62
N LEU C 11 -35.88 1.82 -25.82
CA LEU C 11 -36.37 3.17 -26.04
C LEU C 11 -37.85 3.13 -26.38
N GLY C 12 -38.51 4.26 -26.21
CA GLY C 12 -39.91 4.36 -26.50
C GLY C 12 -40.28 5.68 -27.15
N PRO C 13 -41.32 6.32 -26.64
CA PRO C 13 -41.70 7.65 -27.17
C PRO C 13 -40.58 8.64 -26.90
N TRP C 14 -40.13 9.30 -27.97
CA TRP C 14 -39.20 10.42 -27.85
C TRP C 14 -40.02 11.62 -27.41
N SER C 15 -39.96 11.95 -26.12
CA SER C 15 -40.75 13.10 -25.69
C SER C 15 -39.87 14.35 -25.57
N PRO C 16 -40.33 15.50 -26.07
CA PRO C 16 -39.46 16.70 -26.09
C PRO C 16 -39.57 17.55 -24.84
N ILE C 17 -38.53 18.34 -24.56
CA ILE C 17 -38.43 19.17 -23.36
C ILE C 17 -37.64 20.43 -23.71
N ASP C 18 -37.60 21.36 -22.77
CA ASP C 18 -36.72 22.53 -22.85
C ASP C 18 -35.56 22.32 -21.88
N ILE C 19 -34.71 23.33 -21.75
CA ILE C 19 -33.53 23.19 -20.91
C ILE C 19 -33.94 23.04 -19.45
N HIS C 20 -34.98 23.77 -19.04
CA HIS C 20 -35.35 23.87 -17.64
C HIS C 20 -35.94 22.57 -17.09
N HIS C 21 -36.00 21.50 -17.86
CA HIS C 21 -36.62 20.24 -17.43
C HIS C 21 -35.60 19.11 -17.60
N LEU C 22 -34.84 18.82 -16.54
CA LEU C 22 -33.82 17.77 -16.61
C LEU C 22 -33.52 17.23 -15.23
N SER C 23 -33.12 15.96 -15.18
CA SER C 23 -32.71 15.28 -13.96
C SER C 23 -31.43 14.49 -14.24
N CYS C 24 -30.46 14.64 -13.37
CA CYS C 24 -29.32 13.74 -13.36
C CYS C 24 -29.79 12.34 -12.96
N PRO C 25 -29.07 11.29 -13.36
CA PRO C 25 -29.58 9.95 -13.12
C PRO C 25 -29.36 9.54 -11.66
N ASN C 26 -30.41 9.04 -11.03
CA ASN C 26 -30.23 8.34 -9.77
C ASN C 26 -29.12 7.42 -10.25
N ASN C 27 -28.07 7.28 -9.46
CA ASN C 27 -26.96 6.43 -9.85
C ASN C 27 -27.07 5.25 -8.89
N LEU C 28 -28.23 5.07 -8.30
CA LEU C 28 -28.48 3.98 -7.36
C LEU C 28 -28.59 2.64 -8.07
N VAL C 29 -27.84 1.65 -7.58
CA VAL C 29 -27.98 0.32 -8.14
C VAL C 29 -29.24 -0.33 -7.58
N VAL C 30 -30.35 -0.18 -8.31
CA VAL C 30 -31.54 -0.96 -7.99
C VAL C 30 -31.12 -2.41 -8.26
N GLU C 31 -31.13 -3.25 -7.23
CA GLU C 31 -30.45 -4.54 -7.36
C GLU C 31 -31.24 -5.66 -8.02
N ASP C 32 -32.50 -5.83 -7.64
CA ASP C 32 -33.36 -6.84 -8.27
C ASP C 32 -34.23 -5.97 -9.17
N GLU C 33 -33.89 -5.93 -10.46
CA GLU C 33 -34.52 -5.02 -11.41
C GLU C 33 -35.74 -5.72 -12.03
N GLY C 34 -36.83 -5.73 -11.26
CA GLY C 34 -38.05 -6.40 -11.68
C GLY C 34 -37.93 -7.91 -11.73
N CYS C 35 -37.63 -8.53 -10.58
CA CYS C 35 -37.42 -9.97 -10.52
C CYS C 35 -38.74 -10.68 -10.76
N THR C 36 -39.31 -10.48 -11.95
CA THR C 36 -40.52 -11.12 -12.47
C THR C 36 -41.66 -11.19 -11.45
N ASN C 37 -42.25 -12.36 -11.27
CA ASN C 37 -43.59 -12.49 -10.70
C ASN C 37 -43.51 -13.05 -9.29
N LEU C 38 -44.17 -12.38 -8.35
CA LEU C 38 -44.18 -12.77 -6.95
C LEU C 38 -45.30 -13.78 -6.73
N SER C 39 -44.93 -15.05 -6.53
CA SER C 39 -45.88 -16.14 -6.37
C SER C 39 -45.58 -16.87 -5.07
N GLU C 40 -46.61 -17.13 -4.27
CA GLU C 40 -46.44 -17.69 -2.94
C GLU C 40 -46.03 -19.17 -3.01
N PHE C 41 -45.49 -19.65 -1.90
CA PHE C 41 -45.07 -21.03 -1.75
C PHE C 41 -44.60 -21.32 -0.32
N SER C 42 -44.26 -22.58 -0.04
CA SER C 42 -43.76 -23.01 1.25
C SER C 42 -42.29 -23.40 1.11
N TYR C 43 -41.48 -23.01 2.11
CA TYR C 43 -40.04 -23.23 2.04
C TYR C 43 -39.53 -23.73 3.39
N MET C 44 -38.52 -24.59 3.33
CA MET C 44 -37.77 -24.95 4.52
C MET C 44 -36.98 -23.75 5.05
N GLU C 45 -36.73 -23.76 6.35
CA GLU C 45 -35.89 -22.76 6.99
C GLU C 45 -35.16 -23.38 8.16
N LEU C 46 -33.98 -22.84 8.45
CA LEU C 46 -33.39 -23.05 9.76
C LEU C 46 -34.20 -22.25 10.78
N LYS C 47 -34.50 -22.89 11.91
CA LYS C 47 -35.43 -22.29 12.88
C LYS C 47 -34.97 -20.89 13.25
N VAL C 48 -33.78 -20.78 13.78
CA VAL C 48 -33.05 -19.52 13.74
C VAL C 48 -32.29 -19.48 12.42
N GLY C 49 -32.16 -18.29 11.84
CA GLY C 49 -31.78 -18.20 10.44
C GLY C 49 -30.31 -18.42 10.14
N TYR C 50 -29.41 -18.13 11.08
CA TYR C 50 -28.01 -17.91 10.76
C TYR C 50 -27.26 -19.23 10.84
N ILE C 51 -26.42 -19.52 9.84
CA ILE C 51 -25.68 -20.78 9.82
C ILE C 51 -24.50 -20.76 10.79
N SER C 52 -24.13 -19.60 11.30
CA SER C 52 -23.12 -19.48 12.33
C SER C 52 -23.72 -19.61 13.73
N ALA C 53 -24.97 -20.05 13.84
CA ALA C 53 -25.73 -19.85 15.06
C ALA C 53 -26.18 -21.12 15.76
N ILE C 54 -26.34 -22.25 15.05
CA ILE C 54 -26.93 -23.43 15.67
C ILE C 54 -26.03 -23.96 16.78
N LYS C 55 -26.65 -24.43 17.87
CA LYS C 55 -25.94 -24.85 19.08
C LYS C 55 -26.31 -26.27 19.47
N VAL C 56 -25.52 -26.80 20.42
CA VAL C 56 -25.84 -28.00 21.19
C VAL C 56 -25.32 -27.77 22.61
N ASN C 57 -26.05 -28.30 23.60
CA ASN C 57 -25.67 -28.15 25.00
C ASN C 57 -24.71 -29.25 25.44
N GLY C 58 -24.02 -29.00 26.55
CA GLY C 58 -22.99 -29.91 27.02
C GLY C 58 -22.76 -29.93 28.51
N PHE C 59 -22.74 -31.12 29.10
CA PHE C 59 -22.48 -31.30 30.52
C PHE C 59 -20.99 -31.13 30.84
N THR C 60 -20.64 -31.29 32.13
CA THR C 60 -19.34 -30.92 32.70
C THR C 60 -18.96 -31.89 33.85
N CYS C 61 -18.61 -33.13 33.49
CA CYS C 61 -18.15 -34.13 34.46
C CYS C 61 -16.88 -33.70 35.18
N PHE C 85 -9.26 -37.70 38.63
CA PHE C 85 -9.69 -38.99 38.11
C PHE C 85 -10.71 -38.84 36.97
N ARG C 86 -10.48 -39.55 35.88
CA ARG C 86 -11.35 -39.47 34.71
C ARG C 86 -12.72 -40.06 35.03
N PRO C 87 -13.80 -39.26 34.99
CA PRO C 87 -15.13 -39.79 35.30
C PRO C 87 -15.54 -40.87 34.31
N THR C 88 -16.56 -41.63 34.70
CA THR C 88 -17.03 -42.77 33.92
C THR C 88 -18.04 -42.29 32.88
N PRO C 89 -17.76 -42.46 31.59
CA PRO C 89 -18.74 -42.03 30.56
C PRO C 89 -20.12 -42.62 30.81
N ASP C 90 -20.14 -43.85 31.31
CA ASP C 90 -21.38 -44.53 31.70
C ASP C 90 -22.21 -43.63 32.61
N ALA C 91 -21.56 -43.01 33.60
CA ALA C 91 -22.24 -42.09 34.50
C ALA C 91 -22.29 -40.66 33.97
N CYS C 92 -21.35 -40.29 33.09
CA CYS C 92 -21.32 -38.92 32.59
C CYS C 92 -22.47 -38.60 31.66
N ARG C 93 -23.13 -39.61 31.09
CA ARG C 93 -24.27 -39.33 30.21
C ARG C 93 -25.38 -38.80 31.12
N ALA C 94 -25.81 -39.58 32.11
CA ALA C 94 -26.95 -39.12 32.89
C ALA C 94 -26.87 -39.65 34.32
N ALA C 95 -25.72 -39.54 34.98
CA ALA C 95 -25.75 -39.83 36.41
C ALA C 95 -25.65 -38.40 36.94
N TYR C 96 -25.38 -37.44 36.07
CA TYR C 96 -25.42 -36.04 36.47
C TYR C 96 -26.85 -35.50 36.54
N ASN C 97 -27.79 -36.17 35.87
CA ASN C 97 -29.19 -35.74 35.87
C ASN C 97 -29.71 -35.51 37.28
N TRP C 98 -28.99 -36.01 38.28
CA TRP C 98 -29.29 -35.75 39.68
C TRP C 98 -29.41 -34.27 40.00
N LYS C 99 -28.84 -33.41 39.16
CA LYS C 99 -28.95 -31.96 39.32
C LYS C 99 -30.40 -31.49 39.26
N PRO C 104 -31.54 -36.43 44.42
CA PRO C 104 -31.06 -36.00 45.73
C PRO C 104 -29.69 -36.58 46.03
N ARG C 105 -29.22 -37.47 45.14
CA ARG C 105 -27.96 -38.17 45.30
C ARG C 105 -27.06 -36.96 45.07
N TYR C 106 -26.44 -36.44 46.12
CA TYR C 106 -25.66 -35.22 46.03
C TYR C 106 -24.78 -35.18 47.27
N GLU C 107 -23.57 -34.68 47.08
CA GLU C 107 -22.59 -34.55 48.16
C GLU C 107 -21.81 -33.24 48.01
N ILE C 128 -17.86 -36.59 41.09
CA ILE C 128 -18.36 -36.35 39.75
C ILE C 128 -18.94 -34.93 39.70
N ILE C 129 -18.15 -33.99 39.17
CA ILE C 129 -18.52 -32.58 39.20
C ILE C 129 -19.60 -32.31 38.16
N SER C 130 -20.44 -31.32 38.45
CA SER C 130 -21.56 -30.94 37.56
C SER C 130 -21.89 -29.46 37.78
N PRO C 131 -21.00 -28.55 37.35
CA PRO C 131 -21.27 -27.13 37.54
C PRO C 131 -22.46 -26.60 36.76
N SER C 132 -22.47 -26.78 35.45
CA SER C 132 -23.58 -26.31 34.62
C SER C 132 -23.43 -26.92 33.22
N VAL C 133 -24.29 -26.46 32.31
CA VAL C 133 -24.25 -26.90 30.92
C VAL C 133 -23.35 -25.95 30.16
N THR C 134 -22.13 -26.41 29.85
CA THR C 134 -21.18 -25.66 29.04
C THR C 134 -21.24 -26.22 27.62
N ASP C 135 -21.65 -25.38 26.68
CA ASP C 135 -22.00 -25.76 25.33
C ASP C 135 -20.93 -25.30 24.33
N LEU C 136 -21.30 -25.25 23.05
CA LEU C 136 -20.34 -25.03 21.96
C LEU C 136 -21.09 -24.79 20.65
N ASP C 137 -20.29 -24.68 19.57
CA ASP C 137 -20.63 -24.38 18.18
C ASP C 137 -20.14 -25.53 17.27
N PRO C 138 -20.95 -25.99 16.30
CA PRO C 138 -20.56 -27.09 15.42
C PRO C 138 -20.97 -27.09 13.94
N TYR C 139 -20.86 -28.26 13.29
CA TYR C 139 -21.31 -28.46 11.87
C TYR C 139 -20.62 -27.54 10.84
N ASP C 140 -19.36 -27.17 11.04
CA ASP C 140 -18.68 -26.44 9.97
C ASP C 140 -17.44 -27.26 9.65
N LYS C 141 -17.65 -28.36 8.91
CA LYS C 141 -16.79 -29.55 8.85
C LYS C 141 -17.02 -30.45 10.06
N SER C 142 -18.12 -30.23 10.77
CA SER C 142 -18.65 -31.13 11.80
C SER C 142 -17.89 -31.28 13.12
N LEU C 143 -17.44 -30.13 13.64
CA LEU C 143 -16.58 -30.03 14.81
C LEU C 143 -17.25 -29.29 15.96
N HIS C 144 -16.50 -29.05 17.05
CA HIS C 144 -17.05 -28.50 18.30
C HIS C 144 -16.06 -27.53 18.90
N SER C 145 -16.44 -26.26 19.06
CA SER C 145 -15.45 -25.17 19.13
C SER C 145 -15.62 -24.26 20.35
N ARG C 146 -15.76 -24.81 21.57
CA ARG C 146 -15.74 -23.95 22.76
C ARG C 146 -14.36 -24.36 23.29
N VAL C 147 -13.78 -23.60 24.22
CA VAL C 147 -12.42 -23.87 24.72
C VAL C 147 -11.59 -25.12 24.96
N PHE C 148 -12.09 -26.26 24.55
CA PHE C 148 -11.62 -27.53 25.10
C PHE C 148 -10.62 -28.43 24.36
N PRO C 149 -10.03 -28.02 23.23
CA PRO C 149 -8.82 -28.70 22.78
C PRO C 149 -7.73 -27.74 22.35
N GLY C 150 -7.80 -27.27 21.09
CA GLY C 150 -7.13 -26.06 20.69
C GLY C 150 -8.18 -24.98 20.54
N GLY C 151 -9.11 -25.21 19.61
CA GLY C 151 -10.36 -24.51 19.59
C GLY C 151 -11.51 -25.50 19.56
N LYS C 152 -11.28 -26.63 18.89
CA LYS C 152 -12.37 -27.51 18.48
C LYS C 152 -11.98 -28.98 18.50
N CYS C 153 -12.92 -29.82 18.94
CA CYS C 153 -12.71 -31.26 19.08
C CYS C 153 -13.64 -32.02 18.14
N SER C 154 -13.31 -33.28 17.90
CA SER C 154 -14.11 -34.14 17.04
C SER C 154 -15.43 -34.48 17.71
N GLY C 155 -16.32 -35.12 16.96
CA GLY C 155 -17.72 -35.21 17.34
C GLY C 155 -18.14 -36.50 18.03
N ILE C 156 -19.30 -36.43 18.67
CA ILE C 156 -19.99 -37.57 19.24
C ILE C 156 -20.57 -38.44 18.12
N THR C 157 -19.87 -39.52 17.78
CA THR C 157 -20.37 -40.51 16.86
C THR C 157 -21.13 -41.58 17.64
N VAL C 158 -21.51 -42.68 16.98
CA VAL C 158 -22.27 -43.71 17.67
C VAL C 158 -21.39 -44.39 18.71
N SER C 159 -20.24 -44.90 18.27
CA SER C 159 -19.14 -45.22 19.19
C SER C 159 -18.39 -43.91 19.45
N SER C 160 -19.06 -43.01 20.15
CA SER C 160 -18.54 -41.67 20.41
C SER C 160 -17.34 -41.70 21.32
N THR C 161 -16.27 -41.04 20.90
CA THR C 161 -15.23 -40.76 21.88
C THR C 161 -15.66 -39.63 22.80
N TYR C 162 -15.08 -39.63 23.99
CA TYR C 162 -15.02 -38.44 24.82
C TYR C 162 -14.65 -37.23 23.97
N CYS C 163 -15.18 -36.07 24.32
CA CYS C 163 -14.55 -34.83 23.91
C CYS C 163 -13.57 -34.46 25.00
N SER C 164 -12.29 -34.71 24.74
CA SER C 164 -11.22 -34.34 25.66
C SER C 164 -11.38 -32.88 26.06
N THR C 165 -11.16 -32.60 27.34
CA THR C 165 -11.58 -31.35 27.93
C THR C 165 -10.36 -30.52 28.28
N ASN C 166 -10.15 -29.44 27.52
CA ASN C 166 -8.88 -28.74 27.53
C ASN C 166 -7.96 -29.96 27.48
N HIS C 167 -7.02 -30.04 28.41
CA HIS C 167 -6.36 -31.30 28.71
C HIS C 167 -6.49 -31.85 30.13
N ASP C 168 -7.30 -31.20 30.97
CA ASP C 168 -7.75 -31.81 32.22
C ASP C 168 -8.88 -32.76 31.85
N TYR C 169 -8.53 -34.03 31.65
CA TYR C 169 -9.40 -34.96 30.93
C TYR C 169 -10.53 -35.44 31.84
N THR C 170 -11.44 -34.52 32.15
CA THR C 170 -12.52 -34.77 33.10
C THR C 170 -13.93 -34.68 32.49
N ILE C 171 -14.19 -33.76 31.55
CA ILE C 171 -15.54 -33.47 31.09
C ILE C 171 -15.88 -34.31 29.86
N TRP C 172 -17.17 -34.42 29.54
CA TRP C 172 -17.67 -35.17 28.39
C TRP C 172 -18.69 -34.43 27.54
N MET C 173 -19.20 -33.27 28.00
CA MET C 173 -20.21 -32.40 27.41
C MET C 173 -21.33 -33.09 26.62
N PRO C 174 -21.93 -34.16 27.12
CA PRO C 174 -22.84 -34.94 26.26
C PRO C 174 -24.10 -34.69 27.10
N GLU C 175 -25.10 -33.97 26.56
CA GLU C 175 -26.30 -33.62 27.34
C GLU C 175 -27.48 -34.47 26.92
N ASN C 176 -27.63 -34.70 25.61
CA ASN C 176 -28.69 -35.56 25.10
C ASN C 176 -27.77 -36.69 24.64
N PRO C 177 -27.81 -37.86 25.28
CA PRO C 177 -26.63 -38.75 25.22
C PRO C 177 -26.22 -39.17 23.82
N ARG C 178 -27.16 -39.66 23.02
CA ARG C 178 -26.95 -39.82 21.57
C ARG C 178 -27.99 -38.95 20.88
N PRO C 179 -27.68 -37.68 20.62
CA PRO C 179 -28.64 -36.83 19.92
C PRO C 179 -28.86 -37.39 18.52
N ARG C 180 -30.11 -37.38 18.06
CA ARG C 180 -30.31 -37.57 16.64
C ARG C 180 -29.50 -36.50 15.94
N THR C 181 -28.78 -36.88 14.87
CA THR C 181 -27.86 -35.98 14.18
C THR C 181 -28.53 -34.61 14.07
N PRO C 182 -27.87 -33.52 14.45
CA PRO C 182 -28.55 -32.20 14.46
C PRO C 182 -29.16 -31.82 13.12
N CYS C 183 -29.91 -32.75 12.53
CA CYS C 183 -30.59 -32.60 11.26
C CYS C 183 -32.01 -32.09 11.42
N ASP C 184 -32.55 -32.13 12.64
CA ASP C 184 -33.94 -31.83 12.92
C ASP C 184 -34.01 -30.44 13.58
N ILE C 185 -33.87 -29.41 12.76
CA ILE C 185 -33.90 -28.04 13.26
C ILE C 185 -34.63 -27.13 12.28
N PHE C 186 -35.22 -27.71 11.24
CA PHE C 186 -35.92 -26.91 10.26
C PHE C 186 -37.37 -26.64 10.64
N THR C 187 -37.95 -25.66 9.95
CA THR C 187 -39.35 -25.31 10.09
C THR C 187 -39.89 -24.87 8.75
N ASN C 188 -41.19 -24.63 8.69
CA ASN C 188 -41.83 -24.08 7.50
C ASN C 188 -42.38 -22.70 7.81
N SER C 189 -42.58 -21.92 6.76
CA SER C 189 -43.15 -20.58 6.90
C SER C 189 -43.76 -20.17 5.56
N ARG C 190 -44.26 -18.94 5.51
CA ARG C 190 -45.09 -18.45 4.42
C ARG C 190 -44.37 -17.34 3.68
N GLY C 191 -44.33 -17.42 2.35
CA GLY C 191 -43.60 -16.45 1.57
C GLY C 191 -43.85 -16.63 0.09
N LYS C 192 -43.05 -15.92 -0.71
CA LYS C 192 -43.27 -15.84 -2.15
C LYS C 192 -41.95 -15.85 -2.92
N ARG C 193 -41.95 -16.47 -4.11
CA ARG C 193 -40.78 -16.59 -4.97
C ARG C 193 -40.81 -15.46 -6.00
N ALA C 194 -40.14 -15.58 -7.16
CA ALA C 194 -40.27 -14.41 -8.07
C ALA C 194 -39.58 -14.43 -9.44
N SER C 195 -38.52 -15.20 -9.64
CA SER C 195 -37.75 -14.98 -10.91
C SER C 195 -38.02 -15.85 -12.14
N ASN C 196 -38.88 -15.39 -13.07
CA ASN C 196 -38.95 -16.01 -14.42
C ASN C 196 -38.04 -17.21 -14.69
N LYS C 199 -33.32 -20.08 -12.36
CA LYS C 199 -34.77 -19.98 -12.35
C LYS C 199 -35.12 -18.74 -11.51
N THR C 200 -35.45 -18.88 -10.22
CA THR C 200 -35.94 -17.74 -9.45
C THR C 200 -34.79 -17.01 -8.75
N CYS C 201 -35.12 -15.90 -8.04
CA CYS C 201 -34.07 -15.13 -7.38
C CYS C 201 -34.39 -14.92 -5.91
N GLY C 202 -35.57 -14.38 -5.59
CA GLY C 202 -35.79 -13.92 -4.23
C GLY C 202 -37.07 -14.32 -3.50
N PHE C 203 -36.98 -14.46 -2.18
CA PHE C 203 -38.14 -14.78 -1.37
C PHE C 203 -38.49 -13.63 -0.44
N VAL C 204 -39.73 -13.66 0.05
CA VAL C 204 -40.18 -12.78 1.11
C VAL C 204 -40.56 -13.63 2.31
N ASP C 205 -40.15 -13.20 3.50
CA ASP C 205 -40.44 -13.91 4.72
C ASP C 205 -41.93 -13.74 5.04
N GLU C 206 -42.43 -14.45 6.06
CA GLU C 206 -43.73 -14.04 6.60
C GLU C 206 -43.59 -12.70 7.33
N ARG C 207 -42.38 -12.38 7.78
CA ARG C 207 -41.97 -11.03 8.10
C ARG C 207 -41.62 -10.30 6.81
N GLY C 208 -41.35 -9.00 6.91
CA GLY C 208 -41.00 -8.25 5.71
C GLY C 208 -39.52 -8.24 5.39
N LEU C 209 -39.11 -9.04 4.41
CA LEU C 209 -37.74 -9.03 3.91
C LEU C 209 -37.71 -9.51 2.46
N TYR C 210 -36.91 -8.85 1.64
CA TYR C 210 -36.73 -9.22 0.24
C TYR C 210 -35.29 -9.67 0.08
N LYS C 211 -35.05 -10.97 0.30
CA LYS C 211 -33.71 -11.52 0.17
C LYS C 211 -33.43 -11.80 -1.30
N SER C 212 -32.26 -11.41 -1.76
CA SER C 212 -31.95 -11.50 -3.17
C SER C 212 -31.41 -12.85 -3.58
N LEU C 213 -30.80 -13.59 -2.65
CA LEU C 213 -30.18 -14.90 -2.93
C LEU C 213 -29.03 -14.72 -3.92
N LYS C 214 -28.87 -13.51 -4.44
CA LYS C 214 -27.73 -13.22 -5.30
C LYS C 214 -26.45 -13.42 -4.51
N GLY C 215 -25.42 -13.91 -5.20
CA GLY C 215 -24.13 -14.11 -4.56
C GLY C 215 -24.19 -15.04 -3.38
N ALA C 216 -25.20 -15.91 -3.33
CA ALA C 216 -25.27 -16.93 -2.29
C ALA C 216 -24.22 -18.00 -2.60
N CYS C 217 -24.32 -19.14 -1.92
CA CYS C 217 -23.43 -20.26 -2.21
C CYS C 217 -24.10 -21.56 -1.79
N ARG C 218 -23.80 -22.61 -2.54
CA ARG C 218 -24.46 -23.90 -2.36
C ARG C 218 -24.01 -24.55 -1.06
N LEU C 219 -24.98 -24.87 -0.20
CA LEU C 219 -24.72 -25.48 1.10
C LEU C 219 -25.60 -26.71 1.25
N LYS C 220 -24.96 -27.84 1.56
CA LYS C 220 -25.65 -29.10 1.82
C LYS C 220 -25.72 -29.28 3.34
N LEU C 221 -26.91 -29.13 3.92
CA LEU C 221 -26.98 -29.27 5.36
C LEU C 221 -27.23 -30.72 5.77
N CYS C 222 -28.24 -31.37 5.19
CA CYS C 222 -28.44 -32.77 5.49
C CYS C 222 -28.35 -33.63 4.24
N GLY C 223 -29.38 -33.59 3.42
CA GLY C 223 -29.29 -34.16 2.09
C GLY C 223 -29.91 -33.21 1.10
N VAL C 224 -30.31 -32.03 1.60
CA VAL C 224 -31.09 -31.05 0.86
C VAL C 224 -30.19 -29.91 0.39
N LEU C 225 -30.53 -29.36 -0.78
CA LEU C 225 -29.72 -28.34 -1.44
C LEU C 225 -30.33 -26.97 -1.21
N GLY C 226 -29.83 -26.28 -0.18
CA GLY C 226 -30.23 -24.93 0.11
C GLY C 226 -29.23 -23.90 -0.38
N LEU C 227 -29.28 -22.71 0.25
CA LEU C 227 -28.42 -21.58 -0.09
C LEU C 227 -28.17 -20.72 1.13
N ARG C 228 -26.89 -20.56 1.48
CA ARG C 228 -26.49 -19.57 2.47
C ARG C 228 -26.39 -18.21 1.78
N LEU C 229 -27.10 -17.22 2.33
CA LEU C 229 -27.26 -15.95 1.66
C LEU C 229 -26.12 -15.02 2.08
N MET C 230 -26.26 -13.72 1.83
CA MET C 230 -25.19 -12.77 2.15
C MET C 230 -25.12 -12.45 3.63
N ASP C 231 -26.07 -12.94 4.43
CA ASP C 231 -25.86 -12.99 5.86
C ASP C 231 -25.83 -14.49 6.15
N GLY C 232 -26.07 -14.88 7.39
CA GLY C 232 -26.21 -16.29 7.75
C GLY C 232 -27.38 -17.13 7.30
N THR C 233 -28.41 -16.52 6.70
CA THR C 233 -29.64 -17.23 6.40
C THR C 233 -29.40 -18.34 5.39
N TRP C 234 -29.90 -19.53 5.71
CA TRP C 234 -29.89 -20.67 4.81
C TRP C 234 -31.34 -21.02 4.45
N VAL C 235 -31.61 -21.15 3.16
CA VAL C 235 -32.91 -21.62 2.70
C VAL C 235 -32.73 -23.07 2.27
N ALA C 236 -33.77 -23.64 1.67
CA ALA C 236 -33.63 -24.95 1.04
C ALA C 236 -34.03 -24.93 -0.42
N MET C 237 -34.36 -23.76 -0.95
CA MET C 237 -34.72 -23.67 -2.36
C MET C 237 -33.53 -24.06 -3.24
N GLN C 238 -33.85 -24.67 -4.36
CA GLN C 238 -32.80 -25.16 -5.24
C GLN C 238 -32.07 -24.01 -5.93
N THR C 239 -30.74 -24.07 -5.85
CA THR C 239 -29.91 -23.26 -6.71
C THR C 239 -30.17 -23.67 -8.14
N SER C 240 -30.63 -22.73 -8.96
CA SER C 240 -30.89 -23.05 -10.36
C SER C 240 -29.72 -22.65 -11.25
N ASP C 241 -29.36 -21.37 -11.28
CA ASP C 241 -28.20 -20.93 -12.02
C ASP C 241 -27.14 -20.25 -11.16
N GLU C 242 -27.49 -19.88 -9.92
CA GLU C 242 -26.55 -19.21 -9.01
C GLU C 242 -25.78 -20.30 -8.28
N THR C 243 -24.64 -20.68 -8.85
CA THR C 243 -23.94 -21.91 -8.47
C THR C 243 -22.47 -21.63 -8.13
N LYS C 244 -22.13 -21.76 -6.85
CA LYS C 244 -20.76 -21.85 -6.36
C LYS C 244 -20.81 -22.45 -4.95
N TRP C 245 -20.07 -23.53 -4.74
CA TRP C 245 -20.13 -24.25 -3.47
C TRP C 245 -19.34 -23.52 -2.39
N CYS C 246 -19.91 -23.45 -1.19
CA CYS C 246 -19.37 -22.58 -0.14
C CYS C 246 -18.00 -23.07 0.33
N PRO C 247 -17.14 -22.14 0.75
CA PRO C 247 -15.84 -22.52 1.27
C PRO C 247 -15.96 -23.06 2.68
N PRO C 248 -14.88 -23.58 3.25
CA PRO C 248 -14.95 -24.22 4.58
C PRO C 248 -15.34 -23.27 5.71
N ASP C 249 -15.43 -21.98 5.47
CA ASP C 249 -15.46 -21.02 6.56
C ASP C 249 -16.86 -20.69 7.05
N GLN C 250 -16.90 -19.88 8.12
CA GLN C 250 -18.14 -19.28 8.60
C GLN C 250 -17.93 -17.82 8.97
N LEU C 251 -16.83 -17.21 8.54
CA LEU C 251 -16.52 -15.82 8.84
C LEU C 251 -16.47 -14.95 7.60
N VAL C 252 -15.59 -15.25 6.63
CA VAL C 252 -15.52 -14.52 5.37
C VAL C 252 -14.76 -15.32 4.33
N HIS C 264 -18.92 1.28 3.20
CA HIS C 264 -17.83 1.10 2.26
C HIS C 264 -17.62 2.43 1.53
N LEU C 265 -16.47 2.58 0.86
CA LEU C 265 -16.09 3.87 0.29
C LEU C 265 -17.01 4.31 -0.86
N VAL C 266 -17.87 3.43 -1.38
CA VAL C 266 -18.64 3.75 -2.58
C VAL C 266 -19.41 5.06 -2.62
N VAL C 267 -20.00 5.47 -1.48
CA VAL C 267 -20.90 6.60 -1.40
C VAL C 267 -20.25 7.87 -1.94
N GLU C 268 -18.91 7.88 -2.03
CA GLU C 268 -18.20 9.05 -2.51
C GLU C 268 -18.29 9.18 -4.02
N GLU C 269 -18.26 8.07 -4.74
CA GLU C 269 -18.13 8.18 -6.20
C GLU C 269 -19.45 8.56 -6.86
N LEU C 270 -20.58 8.07 -6.34
CA LEU C 270 -21.86 8.56 -6.82
C LEU C 270 -21.92 10.08 -6.70
N VAL C 271 -21.35 10.62 -5.63
CA VAL C 271 -21.19 12.06 -5.50
C VAL C 271 -20.27 12.55 -6.61
N LYS C 272 -19.00 12.15 -6.56
CA LYS C 272 -17.98 12.70 -7.46
C LYS C 272 -18.27 12.43 -8.94
N LYS C 273 -19.22 11.55 -9.27
CA LYS C 273 -19.68 11.41 -10.65
C LYS C 273 -20.94 12.20 -10.93
N ARG C 274 -21.99 12.02 -10.13
CA ARG C 274 -23.19 12.82 -10.33
C ARG C 274 -23.02 14.25 -9.85
N GLU C 275 -21.84 14.60 -9.30
CA GLU C 275 -21.49 16.01 -9.17
C GLU C 275 -21.01 16.55 -10.51
N GLU C 276 -20.15 15.80 -11.19
CA GLU C 276 -19.77 16.17 -12.55
C GLU C 276 -20.99 16.20 -13.46
N CYS C 277 -21.98 15.34 -13.21
CA CYS C 277 -23.27 15.47 -13.89
C CYS C 277 -23.90 16.82 -13.56
N LEU C 278 -23.96 17.16 -12.28
CA LEU C 278 -24.62 18.39 -11.86
C LEU C 278 -23.87 19.62 -12.33
N ASP C 279 -22.54 19.59 -12.28
CA ASP C 279 -21.74 20.70 -12.77
C ASP C 279 -22.08 21.02 -14.21
N ALA C 280 -22.20 20.00 -15.06
CA ALA C 280 -22.49 20.22 -16.46
C ALA C 280 -23.95 20.58 -16.69
N LEU C 281 -24.86 20.01 -15.89
CA LEU C 281 -26.27 20.26 -16.10
C LEU C 281 -26.63 21.69 -15.73
N GLU C 282 -26.10 22.19 -14.60
CA GLU C 282 -26.24 23.59 -14.27
C GLU C 282 -25.65 24.48 -15.34
N SER C 283 -24.58 24.03 -16.00
CA SER C 283 -23.94 24.85 -17.03
C SER C 283 -24.86 25.14 -18.19
N ILE C 284 -25.88 24.30 -18.41
CA ILE C 284 -26.90 24.64 -19.41
C ILE C 284 -27.86 25.69 -18.84
N MET C 285 -28.06 25.69 -17.53
CA MET C 285 -28.98 26.65 -16.91
C MET C 285 -28.43 28.07 -16.94
N THR C 286 -27.13 28.23 -17.17
CA THR C 286 -26.48 29.52 -17.14
C THR C 286 -26.04 29.99 -18.52
N THR C 287 -26.18 29.16 -19.55
CA THR C 287 -25.94 29.57 -20.92
C THR C 287 -27.11 29.26 -21.85
N LYS C 288 -28.19 28.65 -21.36
CA LYS C 288 -29.37 28.32 -22.16
C LYS C 288 -29.07 27.47 -23.39
N SER C 289 -27.81 27.06 -23.55
CA SER C 289 -27.38 26.38 -24.77
C SER C 289 -26.92 24.96 -24.47
N VAL C 290 -26.09 24.41 -25.36
CA VAL C 290 -25.65 23.03 -25.24
C VAL C 290 -24.49 22.77 -26.18
N SER C 291 -23.51 22.02 -25.70
CA SER C 291 -22.52 21.39 -26.54
C SER C 291 -22.69 19.88 -26.43
N PHE C 292 -22.41 19.16 -27.51
CA PHE C 292 -22.71 17.73 -27.56
C PHE C 292 -22.01 16.94 -26.47
N ARG C 293 -20.89 17.45 -25.96
CA ARG C 293 -20.12 16.74 -24.94
C ARG C 293 -20.95 16.51 -23.68
N ARG C 294 -21.67 17.54 -23.23
CA ARG C 294 -22.17 17.56 -21.85
C ARG C 294 -23.24 16.51 -21.62
N LEU C 295 -24.07 16.23 -22.63
CA LEU C 295 -25.15 15.25 -22.47
C LEU C 295 -24.65 13.93 -21.93
N SER C 296 -23.43 13.55 -22.27
CA SER C 296 -22.89 12.24 -21.91
C SER C 296 -22.82 12.02 -20.41
N HIS C 297 -22.94 13.08 -19.60
CA HIS C 297 -22.86 12.92 -18.16
C HIS C 297 -24.18 12.52 -17.53
N LEU C 298 -25.29 12.65 -18.27
CA LEU C 298 -26.60 12.26 -17.76
C LEU C 298 -26.91 10.78 -17.94
N ARG C 299 -26.01 10.03 -18.57
CA ARG C 299 -26.19 8.60 -18.73
C ARG C 299 -26.27 7.92 -17.36
N LYS C 300 -27.35 7.18 -17.12
CA LYS C 300 -27.38 6.28 -15.98
C LYS C 300 -26.06 5.56 -16.17
N LEU C 301 -25.27 5.43 -15.10
CA LEU C 301 -23.94 4.85 -15.22
C LEU C 301 -24.08 3.41 -14.72
N VAL C 302 -25.28 2.97 -14.33
CA VAL C 302 -25.52 1.55 -14.03
C VAL C 302 -26.84 1.14 -14.65
N PRO C 303 -26.98 -0.14 -15.01
CA PRO C 303 -28.19 -0.58 -15.69
C PRO C 303 -29.43 -0.34 -14.85
N GLY C 304 -30.58 -0.24 -15.54
CA GLY C 304 -31.84 -0.05 -14.86
C GLY C 304 -32.78 0.91 -15.56
N PHE C 305 -33.99 1.04 -15.03
CA PHE C 305 -35.03 1.86 -15.64
C PHE C 305 -34.73 3.34 -15.39
N GLY C 306 -34.46 4.08 -16.46
CA GLY C 306 -34.08 5.49 -16.36
C GLY C 306 -34.53 6.27 -17.55
N LYS C 307 -33.70 7.23 -17.96
CA LYS C 307 -34.05 8.19 -18.99
C LYS C 307 -32.90 8.33 -19.99
N ALA C 308 -33.22 8.81 -21.19
CA ALA C 308 -32.25 9.04 -22.26
C ALA C 308 -32.62 10.29 -23.05
N TYR C 309 -31.65 11.17 -23.27
CA TYR C 309 -31.88 12.52 -23.78
C TYR C 309 -30.99 12.81 -24.97
N THR C 310 -31.57 13.33 -26.06
CA THR C 310 -30.78 13.83 -27.18
C THR C 310 -31.50 14.95 -27.90
N ILE C 311 -30.78 15.60 -28.82
CA ILE C 311 -31.19 16.85 -29.45
C ILE C 311 -30.95 16.75 -30.95
N PHE C 312 -31.93 17.20 -31.75
CA PHE C 312 -31.85 17.13 -33.21
C PHE C 312 -31.85 18.37 -34.10
N ASN C 313 -32.84 19.25 -33.91
CA ASN C 313 -32.94 20.43 -34.76
C ASN C 313 -32.60 21.79 -34.17
N LYS C 314 -33.03 22.00 -32.94
CA LYS C 314 -32.65 23.19 -32.19
C LYS C 314 -33.03 22.61 -30.83
N THR C 315 -34.18 21.94 -30.75
CA THR C 315 -34.79 21.51 -29.50
C THR C 315 -34.30 20.20 -28.88
N LEU C 316 -34.44 20.12 -27.56
CA LEU C 316 -34.00 18.97 -26.78
C LEU C 316 -35.15 17.98 -26.59
N MET C 317 -34.81 16.70 -26.43
CA MET C 317 -35.83 15.65 -26.31
C MET C 317 -35.38 14.58 -25.33
N GLU C 318 -36.34 13.98 -24.63
CA GLU C 318 -36.11 12.90 -23.68
C GLU C 318 -36.84 11.65 -24.11
N ALA C 319 -36.48 10.53 -23.48
CA ALA C 319 -37.24 9.30 -23.61
C ALA C 319 -36.96 8.41 -22.41
N ASP C 320 -37.87 7.48 -22.17
CA ASP C 320 -37.65 6.48 -21.15
C ASP C 320 -36.70 5.41 -21.66
N ALA C 321 -35.89 4.86 -20.76
CA ALA C 321 -34.88 3.90 -21.18
C ALA C 321 -34.53 2.97 -20.04
N HIS C 322 -34.58 1.67 -20.31
CA HIS C 322 -33.97 0.67 -19.45
C HIS C 322 -32.56 0.42 -19.97
N TYR C 323 -31.56 0.79 -19.19
CA TYR C 323 -30.18 0.77 -19.65
C TYR C 323 -29.57 -0.62 -19.46
N LYS C 324 -28.89 -1.09 -20.49
CA LYS C 324 -28.10 -2.31 -20.44
C LYS C 324 -26.62 -1.94 -20.30
N SER C 325 -25.92 -2.67 -19.44
CA SER C 325 -24.49 -2.44 -19.27
C SER C 325 -23.70 -3.00 -20.44
N VAL C 326 -22.65 -2.29 -20.84
CA VAL C 326 -21.79 -2.69 -21.95
C VAL C 326 -20.45 -3.16 -21.40
N ARG C 327 -19.96 -4.27 -21.95
CA ARG C 327 -18.70 -4.84 -21.47
C ARG C 327 -17.52 -4.25 -22.23
N THR C 328 -17.43 -4.51 -23.52
CA THR C 328 -16.36 -4.05 -24.37
C THR C 328 -16.95 -3.25 -25.51
N TRP C 329 -16.16 -2.30 -26.03
CA TRP C 329 -16.58 -1.50 -27.16
C TRP C 329 -17.02 -2.34 -28.34
N ASN C 330 -16.52 -3.58 -28.45
CA ASN C 330 -16.83 -4.42 -29.59
C ASN C 330 -18.33 -4.74 -29.65
N GLU C 331 -19.00 -4.74 -28.51
CA GLU C 331 -20.40 -5.16 -28.45
C GLU C 331 -21.34 -4.10 -29.04
N ILE C 332 -20.93 -2.83 -29.05
CA ILE C 332 -21.76 -1.77 -29.60
C ILE C 332 -21.19 -1.12 -30.86
N ILE C 333 -19.92 -1.35 -31.19
CA ILE C 333 -19.39 -0.92 -32.48
C ILE C 333 -18.90 -2.16 -33.20
N PRO C 334 -19.73 -2.79 -34.01
CA PRO C 334 -19.29 -3.99 -34.72
C PRO C 334 -18.79 -3.67 -36.12
N SER C 335 -19.23 -2.54 -36.67
CA SER C 335 -18.91 -2.20 -38.04
C SER C 335 -18.82 -0.68 -38.17
N LYS C 336 -18.43 -0.24 -39.37
CA LYS C 336 -18.50 1.18 -39.72
C LYS C 336 -19.90 1.71 -39.50
N GLY C 337 -20.08 2.57 -38.50
CA GLY C 337 -21.36 3.24 -38.36
C GLY C 337 -22.56 2.41 -37.96
N CYS C 338 -22.39 1.46 -37.03
CA CYS C 338 -23.50 0.68 -36.49
C CYS C 338 -23.46 0.68 -34.97
N LEU C 339 -24.50 1.24 -34.36
CA LEU C 339 -24.68 1.16 -32.91
C LEU C 339 -25.58 -0.03 -32.61
N LYS C 340 -24.98 -1.12 -32.14
CA LYS C 340 -25.78 -2.28 -31.76
C LYS C 340 -26.61 -1.92 -30.54
N VAL C 341 -27.91 -1.75 -30.74
CA VAL C 341 -28.84 -1.42 -29.67
C VAL C 341 -29.82 -2.58 -29.55
N GLY C 342 -29.42 -3.60 -28.81
CA GLY C 342 -30.28 -4.75 -28.56
C GLY C 342 -30.49 -5.66 -29.75
N GLY C 343 -29.54 -5.70 -30.69
CA GLY C 343 -29.60 -6.58 -31.84
C GLY C 343 -29.71 -5.87 -33.17
N ARG C 344 -30.08 -4.61 -33.19
CA ARG C 344 -30.22 -3.83 -34.41
C ARG C 344 -29.17 -2.73 -34.45
N CYS C 345 -29.18 -1.97 -35.54
CA CYS C 345 -28.38 -0.76 -35.68
C CYS C 345 -29.31 0.44 -35.63
N HIS C 346 -29.21 1.24 -34.58
CA HIS C 346 -29.96 2.49 -34.52
C HIS C 346 -29.51 3.40 -35.66
N PRO C 347 -30.44 4.01 -36.40
CA PRO C 347 -30.06 4.84 -37.54
C PRO C 347 -29.61 6.22 -37.11
N HIS C 348 -28.81 6.84 -37.97
CA HIS C 348 -28.37 8.20 -37.74
C HIS C 348 -29.53 9.16 -38.01
N VAL C 349 -29.97 9.86 -36.96
CA VAL C 349 -30.99 10.90 -37.10
C VAL C 349 -30.26 12.24 -37.23
N ASN C 350 -30.49 12.91 -38.37
CA ASN C 350 -29.52 13.84 -38.91
C ASN C 350 -28.27 13.01 -38.64
N GLY C 351 -27.24 13.61 -38.05
CA GLY C 351 -26.09 12.84 -37.64
C GLY C 351 -25.93 12.27 -36.24
N VAL C 352 -26.94 12.47 -35.40
CA VAL C 352 -26.78 12.26 -33.96
C VAL C 352 -27.53 11.01 -33.51
N PHE C 353 -27.20 10.57 -32.30
CA PHE C 353 -27.90 9.47 -31.63
C PHE C 353 -28.41 9.91 -30.26
N PHE C 354 -28.46 8.99 -29.30
CA PHE C 354 -29.35 9.16 -28.15
C PHE C 354 -28.68 9.71 -26.90
N ASN C 355 -27.53 9.21 -26.48
CA ASN C 355 -26.88 9.71 -25.25
C ASN C 355 -25.65 10.54 -25.63
N GLY C 356 -25.91 11.64 -26.32
CA GLY C 356 -24.84 12.45 -26.87
C GLY C 356 -23.90 11.57 -27.65
N ILE C 357 -24.44 10.83 -28.60
CA ILE C 357 -23.67 9.93 -29.45
C ILE C 357 -23.84 10.42 -30.88
N ILE C 358 -22.74 10.55 -31.61
CA ILE C 358 -22.76 11.23 -32.90
C ILE C 358 -21.97 10.43 -33.93
N LEU C 359 -22.46 10.45 -35.17
CA LEU C 359 -21.68 10.00 -36.30
C LEU C 359 -20.75 11.13 -36.74
N GLY C 360 -19.47 10.81 -36.90
CA GLY C 360 -18.45 11.80 -37.11
C GLY C 360 -18.34 12.28 -38.55
N PRO C 361 -17.33 13.11 -38.82
CA PRO C 361 -17.13 13.60 -40.19
C PRO C 361 -16.75 12.50 -41.16
N ASP C 362 -16.01 11.49 -40.70
CA ASP C 362 -15.61 10.37 -41.54
C ASP C 362 -16.54 9.17 -41.39
N ASP C 363 -17.81 9.42 -41.04
CA ASP C 363 -18.85 8.41 -40.81
C ASP C 363 -18.44 7.35 -39.79
N HIS C 364 -17.53 7.70 -38.88
CA HIS C 364 -17.22 6.86 -37.72
C HIS C 364 -18.24 7.12 -36.62
N VAL C 365 -18.53 6.08 -35.85
CA VAL C 365 -19.31 6.26 -34.63
C VAL C 365 -18.40 6.83 -33.56
N LEU C 366 -18.87 7.87 -32.91
CA LEU C 366 -18.12 8.55 -31.86
C LEU C 366 -18.89 8.40 -30.55
N ILE C 367 -18.24 7.82 -29.55
CA ILE C 367 -18.90 7.57 -28.27
C ILE C 367 -18.19 8.40 -27.19
N PRO C 368 -18.65 9.61 -26.92
CA PRO C 368 -17.96 10.49 -25.97
C PRO C 368 -17.47 9.88 -24.67
N GLU C 369 -18.36 9.42 -23.77
CA GLU C 369 -17.92 8.91 -22.46
C GLU C 369 -16.77 7.91 -22.58
N MET C 370 -16.66 7.26 -23.72
CA MET C 370 -15.64 6.26 -23.95
C MET C 370 -14.64 6.66 -25.04
N GLN C 371 -14.95 7.65 -25.87
CA GLN C 371 -14.01 8.20 -26.83
C GLN C 371 -13.43 9.21 -25.84
N SER C 372 -12.76 8.70 -24.81
CA SER C 372 -11.91 9.52 -23.97
C SER C 372 -10.74 8.55 -23.85
N SER C 373 -10.40 7.92 -24.98
CA SER C 373 -9.19 7.11 -25.05
C SER C 373 -8.19 7.80 -25.96
N LEU C 374 -7.84 9.05 -25.62
CA LEU C 374 -6.85 9.84 -26.34
C LEU C 374 -7.26 10.11 -27.79
N LEU C 375 -8.53 10.48 -27.99
CA LEU C 375 -9.00 10.98 -29.27
C LEU C 375 -9.80 12.25 -29.02
N GLN C 376 -9.22 13.39 -29.38
CA GLN C 376 -9.90 14.68 -29.31
C GLN C 376 -10.56 14.90 -30.66
N GLN C 377 -11.88 14.86 -30.70
CA GLN C 377 -12.63 15.00 -31.94
C GLN C 377 -13.55 16.19 -31.80
N HIS C 378 -13.32 17.23 -32.59
CA HIS C 378 -13.91 18.53 -32.33
C HIS C 378 -15.30 18.62 -32.95
N MET C 379 -16.22 17.88 -32.34
CA MET C 379 -17.65 18.01 -32.63
C MET C 379 -18.44 18.52 -31.43
N GLU C 380 -17.75 18.95 -30.37
CA GLU C 380 -18.40 19.58 -29.22
C GLU C 380 -18.63 21.06 -29.52
N LEU C 381 -19.32 21.31 -30.63
CA LEU C 381 -19.62 22.68 -31.03
C LEU C 381 -20.71 23.26 -30.14
N LEU C 382 -20.82 24.59 -30.18
CA LEU C 382 -22.05 25.22 -29.74
C LEU C 382 -23.19 24.60 -30.55
N LYS C 383 -24.01 23.80 -29.89
CA LYS C 383 -25.20 23.31 -30.56
C LYS C 383 -26.29 24.31 -30.20
N SER C 384 -27.25 24.47 -31.10
CA SER C 384 -28.22 25.56 -31.01
C SER C 384 -28.79 25.73 -29.61
N SER C 385 -29.12 26.97 -29.29
CA SER C 385 -29.73 27.35 -28.02
C SER C 385 -31.13 27.89 -28.27
N VAL C 386 -32.15 27.12 -27.90
CA VAL C 386 -33.52 27.64 -27.80
C VAL C 386 -34.22 27.01 -26.62
N ILE C 387 -35.19 27.74 -26.09
CA ILE C 387 -36.18 27.20 -25.16
C ILE C 387 -37.54 27.63 -25.69
N PRO C 388 -38.54 26.74 -25.75
CA PRO C 388 -39.83 27.17 -26.28
C PRO C 388 -40.67 27.91 -25.24
N ALA D 4 -18.14 -40.96 -10.43
CA ALA D 4 -19.24 -41.92 -10.30
C ALA D 4 -18.98 -42.99 -9.22
N LEU D 5 -19.40 -44.23 -9.51
CA LEU D 5 -19.17 -45.37 -8.65
C LEU D 5 -18.70 -46.52 -9.52
N THR D 6 -17.69 -47.25 -9.04
CA THR D 6 -17.09 -48.33 -9.83
C THR D 6 -17.63 -49.66 -9.37
N GLN D 7 -18.20 -50.41 -10.33
CA GLN D 7 -18.78 -51.71 -10.07
C GLN D 7 -18.20 -52.65 -11.11
N PRO D 8 -17.55 -53.76 -10.71
CA PRO D 8 -16.99 -54.69 -11.69
C PRO D 8 -18.06 -55.11 -12.70
N ARG D 9 -17.65 -55.20 -13.97
CA ARG D 9 -18.60 -55.41 -15.05
C ARG D 9 -19.43 -56.67 -14.84
N SER D 10 -18.80 -57.72 -14.32
CA SER D 10 -19.47 -58.99 -14.02
C SER D 10 -18.48 -59.91 -13.31
N VAL D 11 -19.04 -60.88 -12.60
CA VAL D 11 -18.27 -61.93 -11.94
C VAL D 11 -18.95 -63.29 -12.19
N SER D 12 -18.53 -64.31 -11.43
CA SER D 12 -18.94 -65.68 -11.70
C SER D 12 -19.39 -66.37 -10.40
N GLY D 13 -20.30 -67.33 -10.54
CA GLY D 13 -20.76 -68.09 -9.40
C GLY D 13 -21.39 -69.40 -9.81
N SER D 14 -21.65 -70.24 -8.81
CA SER D 14 -22.18 -71.58 -9.03
C SER D 14 -22.89 -72.05 -7.77
N PRO D 15 -23.97 -72.83 -7.90
CA PRO D 15 -24.75 -73.22 -6.72
C PRO D 15 -23.93 -74.04 -5.72
N GLY D 16 -24.09 -73.71 -4.44
CA GLY D 16 -23.32 -74.35 -3.41
C GLY D 16 -22.00 -73.70 -3.12
N GLN D 17 -21.86 -72.40 -3.39
CA GLN D 17 -20.59 -71.70 -3.25
C GLN D 17 -20.92 -70.27 -2.81
N SER D 18 -19.94 -69.37 -2.95
CA SER D 18 -20.09 -67.97 -2.56
C SER D 18 -19.66 -67.08 -3.71
N VAL D 19 -20.14 -65.84 -3.66
CA VAL D 19 -19.78 -64.84 -4.66
C VAL D 19 -19.79 -63.47 -3.99
N THR D 20 -18.95 -62.57 -4.51
CA THR D 20 -18.77 -61.25 -3.93
C THR D 20 -18.58 -60.22 -5.03
N ILE D 21 -19.15 -59.04 -4.82
CA ILE D 21 -19.01 -57.91 -5.74
C ILE D 21 -18.35 -56.75 -4.99
N SER D 22 -17.58 -55.95 -5.71
CA SER D 22 -16.98 -54.74 -5.14
C SER D 22 -17.70 -53.50 -5.66
N CYS D 23 -17.51 -52.39 -4.96
CA CYS D 23 -18.07 -51.10 -5.33
C CYS D 23 -17.08 -50.02 -4.91
N THR D 24 -15.87 -50.10 -5.46
CA THR D 24 -14.84 -49.11 -5.16
C THR D 24 -15.34 -47.71 -5.49
N GLY D 25 -15.33 -46.84 -4.49
CA GLY D 25 -15.74 -45.46 -4.71
C GLY D 25 -16.67 -44.92 -3.65
N THR D 26 -17.00 -45.77 -2.66
CA THR D 26 -17.79 -45.30 -1.54
C THR D 26 -17.04 -44.22 -0.78
N SER D 27 -17.79 -43.37 -0.09
CA SER D 27 -17.16 -42.24 0.56
C SER D 27 -18.04 -41.75 1.70
N SER D 28 -17.39 -41.32 2.77
CA SER D 28 -18.04 -40.64 3.88
C SER D 28 -17.97 -39.17 3.49
N ASP D 29 -18.90 -38.37 4.00
CA ASP D 29 -18.84 -36.93 3.75
C ASP D 29 -17.97 -36.40 4.89
N ILE D 30 -17.70 -35.08 4.87
CA ILE D 30 -16.79 -34.50 5.85
C ILE D 30 -17.25 -34.73 7.28
N GLY D 31 -18.55 -34.91 7.51
CA GLY D 31 -19.10 -35.26 8.80
C GLY D 31 -19.23 -36.75 9.04
N GLY D 32 -18.69 -37.59 8.16
CA GLY D 32 -18.71 -39.02 8.37
C GLY D 32 -20.05 -39.69 8.18
N TYR D 33 -20.89 -39.18 7.29
CA TYR D 33 -22.15 -39.83 6.96
C TYR D 33 -22.01 -40.57 5.64
N ASN D 34 -22.41 -41.84 5.64
CA ASN D 34 -22.36 -42.70 4.48
C ASN D 34 -23.68 -43.44 4.36
N PHE D 35 -24.05 -43.82 3.13
CA PHE D 35 -25.19 -44.71 3.00
C PHE D 35 -25.09 -45.45 1.67
N VAL D 36 -24.19 -46.43 1.62
CA VAL D 36 -24.12 -47.32 0.48
C VAL D 36 -25.28 -48.30 0.56
N SER D 37 -25.96 -48.49 -0.57
CA SER D 37 -27.14 -49.36 -0.62
C SER D 37 -27.16 -50.09 -1.94
N TRP D 38 -27.23 -51.41 -1.88
CA TRP D 38 -27.27 -52.23 -3.08
C TRP D 38 -28.71 -52.41 -3.53
N TYR D 39 -28.88 -52.64 -4.83
CA TYR D 39 -30.21 -52.74 -5.42
C TYR D 39 -30.13 -53.70 -6.59
N GLN D 40 -31.22 -54.45 -6.82
CA GLN D 40 -31.27 -55.48 -7.87
C GLN D 40 -32.71 -55.61 -8.38
N GLN D 41 -33.04 -54.85 -9.44
CA GLN D 41 -34.26 -55.13 -10.17
C GLN D 41 -34.04 -56.34 -11.07
N HIS D 42 -35.12 -56.84 -11.65
CA HIS D 42 -34.97 -58.09 -12.37
C HIS D 42 -35.01 -57.54 -13.81
N PRO D 43 -35.43 -58.25 -14.88
CA PRO D 43 -35.37 -57.67 -16.24
C PRO D 43 -36.19 -56.37 -16.32
N GLY D 44 -37.52 -56.49 -16.33
CA GLY D 44 -38.40 -55.30 -16.40
C GLY D 44 -39.05 -55.00 -15.05
N LYS D 45 -38.87 -55.90 -14.08
CA LYS D 45 -39.45 -55.71 -12.76
C LYS D 45 -38.98 -54.39 -12.15
N ALA D 46 -39.66 -53.97 -11.09
CA ALA D 46 -39.21 -52.82 -10.33
C ALA D 46 -38.08 -53.22 -9.38
N PRO D 47 -37.17 -52.31 -9.10
CA PRO D 47 -36.07 -52.63 -8.18
C PRO D 47 -36.57 -53.06 -6.81
N LYS D 48 -35.78 -53.91 -6.16
CA LYS D 48 -35.98 -54.17 -4.75
C LYS D 48 -34.68 -53.91 -4.01
N LEU D 49 -34.82 -53.36 -2.80
CA LEU D 49 -33.67 -53.21 -1.92
C LEU D 49 -33.28 -54.56 -1.34
N MET D 50 -31.98 -54.86 -1.33
CA MET D 50 -31.48 -56.13 -0.85
C MET D 50 -30.46 -55.99 0.28
N ILE D 51 -29.64 -54.93 0.26
CA ILE D 51 -28.70 -54.61 1.34
C ILE D 51 -28.70 -53.10 1.44
N TYR D 52 -29.24 -52.55 2.53
CA TYR D 52 -29.57 -51.13 2.54
C TYR D 52 -28.53 -50.25 3.20
N ASP D 53 -28.05 -50.58 4.38
CA ASP D 53 -26.93 -49.79 4.89
C ASP D 53 -25.69 -50.45 4.32
N ALA D 54 -24.55 -50.34 4.99
CA ALA D 54 -23.38 -51.12 4.57
C ALA D 54 -23.67 -52.62 4.64
N THR D 55 -24.38 -53.05 5.70
CA THR D 55 -24.53 -54.45 6.05
C THR D 55 -25.96 -54.91 6.29
N LYS D 56 -26.94 -54.02 6.32
CA LYS D 56 -28.26 -54.34 6.82
C LYS D 56 -29.22 -54.73 5.69
N ARG D 57 -30.26 -55.51 6.06
CA ARG D 57 -31.20 -56.15 5.13
C ARG D 57 -32.64 -55.71 5.40
N PRO D 58 -33.42 -55.44 4.34
CA PRO D 58 -34.59 -54.55 4.49
C PRO D 58 -35.95 -55.22 4.66
N SER D 59 -36.29 -56.22 3.84
CA SER D 59 -37.65 -56.75 3.89
C SER D 59 -37.93 -58.25 3.73
N GLY D 60 -37.56 -58.82 2.59
CA GLY D 60 -37.66 -60.25 2.40
C GLY D 60 -36.27 -60.65 1.93
N VAL D 61 -35.35 -60.73 2.87
CA VAL D 61 -33.93 -61.04 2.60
C VAL D 61 -33.47 -62.02 3.67
N PRO D 62 -32.68 -63.04 3.32
CA PRO D 62 -32.25 -64.00 4.33
C PRO D 62 -30.84 -63.79 4.87
N ASP D 63 -30.32 -64.83 5.53
CA ASP D 63 -29.04 -64.73 6.23
C ASP D 63 -27.83 -64.94 5.32
N ARG D 64 -28.03 -65.27 4.05
CA ARG D 64 -26.91 -65.49 3.15
C ARG D 64 -26.45 -64.20 2.47
N PHE D 65 -27.00 -63.06 2.84
CA PHE D 65 -26.49 -61.76 2.42
C PHE D 65 -25.56 -61.20 3.50
N SER D 66 -24.39 -60.72 3.09
CA SER D 66 -23.36 -60.34 4.05
C SER D 66 -23.40 -58.86 4.41
N GLY D 67 -22.24 -58.30 4.75
CA GLY D 67 -22.13 -56.90 5.11
C GLY D 67 -20.70 -56.43 5.14
N SER D 68 -20.40 -55.38 4.39
CA SER D 68 -19.01 -55.00 4.20
C SER D 68 -18.89 -53.57 3.71
N LYS D 69 -17.73 -52.98 4.00
CA LYS D 69 -17.34 -51.63 3.66
C LYS D 69 -15.84 -51.54 3.97
N SER D 70 -15.08 -50.89 3.10
CA SER D 70 -13.63 -50.81 3.24
C SER D 70 -13.15 -49.39 3.00
N GLY D 71 -13.84 -48.42 3.56
CA GLY D 71 -13.50 -47.03 3.38
C GLY D 71 -14.01 -46.49 2.06
N ASN D 72 -13.24 -46.68 1.00
CA ASN D 72 -13.63 -46.27 -0.35
C ASN D 72 -14.20 -47.43 -1.15
N THR D 73 -14.69 -48.48 -0.49
CA THR D 73 -15.24 -49.64 -1.19
C THR D 73 -16.17 -50.38 -0.26
N ALA D 74 -17.40 -50.62 -0.71
CA ALA D 74 -18.33 -51.51 -0.03
C ALA D 74 -18.55 -52.76 -0.87
N SER D 75 -19.16 -53.77 -0.27
CA SER D 75 -19.34 -55.05 -0.96
C SER D 75 -20.65 -55.69 -0.55
N LEU D 76 -21.01 -56.74 -1.29
CA LEU D 76 -22.21 -57.54 -1.04
C LEU D 76 -21.86 -58.99 -1.34
N THR D 77 -21.76 -59.81 -0.30
CA THR D 77 -21.34 -61.20 -0.45
C THR D 77 -22.54 -62.11 -0.22
N ILE D 78 -22.81 -62.99 -1.19
CA ILE D 78 -23.81 -64.03 -1.03
C ILE D 78 -23.10 -65.30 -0.59
N SER D 79 -23.64 -65.95 0.44
CA SER D 79 -22.98 -67.11 1.05
C SER D 79 -23.41 -68.44 0.42
N GLY D 80 -24.70 -68.60 0.13
CA GLY D 80 -25.20 -69.74 -0.64
C GLY D 80 -25.75 -69.24 -1.96
N LEU D 81 -25.40 -69.94 -3.04
CA LEU D 81 -25.79 -69.50 -4.39
C LEU D 81 -27.02 -70.32 -4.81
N GLN D 82 -28.17 -69.92 -4.28
CA GLN D 82 -29.42 -70.65 -4.47
C GLN D 82 -30.47 -69.81 -5.18
N ALA D 83 -30.04 -68.76 -5.89
CA ALA D 83 -30.97 -67.89 -6.58
C ALA D 83 -30.67 -67.87 -8.07
N CYS D 91 -24.89 -51.18 -6.42
CA CYS D 91 -24.65 -50.35 -5.25
C CYS D 91 -25.11 -48.91 -5.47
N CYS D 92 -25.33 -48.19 -4.37
CA CYS D 92 -25.79 -46.80 -4.41
C CYS D 92 -25.33 -46.11 -3.14
N SER D 93 -24.56 -45.04 -3.28
CA SER D 93 -24.01 -44.33 -2.13
C SER D 93 -24.56 -42.92 -2.06
N TYR D 94 -24.30 -42.28 -0.92
CA TYR D 94 -24.65 -40.89 -0.67
C TYR D 94 -23.37 -40.08 -0.77
N ALA D 95 -23.20 -39.30 -1.84
CA ALA D 95 -22.06 -38.35 -1.84
C ALA D 95 -23.00 -37.18 -1.64
N GLY D 96 -23.14 -36.69 -0.41
CA GLY D 96 -23.87 -35.42 -0.22
C GLY D 96 -23.19 -34.11 0.16
N ASP D 97 -21.87 -33.97 0.02
CA ASP D 97 -21.33 -32.71 0.51
C ASP D 97 -21.21 -31.64 -0.56
N TYR D 98 -20.66 -31.99 -1.72
CA TYR D 98 -20.49 -31.03 -2.81
C TYR D 98 -21.30 -31.44 -4.03
N THR D 99 -22.23 -32.37 -3.87
CA THR D 99 -23.10 -32.89 -4.92
C THR D 99 -24.51 -33.00 -4.35
N PRO D 100 -25.54 -32.95 -5.22
CA PRO D 100 -26.92 -32.73 -4.72
C PRO D 100 -27.64 -33.96 -4.15
N GLY D 101 -27.42 -35.14 -4.71
CA GLY D 101 -28.24 -36.28 -4.30
C GLY D 101 -27.48 -37.55 -3.96
N VAL D 102 -27.81 -38.62 -4.68
CA VAL D 102 -27.16 -39.92 -4.53
C VAL D 102 -26.88 -40.48 -5.92
N VAL D 103 -25.85 -41.33 -6.00
CA VAL D 103 -25.46 -41.94 -7.26
C VAL D 103 -25.56 -43.45 -7.16
N PHE D 104 -25.29 -44.14 -8.26
CA PHE D 104 -25.59 -45.56 -8.39
C PHE D 104 -24.41 -46.26 -9.05
N GLY D 105 -24.44 -47.59 -9.01
CA GLY D 105 -23.44 -48.39 -9.67
C GLY D 105 -23.70 -48.51 -11.16
N GLY D 106 -23.16 -49.58 -11.75
CA GLY D 106 -23.34 -49.86 -13.15
C GLY D 106 -24.14 -51.11 -13.44
N GLY D 107 -24.74 -51.74 -12.43
CA GLY D 107 -25.43 -52.99 -12.61
C GLY D 107 -24.48 -54.16 -12.78
N THR D 108 -24.70 -55.23 -12.03
CA THR D 108 -23.84 -56.41 -12.14
C THR D 108 -24.67 -57.69 -12.26
N LEU D 141 -46.95 -49.12 -4.53
CA LEU D 141 -46.93 -49.90 -5.77
C LEU D 141 -47.88 -49.33 -6.81
N VAL D 142 -47.96 -48.00 -6.93
CA VAL D 142 -48.94 -47.35 -7.81
C VAL D 142 -48.26 -46.21 -8.58
N GLN D 143 -48.02 -46.42 -9.87
CA GLN D 143 -47.61 -45.38 -10.80
C GLN D 143 -48.65 -45.28 -11.90
N SER D 144 -48.34 -44.48 -12.92
CA SER D 144 -49.13 -44.42 -14.13
C SER D 144 -48.57 -45.41 -15.15
N GLY D 145 -49.13 -45.38 -16.37
CA GLY D 145 -48.73 -46.29 -17.42
C GLY D 145 -47.76 -45.66 -18.42
N ALA D 146 -47.40 -46.46 -19.42
CA ALA D 146 -46.44 -46.03 -20.43
C ALA D 146 -46.96 -44.81 -21.19
N GLU D 147 -46.20 -43.71 -21.14
CA GLU D 147 -46.59 -42.46 -21.78
C GLU D 147 -45.65 -42.14 -22.94
N VAL D 148 -45.55 -43.05 -23.90
CA VAL D 148 -44.65 -42.87 -25.04
C VAL D 148 -45.04 -41.64 -25.83
N LYS D 149 -44.06 -40.78 -26.10
CA LYS D 149 -44.25 -39.62 -26.96
C LYS D 149 -42.90 -38.99 -27.27
N LYS D 150 -42.78 -38.42 -28.48
CA LYS D 150 -41.62 -37.61 -28.85
C LYS D 150 -42.06 -36.25 -29.42
N PRO D 151 -42.88 -35.49 -28.68
CA PRO D 151 -43.30 -34.18 -29.19
C PRO D 151 -42.26 -33.09 -29.02
N GLY D 152 -41.08 -33.42 -28.50
CA GLY D 152 -40.11 -32.39 -28.19
C GLY D 152 -40.59 -31.38 -27.18
N SER D 153 -41.59 -31.74 -26.37
CA SER D 153 -42.15 -30.82 -25.37
C SER D 153 -42.16 -31.12 -23.87
N SER D 154 -43.03 -32.03 -23.41
CA SER D 154 -43.34 -32.15 -21.99
C SER D 154 -43.87 -33.55 -21.71
N VAL D 155 -43.76 -33.93 -20.44
CA VAL D 155 -44.28 -35.18 -19.89
C VAL D 155 -44.69 -34.94 -18.45
N LYS D 156 -45.82 -35.52 -18.03
CA LYS D 156 -46.39 -35.29 -16.71
C LYS D 156 -46.84 -36.65 -16.16
N VAL D 157 -46.12 -37.14 -15.15
CA VAL D 157 -46.36 -38.47 -14.60
C VAL D 157 -46.92 -38.32 -13.19
N SER D 158 -47.54 -39.40 -12.70
CA SER D 158 -48.18 -39.41 -11.40
C SER D 158 -47.71 -40.60 -10.57
N CYS D 159 -47.87 -40.49 -9.26
CA CYS D 159 -47.46 -41.53 -8.32
C CYS D 159 -48.17 -41.30 -6.99
N LYS D 160 -48.58 -42.39 -6.35
CA LYS D 160 -49.23 -42.38 -5.04
C LYS D 160 -49.21 -43.81 -4.50
N ALA D 161 -49.62 -43.96 -3.23
CA ALA D 161 -49.70 -45.27 -2.59
C ALA D 161 -50.88 -45.28 -1.62
N SER D 162 -50.99 -46.36 -0.85
CA SER D 162 -52.08 -46.54 0.12
C SER D 162 -52.04 -45.45 1.19
N ASN D 167 -44.34 -40.81 8.39
CA ASN D 167 -43.77 -39.56 8.88
C ASN D 167 -42.91 -38.83 7.85
N ARG D 168 -41.63 -39.18 7.73
CA ARG D 168 -40.72 -38.53 6.79
C ARG D 168 -40.52 -39.42 5.58
N TYR D 169 -40.70 -38.86 4.37
CA TYR D 169 -40.53 -39.66 3.15
C TYR D 169 -40.37 -38.77 1.93
N THR D 170 -39.77 -39.35 0.88
CA THR D 170 -39.26 -38.64 -0.27
C THR D 170 -39.73 -39.30 -1.56
N VAL D 171 -40.00 -38.48 -2.58
CA VAL D 171 -40.49 -38.97 -3.88
C VAL D 171 -39.42 -38.64 -4.91
N ASN D 172 -38.65 -39.65 -5.31
CA ASN D 172 -37.41 -39.45 -6.05
C ASN D 172 -37.19 -40.62 -7.01
N TRP D 173 -37.18 -40.36 -8.33
CA TRP D 173 -37.59 -41.46 -9.21
C TRP D 173 -37.27 -41.58 -10.70
N VAL D 174 -36.48 -40.69 -11.32
CA VAL D 174 -36.51 -40.87 -12.77
C VAL D 174 -35.94 -41.67 -13.93
N ARG D 175 -34.65 -42.04 -13.95
CA ARG D 175 -33.96 -42.32 -15.23
C ARG D 175 -33.58 -43.78 -15.44
N GLN D 176 -34.33 -44.50 -16.29
CA GLN D 176 -33.97 -45.87 -16.70
C GLN D 176 -34.19 -46.07 -18.19
N ALA D 177 -33.11 -46.08 -18.95
CA ALA D 177 -33.13 -46.26 -20.40
C ALA D 177 -32.66 -47.66 -20.77
N PRO D 178 -32.90 -48.11 -22.03
CA PRO D 178 -32.64 -49.53 -22.36
C PRO D 178 -31.28 -50.06 -21.94
N GLY D 179 -30.21 -49.36 -22.29
CA GLY D 179 -28.89 -49.70 -21.80
C GLY D 179 -28.30 -48.48 -21.12
N GLN D 180 -28.60 -48.29 -19.84
CA GLN D 180 -28.38 -47.01 -19.20
C GLN D 180 -27.60 -47.25 -17.90
N GLY D 181 -27.25 -46.16 -17.21
CA GLY D 181 -26.53 -46.21 -15.95
C GLY D 181 -26.87 -45.17 -14.89
N LEU D 182 -27.24 -43.96 -15.31
CA LEU D 182 -27.57 -42.84 -14.45
C LEU D 182 -29.03 -42.88 -14.00
N GLU D 183 -29.29 -42.37 -12.79
CA GLU D 183 -30.61 -42.54 -12.17
C GLU D 183 -31.36 -41.45 -11.42
N TRP D 184 -30.73 -40.84 -10.42
CA TRP D 184 -31.44 -40.01 -9.45
C TRP D 184 -31.32 -38.62 -10.06
N MET D 185 -32.46 -37.95 -10.23
CA MET D 185 -32.50 -36.57 -10.69
C MET D 185 -33.22 -35.66 -9.72
N GLY D 186 -34.38 -36.07 -9.21
CA GLY D 186 -35.21 -35.17 -8.47
C GLY D 186 -36.12 -35.82 -7.45
N GLY D 187 -36.13 -35.25 -6.24
CA GLY D 187 -37.06 -35.65 -5.21
C GLY D 187 -37.89 -34.46 -4.76
N ILE D 188 -38.91 -34.75 -3.96
CA ILE D 188 -39.68 -33.71 -3.28
C ILE D 188 -40.19 -34.25 -1.96
N ILE D 189 -40.19 -33.39 -0.94
CA ILE D 189 -40.68 -33.74 0.38
C ILE D 189 -41.82 -32.77 0.69
N PRO D 190 -43.03 -33.01 0.18
CA PRO D 190 -44.10 -31.99 0.28
C PRO D 190 -44.47 -31.59 1.70
N ILE D 191 -44.04 -32.33 2.72
CA ILE D 191 -44.32 -31.94 4.10
C ILE D 191 -43.79 -30.53 4.37
N PHE D 192 -42.52 -30.30 4.07
CA PHE D 192 -41.95 -28.97 4.11
C PHE D 192 -42.06 -28.25 2.77
N GLY D 193 -42.55 -28.93 1.74
CA GLY D 193 -42.68 -28.31 0.43
C GLY D 193 -41.37 -28.00 -0.25
N THR D 194 -40.38 -28.88 -0.10
CA THR D 194 -39.06 -28.67 -0.67
C THR D 194 -38.72 -29.79 -1.65
N ALA D 195 -37.87 -29.46 -2.62
CA ALA D 195 -37.53 -30.40 -3.68
C ALA D 195 -36.12 -30.12 -4.17
N ASN D 196 -35.40 -31.19 -4.50
CA ASN D 196 -34.03 -31.09 -5.01
C ASN D 196 -33.95 -31.74 -6.39
N TYR D 197 -33.46 -30.97 -7.35
CA TYR D 197 -33.36 -31.36 -8.75
C TYR D 197 -31.89 -31.52 -9.10
N ALA D 198 -31.56 -32.52 -9.92
CA ALA D 198 -30.17 -32.67 -10.33
C ALA D 198 -29.84 -31.74 -11.50
N GLN D 199 -28.55 -31.59 -11.76
CA GLN D 199 -28.05 -30.48 -12.59
C GLN D 199 -28.34 -30.67 -14.08
N ARG D 200 -27.95 -31.81 -14.66
CA ARG D 200 -28.02 -31.96 -16.11
C ARG D 200 -29.43 -31.76 -16.64
N PHE D 201 -30.44 -32.12 -15.86
CA PHE D 201 -31.84 -31.87 -16.18
C PHE D 201 -32.42 -30.73 -15.36
N GLN D 202 -31.57 -29.92 -14.72
CA GLN D 202 -32.00 -28.76 -13.97
C GLN D 202 -32.35 -27.62 -14.93
N GLY D 203 -33.16 -26.68 -14.42
CA GLY D 203 -33.62 -25.60 -15.25
C GLY D 203 -34.75 -25.98 -16.18
N ARG D 204 -35.29 -27.18 -16.03
CA ARG D 204 -36.42 -27.61 -16.85
C ARG D 204 -37.45 -28.33 -16.00
N LEU D 205 -36.99 -29.25 -15.16
CA LEU D 205 -37.87 -30.07 -14.34
C LEU D 205 -38.31 -29.32 -13.08
N THR D 206 -39.57 -29.59 -12.65
CA THR D 206 -40.11 -29.11 -11.38
C THR D 206 -41.03 -30.21 -10.80
N ILE D 207 -40.43 -31.19 -10.15
CA ILE D 207 -41.20 -32.29 -9.55
C ILE D 207 -42.00 -31.77 -8.36
N THR D 208 -43.32 -31.93 -8.42
CA THR D 208 -44.19 -31.60 -7.29
C THR D 208 -45.08 -32.78 -6.92
N SER D 214 -53.22 -35.11 -2.71
CA SER D 214 -53.14 -36.40 -2.02
C SER D 214 -51.75 -37.00 -2.17
N THR D 215 -50.97 -36.45 -3.09
CA THR D 215 -49.69 -37.04 -3.47
C THR D 215 -48.94 -36.07 -4.36
N ALA D 216 -47.69 -36.42 -4.65
CA ALA D 216 -46.81 -35.63 -5.51
C ALA D 216 -46.68 -36.28 -6.88
N TYR D 217 -46.15 -35.50 -7.83
CA TYR D 217 -46.08 -35.92 -9.24
C TYR D 217 -44.76 -35.51 -9.85
N MET D 218 -44.63 -35.80 -11.15
CA MET D 218 -43.40 -35.64 -11.92
C MET D 218 -43.56 -34.44 -12.87
N GLU D 219 -42.49 -34.09 -13.57
CA GLU D 219 -42.51 -32.92 -14.44
C GLU D 219 -41.30 -32.91 -15.36
N LEU D 220 -41.50 -33.18 -16.65
CA LEU D 220 -40.42 -33.18 -17.63
C LEU D 220 -40.68 -32.11 -18.67
N SER D 221 -39.65 -31.33 -19.00
CA SER D 221 -39.82 -30.15 -19.84
C SER D 221 -39.23 -30.28 -21.24
N SER D 222 -38.44 -31.31 -21.52
CA SER D 222 -37.90 -31.50 -22.86
C SER D 222 -37.53 -32.96 -23.02
N LEU D 223 -38.09 -33.61 -24.04
CA LEU D 223 -37.77 -35.00 -24.30
C LEU D 223 -36.60 -35.19 -25.25
N ARG D 224 -36.30 -34.18 -26.09
CA ARG D 224 -35.20 -34.28 -27.04
C ARG D 224 -35.30 -35.58 -27.84
N SER D 225 -34.31 -36.45 -27.65
CA SER D 225 -34.38 -37.82 -28.13
C SER D 225 -33.76 -38.82 -27.17
N ASP D 226 -32.95 -38.37 -26.18
CA ASP D 226 -32.36 -39.24 -25.17
C ASP D 226 -33.31 -39.57 -24.03
N ASP D 227 -34.43 -38.85 -23.90
CA ASP D 227 -35.41 -39.14 -22.88
C ASP D 227 -36.16 -40.24 -23.60
N THR D 228 -35.58 -41.44 -23.63
CA THR D 228 -36.25 -42.65 -24.08
C THR D 228 -35.86 -43.52 -22.90
N ALA D 229 -36.69 -43.51 -21.86
CA ALA D 229 -36.32 -44.17 -20.62
C ALA D 229 -37.56 -44.75 -19.94
N VAL D 230 -37.31 -45.71 -19.06
CA VAL D 230 -38.38 -46.33 -18.25
C VAL D 230 -38.39 -45.59 -16.93
N TYR D 231 -39.09 -44.45 -16.91
CA TYR D 231 -39.18 -43.61 -15.72
C TYR D 231 -39.96 -44.35 -14.65
N PHE D 232 -39.25 -44.92 -13.68
CA PHE D 232 -39.87 -45.67 -12.58
C PHE D 232 -40.38 -44.68 -11.53
N CYS D 233 -40.88 -45.18 -10.38
CA CYS D 233 -41.18 -44.34 -9.22
C CYS D 233 -40.62 -44.98 -7.95
N ALA D 234 -40.33 -44.14 -6.96
CA ALA D 234 -39.61 -44.55 -5.78
C ALA D 234 -39.92 -43.60 -4.62
N ARG D 235 -40.12 -44.17 -3.45
CA ARG D 235 -40.25 -43.40 -2.23
C ARG D 235 -39.17 -43.86 -1.27
N GLU D 236 -38.98 -43.07 -0.21
CA GLU D 236 -38.09 -43.42 0.88
C GLU D 236 -38.91 -43.37 2.17
N ASN D 237 -38.26 -43.61 3.30
CA ASN D 237 -38.95 -43.68 4.58
C ASN D 237 -38.21 -42.87 5.64
N LEU D 238 -38.49 -43.16 6.91
CA LEU D 238 -38.18 -42.30 8.03
C LEU D 238 -37.28 -43.00 9.04
N ASP D 239 -36.53 -42.20 9.81
CA ASP D 239 -35.75 -42.68 10.95
C ASP D 239 -36.23 -42.07 12.25
N ASN D 240 -37.45 -41.55 12.27
CA ASN D 240 -38.03 -40.87 13.44
C ASN D 240 -37.15 -39.71 13.88
N TYR D 244 -28.24 -35.96 8.34
CA TYR D 244 -27.87 -36.04 6.94
C TYR D 244 -28.68 -37.14 6.23
N TYR D 245 -29.94 -37.30 6.63
CA TYR D 245 -30.73 -38.44 6.15
C TYR D 245 -31.28 -38.21 4.74
N TYR D 246 -32.17 -37.23 4.58
CA TYR D 246 -33.00 -37.12 3.38
C TYR D 246 -32.15 -37.19 2.13
N PHE D 247 -32.69 -37.86 1.10
CA PHE D 247 -32.04 -38.08 -0.18
C PHE D 247 -30.81 -38.98 -0.07
N SER D 248 -30.82 -39.92 0.88
CA SER D 248 -29.87 -41.03 0.92
C SER D 248 -30.49 -42.24 0.26
N GLY D 249 -29.64 -43.21 -0.10
CA GLY D 249 -30.15 -44.35 -0.81
C GLY D 249 -30.95 -45.32 0.03
N TRP D 250 -32.12 -44.93 0.56
CA TRP D 250 -33.08 -45.90 1.11
C TRP D 250 -34.42 -45.79 0.34
N PHE D 251 -34.49 -46.39 -0.85
CA PHE D 251 -35.73 -46.40 -1.66
C PHE D 251 -36.47 -47.72 -1.41
N ASP D 252 -37.03 -47.91 -0.21
CA ASP D 252 -37.65 -49.22 0.11
C ASP D 252 -38.74 -49.55 -0.93
N PRO D 253 -39.85 -48.77 -1.03
CA PRO D 253 -40.95 -49.09 -1.96
C PRO D 253 -40.72 -48.53 -3.37
N TRP D 254 -41.64 -48.83 -4.30
CA TRP D 254 -41.51 -48.35 -5.68
C TRP D 254 -42.82 -48.37 -6.47
N GLY D 255 -42.71 -48.80 -7.72
CA GLY D 255 -43.81 -48.82 -8.63
C GLY D 255 -43.61 -49.64 -9.88
N GLN D 256 -44.12 -49.15 -11.01
CA GLN D 256 -44.08 -49.83 -12.29
C GLN D 256 -43.69 -48.86 -13.40
N GLY D 257 -42.77 -49.29 -14.27
CA GLY D 257 -42.10 -48.41 -15.21
C GLY D 257 -42.96 -47.62 -16.18
N THR D 258 -42.74 -46.30 -16.21
CA THR D 258 -43.43 -45.39 -17.13
C THR D 258 -42.31 -45.44 -18.18
N LEU D 259 -42.63 -46.12 -19.29
CA LEU D 259 -41.72 -46.29 -20.42
C LEU D 259 -42.24 -45.07 -21.17
N VAL D 260 -41.35 -44.14 -21.50
CA VAL D 260 -41.69 -42.90 -22.19
C VAL D 260 -40.64 -42.82 -23.29
N THR D 261 -41.09 -42.84 -24.54
CA THR D 261 -40.21 -42.82 -25.71
C THR D 261 -40.39 -41.55 -26.52
N LYS E 1 -9.43 16.86 7.95
CA LYS E 1 -9.86 17.41 6.67
C LYS E 1 -10.64 18.70 6.93
N PHE E 2 -11.60 19.06 6.00
CA PHE E 2 -12.42 20.23 6.28
C PHE E 2 -13.66 19.85 7.08
N PRO E 3 -14.11 20.71 7.99
CA PRO E 3 -15.44 20.52 8.59
C PRO E 3 -16.52 20.59 7.51
N ILE E 4 -17.61 19.86 7.75
CA ILE E 4 -18.59 19.62 6.69
C ILE E 4 -19.20 20.90 6.17
N TYR E 5 -19.37 21.90 7.02
CA TYR E 5 -19.84 23.21 6.59
C TYR E 5 -19.21 24.26 7.51
N THR E 6 -19.51 25.52 7.25
CA THR E 6 -19.14 26.61 8.15
C THR E 6 -20.32 27.54 8.30
N ILE E 7 -20.81 27.69 9.52
CA ILE E 7 -21.92 28.60 9.83
C ILE E 7 -21.35 29.82 10.53
N PRO E 8 -21.69 31.03 10.10
CA PRO E 8 -21.15 32.23 10.74
C PRO E 8 -21.60 32.33 12.19
N ASP E 9 -20.85 33.12 12.97
CA ASP E 9 -21.21 33.38 14.36
C ASP E 9 -21.48 34.85 14.63
N GLU E 10 -20.92 35.77 13.84
CA GLU E 10 -21.21 37.19 13.98
C GLU E 10 -21.34 37.78 12.57
N LEU E 11 -22.58 37.98 12.13
CA LEU E 11 -22.83 38.71 10.89
C LEU E 11 -22.69 40.21 11.14
N GLY E 12 -22.79 40.96 10.04
CA GLY E 12 -22.69 42.40 10.09
C GLY E 12 -23.62 43.06 9.11
N PRO E 13 -23.20 44.18 8.55
CA PRO E 13 -24.06 44.91 7.61
C PRO E 13 -24.16 44.15 6.30
N TRP E 14 -25.35 44.19 5.71
CA TRP E 14 -25.58 43.63 4.38
C TRP E 14 -25.32 44.74 3.37
N SER E 15 -24.13 44.72 2.76
CA SER E 15 -23.60 45.67 1.79
C SER E 15 -23.62 45.09 0.39
N PRO E 16 -24.00 45.87 -0.62
CA PRO E 16 -24.04 45.37 -2.00
C PRO E 16 -22.70 45.55 -2.73
N ILE E 17 -22.39 44.55 -3.56
CA ILE E 17 -21.18 44.52 -4.36
C ILE E 17 -21.54 44.02 -5.76
N ASP E 18 -20.53 43.93 -6.62
CA ASP E 18 -20.67 43.29 -7.93
C ASP E 18 -19.70 42.14 -8.03
N ILE E 19 -19.39 41.69 -9.24
CA ILE E 19 -18.73 40.40 -9.40
C ILE E 19 -17.23 40.49 -9.10
N HIS E 20 -16.57 41.57 -9.49
CA HIS E 20 -15.10 41.64 -9.49
C HIS E 20 -14.50 41.61 -8.10
N HIS E 21 -15.35 41.57 -7.07
CA HIS E 21 -14.96 41.87 -5.70
C HIS E 21 -14.82 40.63 -4.83
N LEU E 22 -14.71 39.46 -5.44
CA LEU E 22 -14.76 38.21 -4.69
C LEU E 22 -13.37 37.62 -4.55
N SER E 23 -12.96 37.41 -3.31
CA SER E 23 -11.73 36.72 -2.97
C SER E 23 -12.06 35.29 -2.59
N CYS E 24 -11.49 34.33 -3.30
CA CYS E 24 -11.56 32.96 -2.83
C CYS E 24 -10.97 32.88 -1.43
N PRO E 25 -11.57 32.13 -0.53
CA PRO E 25 -11.33 32.32 0.90
C PRO E 25 -9.93 31.88 1.31
N ASN E 26 -9.36 32.59 2.29
CA ASN E 26 -8.18 32.06 2.94
C ASN E 26 -8.90 30.80 3.38
N ASN E 27 -8.28 29.65 3.10
CA ASN E 27 -8.76 28.36 3.59
C ASN E 27 -7.63 28.01 4.53
N LEU E 28 -6.58 28.82 4.58
CA LEU E 28 -5.56 28.68 5.60
C LEU E 28 -6.17 28.83 6.99
N VAL E 29 -5.92 27.84 7.84
CA VAL E 29 -6.43 27.87 9.20
C VAL E 29 -5.49 28.73 10.04
N VAL E 30 -6.05 29.74 10.69
CA VAL E 30 -5.29 30.59 11.61
C VAL E 30 -5.63 30.13 13.02
N GLU E 31 -4.62 29.67 13.75
CA GLU E 31 -4.84 29.16 15.10
C GLU E 31 -5.17 30.46 15.82
N ASP E 32 -6.46 30.77 15.94
CA ASP E 32 -6.93 31.91 16.72
C ASP E 32 -8.35 31.51 17.10
N GLU E 33 -8.50 30.97 18.30
CA GLU E 33 -9.83 30.86 18.90
C GLU E 33 -10.25 32.03 19.80
N GLY E 34 -9.65 32.23 20.97
CA GLY E 34 -10.10 33.37 21.78
C GLY E 34 -8.86 33.89 22.49
N CYS E 35 -8.12 34.77 21.83
CA CYS E 35 -6.74 35.11 22.19
C CYS E 35 -6.52 36.63 22.16
N THR E 36 -7.39 37.40 22.81
CA THR E 36 -7.34 38.86 22.73
C THR E 36 -7.02 39.44 24.12
N ASN E 37 -5.80 39.20 24.59
CA ASN E 37 -5.40 39.72 25.90
C ASN E 37 -3.89 39.90 26.00
N LEU E 38 -3.48 40.76 26.92
CA LEU E 38 -2.09 41.04 27.26
C LEU E 38 -1.97 40.95 28.78
N SER E 39 -1.31 39.89 29.26
CA SER E 39 -1.09 39.70 30.69
C SER E 39 0.34 39.22 30.90
N GLU E 40 1.14 40.04 31.56
CA GLU E 40 2.53 39.71 31.83
C GLU E 40 2.61 38.75 33.01
N PHE E 41 3.48 37.75 32.92
CA PHE E 41 3.61 36.78 34.00
C PHE E 41 4.96 36.08 33.93
N SER E 42 5.17 35.16 34.87
CA SER E 42 6.43 34.45 35.03
C SER E 42 6.23 32.97 34.69
N TYR E 43 7.17 32.40 33.95
CA TYR E 43 7.10 30.99 33.56
C TYR E 43 8.45 30.33 33.77
N MET E 44 8.39 29.05 34.12
CA MET E 44 9.56 28.18 34.16
C MET E 44 9.76 27.50 32.81
N GLU E 45 11.02 27.27 32.46
CA GLU E 45 11.34 26.52 31.26
C GLU E 45 12.46 25.54 31.56
N LEU E 46 12.49 24.48 30.75
CA LEU E 46 13.68 23.68 30.60
C LEU E 46 14.74 24.56 29.93
N LYS E 47 15.94 24.61 30.51
CA LYS E 47 16.94 25.55 30.00
C LYS E 47 17.29 25.26 28.55
N VAL E 48 17.47 23.98 28.20
CA VAL E 48 17.51 23.58 26.81
C VAL E 48 16.11 23.70 26.23
N GLY E 49 16.04 23.98 24.93
CA GLY E 49 14.75 24.20 24.29
C GLY E 49 13.83 23.00 24.30
N TYR E 50 14.38 21.79 24.40
CA TYR E 50 13.64 20.58 24.11
C TYR E 50 13.67 19.63 25.30
N ILE E 51 12.59 18.86 25.48
CA ILE E 51 12.81 17.59 26.17
C ILE E 51 13.65 16.70 25.27
N SER E 52 14.28 15.70 25.88
CA SER E 52 15.24 14.80 25.21
C SER E 52 16.52 15.56 24.91
N ALA E 53 16.47 16.88 24.99
CA ALA E 53 17.69 17.69 24.94
C ALA E 53 18.30 17.88 26.33
N ILE E 54 17.84 17.10 27.31
CA ILE E 54 18.50 17.06 28.61
C ILE E 54 19.77 16.23 28.46
N LYS E 55 20.90 16.76 28.91
CA LYS E 55 22.17 16.12 28.58
C LYS E 55 23.15 16.38 29.72
N VAL E 56 23.02 15.62 30.79
CA VAL E 56 23.99 15.73 31.86
C VAL E 56 25.29 15.05 31.44
N ASN E 57 26.41 15.57 31.92
CA ASN E 57 27.73 15.28 31.36
C ASN E 57 28.58 14.42 32.31
N GLY E 58 29.57 13.76 31.73
CA GLY E 58 30.47 12.89 32.46
C GLY E 58 31.79 12.58 31.75
N PHE E 59 32.19 11.32 31.73
CA PHE E 59 33.49 10.91 31.19
C PHE E 59 33.50 9.38 31.06
N THR E 60 34.69 8.81 30.89
CA THR E 60 34.88 7.37 30.87
C THR E 60 36.14 7.03 31.64
N CYS E 61 35.99 6.34 32.75
CA CYS E 61 37.13 5.93 33.57
C CYS E 61 37.49 4.51 33.18
N THR E 62 38.50 4.37 32.34
CA THR E 62 38.95 3.07 31.85
C THR E 62 39.98 2.48 32.82
N GLY E 63 40.66 1.42 32.41
CA GLY E 63 41.65 0.76 33.25
C GLY E 63 42.97 0.44 32.58
N PHE E 85 42.53 -1.85 34.83
CA PHE E 85 42.28 -3.20 35.33
C PHE E 85 41.04 -3.24 36.24
N ARG E 86 39.85 -3.20 35.61
CA ARG E 86 38.58 -3.17 36.32
C ARG E 86 38.64 -2.09 37.40
N PRO E 87 38.75 -0.82 37.04
CA PRO E 87 38.86 0.23 38.06
C PRO E 87 37.59 0.35 38.88
N THR E 88 37.75 0.89 40.07
CA THR E 88 36.65 1.16 40.98
C THR E 88 36.40 2.66 41.07
N PRO E 89 35.13 3.09 41.06
CA PRO E 89 34.84 4.54 41.07
C PRO E 89 35.24 5.24 42.35
N ASP E 90 35.70 4.50 43.37
CA ASP E 90 36.18 5.13 44.59
C ASP E 90 37.29 6.12 44.31
N ALA E 91 38.07 5.89 43.26
CA ALA E 91 39.14 6.79 42.87
C ALA E 91 39.06 7.24 41.41
N CYS E 92 38.08 6.74 40.65
CA CYS E 92 37.98 7.13 39.25
C CYS E 92 37.79 8.64 39.10
N ARG E 93 37.21 9.29 40.10
CA ARG E 93 37.17 10.75 40.12
C ARG E 93 38.58 11.32 40.32
N ALA E 94 39.42 10.65 41.11
CA ALA E 94 40.78 11.15 41.32
C ALA E 94 41.59 11.09 40.04
N ALA E 95 41.28 10.13 39.15
CA ALA E 95 41.82 10.16 37.79
C ALA E 95 41.16 11.26 36.96
N TYR E 96 39.99 11.73 37.38
CA TYR E 96 39.23 12.75 36.67
C TYR E 96 39.62 14.17 37.10
N ASN E 97 39.87 14.40 38.40
CA ASN E 97 40.18 15.75 38.85
C ASN E 97 41.58 16.20 38.48
N TRP E 98 42.53 15.28 38.27
CA TRP E 98 43.79 15.71 37.66
C TRP E 98 43.61 16.07 36.19
N LYS E 99 42.72 15.36 35.50
CA LYS E 99 42.44 15.60 34.09
C LYS E 99 41.98 17.03 33.82
N MET E 100 41.74 17.82 34.88
CA MET E 100 41.22 19.18 34.77
C MET E 100 42.10 20.13 35.58
N ALA E 101 41.75 21.40 35.55
CA ALA E 101 42.50 22.46 36.23
C ALA E 101 43.96 22.48 35.80
N ILE E 128 43.97 3.09 34.41
CA ILE E 128 43.02 3.85 35.22
C ILE E 128 43.08 5.33 34.84
N ILE E 129 42.78 5.61 33.57
CA ILE E 129 42.78 6.98 33.05
C ILE E 129 41.38 7.30 32.58
N SER E 130 40.99 8.56 32.75
CA SER E 130 39.66 9.04 32.39
C SER E 130 39.82 10.11 31.31
N PRO E 131 39.94 9.71 30.05
CA PRO E 131 40.39 10.66 29.02
C PRO E 131 39.28 11.29 28.17
N SER E 132 38.20 10.57 27.90
CA SER E 132 37.14 11.08 27.02
C SER E 132 36.03 11.73 27.83
N VAL E 133 35.38 12.72 27.23
CA VAL E 133 34.21 13.36 27.80
C VAL E 133 32.98 12.63 27.25
N THR E 134 32.36 11.80 28.09
CA THR E 134 31.25 10.95 27.69
C THR E 134 29.96 11.42 28.35
N ASP E 135 28.97 11.75 27.54
CA ASP E 135 27.71 12.33 27.95
C ASP E 135 26.61 11.26 27.97
N LEU E 136 25.35 11.69 27.94
CA LEU E 136 24.20 10.79 27.96
C LEU E 136 22.91 11.61 27.84
N ASP E 137 21.82 10.90 27.55
CA ASP E 137 20.51 11.51 27.33
C ASP E 137 19.50 10.80 28.21
N PRO E 138 18.75 11.52 29.07
CA PRO E 138 17.65 10.89 29.80
C PRO E 138 16.25 11.43 29.48
N TYR E 139 15.28 10.54 29.42
CA TYR E 139 13.88 10.91 29.24
C TYR E 139 13.20 10.94 30.62
N ASP E 140 11.87 10.93 30.63
CA ASP E 140 11.14 11.05 31.88
C ASP E 140 11.25 9.79 32.75
N LYS E 141 11.47 8.62 32.13
CA LYS E 141 11.89 7.46 32.90
C LYS E 141 13.27 7.86 33.40
N SER E 142 13.64 7.37 34.59
CA SER E 142 14.79 7.91 35.31
C SER E 142 15.75 6.85 34.79
N LEU E 143 16.39 7.10 33.65
CA LEU E 143 17.38 6.20 33.08
C LEU E 143 17.96 7.04 31.94
N HIS E 144 19.05 6.55 31.34
CA HIS E 144 19.89 7.35 30.46
C HIS E 144 20.27 6.54 29.23
N SER E 145 20.84 7.22 28.22
CA SER E 145 21.10 6.55 26.95
C SER E 145 22.37 7.08 26.28
N ARG E 146 23.43 6.27 26.30
CA ARG E 146 24.53 6.30 25.34
C ARG E 146 25.00 4.86 25.12
N VAL E 147 26.03 4.70 24.31
CA VAL E 147 26.66 3.39 24.19
C VAL E 147 27.01 3.26 25.67
N PHE E 148 26.52 2.18 26.28
CA PHE E 148 27.05 1.66 27.53
C PHE E 148 26.36 0.28 27.58
N PRO E 149 25.53 -0.15 28.61
CA PRO E 149 24.98 -1.51 28.47
C PRO E 149 23.63 -1.24 27.81
N GLY E 150 23.55 -1.49 26.50
CA GLY E 150 22.30 -1.36 25.79
C GLY E 150 21.61 -0.01 25.80
N GLY E 151 22.36 1.06 26.02
CA GLY E 151 21.76 2.38 26.00
C GLY E 151 20.87 2.69 27.18
N LYS E 152 21.10 2.05 28.33
CA LYS E 152 20.29 2.33 29.52
C LYS E 152 21.06 1.87 30.74
N CYS E 153 21.36 2.81 31.64
CA CYS E 153 22.02 2.52 32.91
C CYS E 153 21.24 3.18 34.04
N SER E 154 21.42 2.65 35.26
CA SER E 154 20.67 3.12 36.41
C SER E 154 21.27 4.40 36.99
N GLY E 155 20.65 4.91 38.06
CA GLY E 155 20.96 6.24 38.56
C GLY E 155 22.10 6.28 39.57
N ILE E 156 22.56 7.50 39.84
CA ILE E 156 23.65 7.69 40.80
C ILE E 156 23.19 8.50 42.01
N THR E 157 22.04 8.16 42.58
CA THR E 157 21.80 8.50 43.98
C THR E 157 23.02 7.92 44.65
N VAL E 158 23.42 8.49 45.78
CA VAL E 158 24.78 8.32 46.31
C VAL E 158 24.74 6.97 47.04
N SER E 159 23.65 6.22 46.85
CA SER E 159 23.56 4.81 47.20
C SER E 159 24.54 4.01 46.33
N SER E 160 24.47 4.17 45.01
CA SER E 160 25.42 3.58 44.08
C SER E 160 25.93 4.60 43.07
N THR E 161 27.16 5.03 43.23
CA THR E 161 27.71 6.04 42.35
C THR E 161 28.66 5.29 41.42
N TYR E 162 28.03 4.62 40.45
CA TYR E 162 28.51 3.42 39.78
C TYR E 162 27.72 3.19 38.51
N CYS E 163 28.39 2.59 37.53
CA CYS E 163 27.72 2.04 36.36
C CYS E 163 28.70 1.08 35.69
N SER E 164 28.42 0.69 34.45
CA SER E 164 29.33 -0.17 33.71
C SER E 164 29.09 0.01 32.22
N THR E 165 30.11 -0.30 31.43
CA THR E 165 30.02 -0.30 29.98
C THR E 165 30.08 -1.74 29.50
N ASN E 166 29.73 -1.95 28.22
CA ASN E 166 29.93 -3.26 27.60
C ASN E 166 31.33 -3.78 27.87
N HIS E 167 32.31 -2.89 27.93
CA HIS E 167 33.65 -3.21 28.41
C HIS E 167 33.69 -2.90 29.90
N ASP E 168 34.17 -3.86 30.69
CA ASP E 168 34.18 -3.65 32.13
C ASP E 168 35.37 -2.79 32.58
N TYR E 169 36.25 -2.39 31.67
CA TYR E 169 37.31 -1.46 32.04
C TYR E 169 36.75 -0.05 32.24
N THR E 170 35.76 0.36 31.46
CA THR E 170 35.10 1.64 31.63
C THR E 170 33.99 1.51 32.68
N ILE E 171 33.87 2.50 33.54
CA ILE E 171 33.01 2.38 34.71
C ILE E 171 31.87 3.39 34.68
N TRP E 172 32.15 4.65 35.00
CA TRP E 172 31.07 5.61 35.19
C TRP E 172 31.28 6.83 34.31
N MET E 173 30.18 7.55 34.07
CA MET E 173 30.21 8.84 33.36
C MET E 173 29.45 9.93 34.11
N PRO E 174 29.81 10.20 35.39
CA PRO E 174 29.13 11.28 36.12
C PRO E 174 29.99 12.50 36.34
N GLU E 175 29.47 13.70 36.11
CA GLU E 175 30.13 14.89 36.62
C GLU E 175 29.94 14.84 38.14
N ASN E 176 30.82 14.07 38.78
CA ASN E 176 30.73 13.61 40.16
C ASN E 176 30.27 14.69 41.13
N PRO E 177 30.78 15.93 41.02
CA PRO E 177 30.31 16.99 41.93
C PRO E 177 28.85 17.37 41.78
N ARG E 178 28.09 16.77 40.86
CA ARG E 178 26.72 17.19 40.60
C ARG E 178 25.75 16.02 40.83
N PRO E 179 25.60 15.55 42.09
CA PRO E 179 24.71 14.42 42.40
C PRO E 179 23.30 14.52 41.80
N ARG E 180 22.56 13.41 41.85
CA ARG E 180 21.21 13.37 41.23
C ARG E 180 20.40 14.64 41.50
N THR E 181 19.80 15.21 40.45
CA THR E 181 18.95 16.41 40.54
C THR E 181 18.62 16.90 39.14
N PRO E 182 19.07 16.30 38.01
CA PRO E 182 18.73 16.93 36.73
C PRO E 182 17.27 17.29 36.64
N CYS E 183 16.44 16.73 37.52
CA CYS E 183 15.05 17.14 37.67
C CYS E 183 14.90 18.62 37.98
N ASP E 184 15.95 19.33 38.40
CA ASP E 184 15.76 20.64 39.01
C ASP E 184 16.48 21.81 38.35
N ILE E 185 17.52 21.59 37.57
CA ILE E 185 18.23 22.72 36.97
C ILE E 185 17.41 23.30 35.82
N PHE E 186 16.43 24.13 36.15
CA PHE E 186 15.61 24.81 35.16
C PHE E 186 16.08 26.24 34.96
N THR E 187 15.21 27.03 34.34
CA THR E 187 15.43 28.45 34.10
C THR E 187 14.11 29.19 34.27
N ASN E 188 14.19 30.52 34.28
CA ASN E 188 13.03 31.38 34.44
C ASN E 188 13.03 32.42 33.33
N SER E 189 11.86 32.99 33.07
CA SER E 189 11.71 34.03 32.04
C SER E 189 10.35 34.69 32.21
N ARG E 190 10.09 35.70 31.38
CA ARG E 190 8.89 36.52 31.41
C ARG E 190 8.18 36.44 30.06
N GLY E 191 6.87 36.66 30.07
CA GLY E 191 6.09 36.52 28.85
C GLY E 191 4.66 36.98 29.04
N LYS E 192 3.85 36.78 27.99
CA LYS E 192 2.47 37.25 27.98
C LYS E 192 1.50 36.11 27.70
N ARG E 193 0.36 36.16 28.36
CA ARG E 193 -0.76 35.23 28.18
C ARG E 193 -1.91 35.98 27.51
N ALA E 194 -2.86 35.23 26.91
CA ALA E 194 -3.90 35.91 26.14
C ALA E 194 -5.23 35.17 26.07
N SER E 195 -5.64 34.47 27.12
CA SER E 195 -6.82 33.62 27.02
C SER E 195 -8.10 34.45 26.92
N ASN E 196 -9.23 33.75 26.79
CA ASN E 196 -10.54 34.37 26.65
C ASN E 196 -11.45 34.06 27.84
N GLY E 197 -10.94 34.25 29.05
CA GLY E 197 -11.68 33.84 30.23
C GLY E 197 -11.88 32.36 30.39
N ASN E 198 -11.23 31.52 29.56
CA ASN E 198 -11.37 30.08 29.65
C ASN E 198 -10.01 29.36 29.69
N LYS E 199 -8.91 30.11 29.81
CA LYS E 199 -7.59 29.55 30.09
C LYS E 199 -7.14 28.60 28.98
N THR E 200 -6.94 29.16 27.78
CA THR E 200 -6.68 28.36 26.59
C THR E 200 -5.53 28.83 25.72
N CYS E 201 -5.15 30.10 25.72
CA CYS E 201 -4.19 30.57 24.73
C CYS E 201 -2.76 30.26 25.15
N GLY E 202 -1.90 30.14 24.15
CA GLY E 202 -0.49 29.89 24.34
C GLY E 202 0.31 31.15 24.62
N PHE E 203 1.61 31.04 24.39
CA PHE E 203 2.59 32.04 24.82
C PHE E 203 3.40 32.55 23.64
N VAL E 204 4.03 33.71 23.85
CA VAL E 204 4.90 34.36 22.87
C VAL E 204 6.30 34.41 23.46
N ASP E 205 7.31 34.08 22.64
CA ASP E 205 8.64 33.72 23.12
C ASP E 205 9.64 34.88 23.13
N GLU E 206 9.34 35.98 22.46
CA GLU E 206 10.32 36.99 22.05
C GLU E 206 11.25 36.38 21.00
N LEU E 209 7.67 33.25 19.25
CA LEU E 209 6.68 32.52 18.46
C LEU E 209 5.53 32.05 19.34
N TYR E 210 4.31 32.03 18.79
CA TYR E 210 3.16 31.51 19.50
C TYR E 210 2.96 30.03 19.13
N LYS E 211 2.41 29.27 20.07
CA LYS E 211 2.16 27.85 19.85
C LYS E 211 0.98 27.42 20.71
N SER E 212 -0.09 26.99 20.05
CA SER E 212 -1.34 26.71 20.74
C SER E 212 -1.18 25.52 21.66
N LEU E 213 -1.38 25.74 22.96
CA LEU E 213 -1.31 24.67 23.94
C LEU E 213 -2.50 23.73 23.87
N LYS E 214 -3.43 23.99 22.94
CA LYS E 214 -4.61 23.14 22.80
C LYS E 214 -4.23 21.69 22.54
N GLY E 215 -3.08 21.47 21.89
CA GLY E 215 -2.58 20.14 21.67
C GLY E 215 -1.30 19.88 22.46
N ALA E 216 -1.39 19.08 23.51
CA ALA E 216 -0.25 18.73 24.36
C ALA E 216 -0.64 17.66 25.36
N CYS E 217 0.14 17.55 26.45
CA CYS E 217 -0.15 16.60 27.52
C CYS E 217 0.72 16.98 28.72
N ARG E 218 0.31 16.52 29.90
CA ARG E 218 0.98 16.88 31.15
C ARG E 218 2.20 16.01 31.37
N LEU E 219 3.31 16.66 31.71
CA LEU E 219 4.52 16.00 32.18
C LEU E 219 4.98 16.69 33.45
N LYS E 220 5.02 15.94 34.56
CA LYS E 220 5.47 16.47 35.83
C LYS E 220 6.97 16.24 35.95
N LEU E 221 7.76 17.30 35.76
CA LEU E 221 9.21 17.19 35.92
C LEU E 221 9.52 17.32 37.41
N CYS E 222 9.47 16.17 38.09
CA CYS E 222 9.59 16.10 39.53
C CYS E 222 8.61 17.05 40.22
N GLY E 223 8.86 18.35 40.14
CA GLY E 223 8.05 19.27 40.90
C GLY E 223 6.71 19.62 40.30
N VAL E 224 6.74 20.31 39.18
CA VAL E 224 5.58 21.02 38.66
C VAL E 224 4.87 20.19 37.60
N LEU E 225 3.55 20.36 37.52
CA LEU E 225 2.73 19.70 36.52
C LEU E 225 2.84 20.45 35.21
N GLY E 226 3.97 20.25 34.53
CA GLY E 226 4.24 20.93 33.30
C GLY E 226 3.46 20.35 32.13
N LEU E 227 3.83 20.81 30.93
CA LEU E 227 3.12 20.49 29.70
C LEU E 227 4.12 20.31 28.58
N ARG E 228 4.17 19.09 28.01
CA ARG E 228 5.00 18.83 26.84
C ARG E 228 4.26 19.35 25.60
N LEU E 229 4.77 20.44 25.02
CA LEU E 229 4.24 20.89 23.75
C LEU E 229 4.69 19.93 22.65
N MET E 230 3.99 19.99 21.52
CA MET E 230 4.21 18.99 20.48
C MET E 230 5.56 19.13 19.81
N ASP E 231 6.24 20.26 19.97
CA ASP E 231 7.56 20.48 19.42
C ASP E 231 8.67 19.98 20.35
N GLY E 232 8.31 19.28 21.42
CA GLY E 232 9.30 18.83 22.37
C GLY E 232 9.79 19.89 23.33
N THR E 233 9.11 21.02 23.43
CA THR E 233 9.46 22.06 24.39
C THR E 233 8.65 21.83 25.67
N TRP E 234 9.35 21.71 26.79
CA TRP E 234 8.68 21.56 28.07
C TRP E 234 8.67 22.88 28.81
N VAL E 235 7.56 23.17 29.48
CA VAL E 235 7.43 24.32 30.35
C VAL E 235 6.69 23.89 31.60
N ALA E 236 6.61 24.79 32.56
CA ALA E 236 5.88 24.57 33.80
C ALA E 236 4.52 25.24 33.77
N MET E 237 3.84 25.19 32.63
CA MET E 237 2.55 25.84 32.49
C MET E 237 1.55 25.28 33.48
N GLN E 238 0.65 26.15 33.94
CA GLN E 238 -0.41 25.74 34.86
C GLN E 238 -1.13 24.50 34.36
N THR E 239 -1.51 23.65 35.30
CA THR E 239 -2.53 22.65 35.03
C THR E 239 -3.50 23.58 34.32
N SER E 240 -3.98 23.18 33.14
CA SER E 240 -4.90 24.05 32.41
C SER E 240 -6.21 23.33 32.74
N ASP E 241 -7.30 23.78 32.12
CA ASP E 241 -8.60 23.20 32.41
C ASP E 241 -8.84 21.88 31.68
N GLU E 242 -7.92 21.45 30.82
CA GLU E 242 -8.20 20.33 29.92
C GLU E 242 -6.85 19.73 29.52
N THR E 243 -6.46 18.64 30.18
CA THR E 243 -5.14 18.07 30.00
C THR E 243 -5.22 16.55 29.96
N LYS E 244 -4.14 15.95 29.45
CA LYS E 244 -3.90 14.51 29.44
C LYS E 244 -2.55 14.19 30.08
N TRP E 245 -2.13 12.94 29.95
CA TRP E 245 -0.83 12.50 30.44
C TRP E 245 -0.02 12.00 29.26
N CYS E 246 1.15 12.59 29.07
CA CYS E 246 2.02 12.16 28.00
C CYS E 246 2.39 10.70 28.19
N PRO E 247 2.01 9.83 27.26
CA PRO E 247 2.54 8.48 27.28
C PRO E 247 4.01 8.50 26.92
N PRO E 248 4.72 7.42 27.14
CA PRO E 248 6.10 7.34 26.66
C PRO E 248 6.24 7.79 25.22
N ASP E 249 6.84 8.96 25.03
CA ASP E 249 6.93 9.56 23.70
C ASP E 249 8.19 10.40 23.65
N GLN E 250 9.20 9.91 22.94
CA GLN E 250 10.52 10.54 22.86
C GLN E 250 10.88 10.80 21.40
N LEU E 251 10.07 11.64 20.74
CA LEU E 251 10.10 11.86 19.30
C LEU E 251 9.80 10.58 18.53
N VAL E 252 9.42 9.52 19.26
CA VAL E 252 9.04 8.23 18.68
C VAL E 252 7.52 8.11 18.82
N ASN E 253 6.78 8.79 17.96
CA ASN E 253 5.33 8.83 18.05
C ASN E 253 4.70 7.62 17.38
N GLU E 261 5.48 23.44 10.58
CA GLU E 261 4.05 23.49 10.91
C GLU E 261 3.23 22.61 9.97
N ILE E 262 3.21 22.99 8.69
CA ILE E 262 2.45 22.31 7.65
C ILE E 262 3.35 21.33 6.91
N GLU E 263 2.85 20.13 6.65
CA GLU E 263 3.64 19.16 5.89
C GLU E 263 3.04 18.92 4.50
N HIS E 264 2.04 18.04 4.40
CA HIS E 264 1.49 17.75 3.08
C HIS E 264 0.03 17.65 2.68
N LEU E 265 -0.73 16.85 3.44
CA LEU E 265 -2.04 16.31 3.06
C LEU E 265 -3.01 17.49 3.03
N VAL E 266 -2.63 18.59 3.70
CA VAL E 266 -3.44 19.80 3.69
C VAL E 266 -3.22 20.55 2.38
N VAL E 267 -1.97 20.56 1.89
CA VAL E 267 -1.60 21.46 0.81
C VAL E 267 -2.33 21.12 -0.49
N GLU E 268 -2.47 19.83 -0.80
CA GLU E 268 -3.05 19.44 -2.08
C GLU E 268 -4.55 19.70 -2.14
N GLU E 269 -5.23 19.67 -0.99
CA GLU E 269 -6.66 19.98 -0.96
C GLU E 269 -6.90 21.49 -1.07
N LEU E 270 -6.15 22.27 -0.29
CA LEU E 270 -6.30 23.73 -0.35
C LEU E 270 -6.22 24.22 -1.78
N VAL E 271 -5.31 23.66 -2.56
CA VAL E 271 -5.25 23.92 -4.00
C VAL E 271 -6.45 23.47 -4.82
N LYS E 272 -6.89 22.23 -4.59
CA LYS E 272 -7.91 21.63 -5.44
C LYS E 272 -9.26 22.01 -4.84
N LYS E 273 -9.33 22.76 -3.74
CA LYS E 273 -10.58 23.31 -3.25
C LYS E 273 -10.70 24.81 -3.43
N ARG E 274 -9.64 25.56 -3.15
CA ARG E 274 -9.59 26.96 -3.54
C ARG E 274 -9.30 27.14 -5.02
N GLU E 275 -9.33 26.03 -5.78
CA GLU E 275 -9.29 26.05 -7.23
C GLU E 275 -10.66 25.86 -7.85
N GLU E 276 -11.43 24.87 -7.38
CA GLU E 276 -12.82 24.77 -7.80
C GLU E 276 -13.61 25.98 -7.32
N CYS E 277 -13.15 26.63 -6.25
CA CYS E 277 -13.60 27.97 -5.93
C CYS E 277 -13.31 28.92 -7.09
N LEU E 278 -12.09 28.86 -7.62
CA LEU E 278 -11.71 29.73 -8.73
C LEU E 278 -12.37 29.29 -10.03
N ASP E 279 -12.48 27.98 -10.25
CA ASP E 279 -13.17 27.46 -11.43
C ASP E 279 -14.61 27.97 -11.46
N ALA E 280 -15.28 28.01 -10.30
CA ALA E 280 -16.66 28.49 -10.27
C ALA E 280 -16.71 30.01 -10.37
N LEU E 281 -15.71 30.70 -9.81
CA LEU E 281 -15.70 32.17 -9.85
C LEU E 281 -15.57 32.68 -11.29
N GLU E 282 -14.64 32.10 -12.05
CA GLU E 282 -14.50 32.49 -13.45
C GLU E 282 -15.81 32.28 -14.20
N SER E 283 -16.43 31.11 -14.03
CA SER E 283 -17.69 30.81 -14.69
C SER E 283 -18.74 31.88 -14.40
N ILE E 284 -18.63 32.55 -13.25
CA ILE E 284 -19.53 33.64 -12.93
C ILE E 284 -19.11 34.93 -13.63
N MET E 285 -17.80 35.16 -13.79
CA MET E 285 -17.32 36.41 -14.36
C MET E 285 -17.43 36.44 -15.88
N THR E 286 -17.30 35.31 -16.54
CA THR E 286 -17.39 35.26 -17.99
C THR E 286 -18.83 35.13 -18.49
N THR E 287 -19.81 35.08 -17.58
CA THR E 287 -21.22 35.14 -17.98
C THR E 287 -21.98 36.22 -17.22
N LYS E 288 -21.35 36.91 -16.26
CA LYS E 288 -21.99 37.95 -15.46
C LYS E 288 -23.31 37.49 -14.85
N SER E 289 -23.41 36.19 -14.56
CA SER E 289 -24.64 35.61 -14.06
C SER E 289 -24.30 34.48 -13.10
N VAL E 290 -25.23 34.19 -12.19
CA VAL E 290 -24.95 33.30 -11.07
C VAL E 290 -26.09 32.30 -10.90
N SER E 291 -25.72 31.07 -10.54
CA SER E 291 -26.63 30.09 -9.98
C SER E 291 -26.15 29.76 -8.58
N PHE E 292 -27.09 29.54 -7.66
CA PHE E 292 -26.77 29.53 -6.24
C PHE E 292 -25.76 28.44 -5.89
N ARG E 293 -25.67 27.40 -6.73
CA ARG E 293 -24.68 26.35 -6.52
C ARG E 293 -23.27 26.91 -6.39
N ARG E 294 -22.88 27.77 -7.33
CA ARG E 294 -21.49 28.20 -7.39
C ARG E 294 -21.16 29.13 -6.23
N LEU E 295 -22.14 29.90 -5.75
CA LEU E 295 -21.87 30.84 -4.67
C LEU E 295 -21.42 30.13 -3.41
N SER E 296 -21.92 28.91 -3.17
CA SER E 296 -21.51 28.16 -2.00
C SER E 296 -20.02 27.80 -2.04
N HIS E 297 -19.40 27.84 -3.23
CA HIS E 297 -17.99 27.47 -3.35
C HIS E 297 -17.05 28.49 -2.71
N LEU E 298 -17.52 29.73 -2.48
CA LEU E 298 -16.67 30.82 -2.00
C LEU E 298 -16.72 31.01 -0.49
N ARG E 299 -17.45 30.16 0.23
CA ARG E 299 -17.47 30.20 1.68
C ARG E 299 -16.11 29.81 2.26
N LYS E 300 -15.64 30.56 3.26
CA LYS E 300 -14.43 30.17 3.98
C LYS E 300 -14.78 28.73 4.28
N LEU E 301 -13.83 27.83 4.07
CA LEU E 301 -14.10 26.41 4.13
C LEU E 301 -13.62 25.96 5.50
N VAL E 302 -13.02 26.85 6.28
CA VAL E 302 -12.55 26.54 7.64
C VAL E 302 -12.88 27.71 8.56
N PRO E 303 -12.98 27.46 9.86
CA PRO E 303 -13.31 28.56 10.79
C PRO E 303 -12.26 29.66 10.76
N GLY E 304 -12.70 30.86 11.15
CA GLY E 304 -11.86 32.04 11.12
C GLY E 304 -12.55 33.20 10.44
N PHE E 305 -11.92 34.36 10.57
CA PHE E 305 -12.50 35.59 10.05
C PHE E 305 -12.40 35.64 8.53
N GLY E 306 -13.51 35.95 7.89
CA GLY E 306 -13.55 36.01 6.45
C GLY E 306 -14.73 36.80 5.95
N LYS E 307 -15.21 36.41 4.77
CA LYS E 307 -16.24 37.15 4.06
C LYS E 307 -17.46 36.27 3.85
N ALA E 308 -18.63 36.92 3.78
CA ALA E 308 -19.91 36.24 3.57
C ALA E 308 -20.70 37.01 2.51
N TYR E 309 -21.26 36.28 1.54
CA TYR E 309 -21.89 36.89 0.38
C TYR E 309 -23.30 36.35 0.19
N THR E 310 -24.16 37.17 -0.43
CA THR E 310 -25.52 36.74 -0.76
C THR E 310 -26.05 37.64 -1.88
N ILE E 311 -27.24 37.30 -2.36
CA ILE E 311 -27.88 38.03 -3.46
C ILE E 311 -29.36 38.21 -3.15
N PHE E 312 -29.82 39.47 -3.21
CA PHE E 312 -31.23 39.81 -3.07
C PHE E 312 -31.68 40.59 -4.30
N ASN E 313 -32.73 40.10 -4.96
CA ASN E 313 -33.39 40.83 -6.04
C ASN E 313 -32.39 41.25 -7.11
N LYS E 314 -31.79 40.25 -7.75
CA LYS E 314 -30.89 40.42 -8.89
C LYS E 314 -29.61 41.19 -8.56
N THR E 315 -29.40 41.54 -7.28
CA THR E 315 -28.29 42.37 -6.87
C THR E 315 -27.42 41.62 -5.87
N LEU E 316 -26.13 41.57 -6.14
CA LEU E 316 -25.17 40.90 -5.26
C LEU E 316 -24.90 41.73 -4.01
N MET E 317 -24.68 41.03 -2.90
CA MET E 317 -24.50 41.69 -1.60
C MET E 317 -23.52 40.89 -0.74
N GLU E 318 -22.70 41.61 0.04
CA GLU E 318 -21.71 40.99 0.90
C GLU E 318 -21.93 41.37 2.36
N ALA E 319 -21.12 40.80 3.24
CA ALA E 319 -21.16 41.12 4.66
C ALA E 319 -19.89 40.57 5.30
N ASP E 320 -19.64 40.98 6.53
CA ASP E 320 -18.61 40.38 7.35
C ASP E 320 -19.19 39.23 8.15
N ALA E 321 -18.35 38.22 8.39
CA ALA E 321 -18.76 37.08 9.20
C ALA E 321 -17.54 36.41 9.80
N HIS E 322 -17.67 35.99 11.06
CA HIS E 322 -16.71 35.13 11.71
C HIS E 322 -17.26 33.71 11.70
N TYR E 323 -16.57 32.81 11.00
CA TYR E 323 -17.11 31.50 10.68
C TYR E 323 -16.88 30.50 11.80
N LYS E 324 -17.87 29.65 12.01
CA LYS E 324 -17.82 28.59 13.03
C LYS E 324 -18.03 27.25 12.33
N SER E 325 -17.23 26.25 12.74
CA SER E 325 -17.25 24.96 12.09
C SER E 325 -18.49 24.15 12.48
N VAL E 326 -18.87 23.23 11.60
CA VAL E 326 -20.10 22.46 11.75
C VAL E 326 -19.75 21.00 12.02
N ARG E 327 -20.62 20.33 12.78
CA ARG E 327 -20.36 18.99 13.30
C ARG E 327 -21.25 17.96 12.62
N THR E 328 -22.57 18.00 12.86
CA THR E 328 -23.55 17.23 12.10
C THR E 328 -24.71 18.16 11.76
N TRP E 329 -25.37 17.87 10.63
CA TRP E 329 -26.29 18.85 10.05
C TRP E 329 -27.48 19.18 10.96
N ASN E 330 -27.73 18.38 11.99
CA ASN E 330 -28.91 18.61 12.83
C ASN E 330 -28.79 19.86 13.70
N GLU E 331 -27.57 20.39 13.89
CA GLU E 331 -27.38 21.54 14.77
C GLU E 331 -27.76 22.86 14.12
N ILE E 332 -28.14 22.87 12.85
CA ILE E 332 -28.52 24.09 12.18
C ILE E 332 -29.88 23.91 11.52
N ILE E 333 -30.37 22.67 11.50
CA ILE E 333 -31.73 22.41 11.06
C ILE E 333 -32.46 21.67 12.18
N PRO E 334 -32.91 22.37 13.22
CA PRO E 334 -33.68 21.72 14.30
C PRO E 334 -35.20 21.81 14.15
N SER E 335 -35.71 22.46 13.11
CA SER E 335 -37.13 22.54 12.89
C SER E 335 -37.38 22.56 11.38
N LYS E 336 -38.62 22.90 10.99
CA LYS E 336 -38.96 23.02 9.58
C LYS E 336 -37.97 23.88 8.85
N GLY E 337 -37.67 25.05 9.39
CA GLY E 337 -36.67 25.93 8.82
C GLY E 337 -36.16 26.93 9.84
N CYS E 338 -35.20 26.50 10.66
CA CYS E 338 -34.54 27.38 11.63
C CYS E 338 -33.04 27.25 11.45
N LEU E 339 -32.53 27.83 10.36
CA LEU E 339 -31.09 27.96 10.17
C LEU E 339 -30.74 28.61 11.49
N LYS E 340 -29.74 28.07 12.18
CA LYS E 340 -29.42 28.48 13.55
C LYS E 340 -28.27 29.45 13.34
N VAL E 341 -28.43 30.69 13.79
CA VAL E 341 -27.39 31.72 13.74
C VAL E 341 -27.15 32.17 15.19
N GLY E 342 -26.27 31.46 15.89
CA GLY E 342 -26.10 31.68 17.32
C GLY E 342 -27.30 31.16 18.08
N GLY E 343 -28.11 32.07 18.63
CA GLY E 343 -29.44 31.74 19.05
C GLY E 343 -30.46 32.20 18.02
N ARG E 344 -31.70 31.71 18.17
CA ARG E 344 -32.84 32.13 17.35
C ARG E 344 -32.67 31.64 15.91
N CYS E 345 -33.62 31.98 15.03
CA CYS E 345 -33.64 31.51 13.65
C CYS E 345 -33.45 32.70 12.71
N HIS E 346 -32.58 32.55 11.70
CA HIS E 346 -32.32 33.63 10.76
C HIS E 346 -33.46 33.76 9.76
N PRO E 347 -33.81 34.98 9.36
CA PRO E 347 -34.97 35.17 8.49
C PRO E 347 -34.65 35.15 7.00
N HIS E 348 -35.63 34.77 6.19
CA HIS E 348 -35.51 34.84 4.75
C HIS E 348 -35.84 36.24 4.25
N VAL E 349 -35.17 36.63 3.17
CA VAL E 349 -35.26 37.99 2.66
C VAL E 349 -36.07 38.34 1.42
N ASN E 350 -35.95 37.52 0.38
CA ASN E 350 -36.84 37.61 -0.77
C ASN E 350 -37.13 36.12 -0.89
N GLY E 351 -37.25 35.46 0.26
CA GLY E 351 -37.13 34.02 0.34
C GLY E 351 -35.71 33.52 0.21
N VAL E 352 -34.73 34.38 0.41
CA VAL E 352 -33.33 34.09 0.16
C VAL E 352 -32.59 34.16 1.49
N PHE E 353 -31.62 33.26 1.67
CA PHE E 353 -30.71 33.24 2.80
C PHE E 353 -29.32 33.63 2.31
N PHE E 354 -28.28 33.17 3.00
CA PHE E 354 -26.90 33.43 2.66
C PHE E 354 -26.21 32.14 2.24
N ASN E 355 -24.98 32.27 1.74
CA ASN E 355 -24.15 31.13 1.32
C ASN E 355 -24.83 30.28 0.24
N GLY E 356 -25.78 30.86 -0.50
CA GLY E 356 -26.56 30.13 -1.48
C GLY E 356 -27.73 29.35 -0.92
N ILE E 357 -27.77 29.13 0.41
CA ILE E 357 -28.91 28.47 1.02
C ILE E 357 -30.18 29.23 0.72
N ILE E 358 -31.24 28.51 0.38
CA ILE E 358 -32.54 29.12 0.13
C ILE E 358 -33.62 28.28 0.78
N LEU E 359 -34.75 28.93 1.02
CA LEU E 359 -35.91 28.23 1.58
C LEU E 359 -36.57 27.41 0.48
N GLY E 360 -36.91 26.16 0.82
CA GLY E 360 -37.41 25.23 -0.16
C GLY E 360 -38.90 25.34 -0.44
N PRO E 361 -39.40 24.43 -1.28
CA PRO E 361 -40.85 24.38 -1.57
C PRO E 361 -41.74 24.42 -0.34
N ASP E 362 -41.58 23.45 0.55
CA ASP E 362 -42.39 23.43 1.76
C ASP E 362 -41.57 23.89 2.95
N ASP E 363 -40.87 25.01 2.79
CA ASP E 363 -40.09 25.66 3.85
C ASP E 363 -38.95 24.80 4.36
N HIS E 364 -38.58 23.74 3.63
CA HIS E 364 -37.40 22.96 3.97
C HIS E 364 -36.15 23.72 3.58
N VAL E 365 -35.30 24.03 4.55
CA VAL E 365 -34.10 24.79 4.28
C VAL E 365 -33.08 23.89 3.59
N LEU E 366 -32.72 24.25 2.37
CA LEU E 366 -31.80 23.46 1.57
C LEU E 366 -30.42 24.11 1.58
N ILE E 367 -29.42 23.36 2.05
CA ILE E 367 -28.07 23.87 2.19
C ILE E 367 -27.23 23.26 1.03
N PRO E 368 -26.75 24.08 0.09
CA PRO E 368 -26.06 23.55 -1.09
C PRO E 368 -24.99 22.51 -0.79
N GLU E 369 -23.97 22.88 -0.02
CA GLU E 369 -22.91 21.91 0.27
C GLU E 369 -23.42 20.74 1.12
N MET E 370 -24.57 20.90 1.79
CA MET E 370 -25.19 19.76 2.44
C MET E 370 -25.95 18.90 1.46
N GLN E 371 -26.64 19.53 0.50
CA GLN E 371 -27.37 18.80 -0.53
C GLN E 371 -26.23 18.38 -1.45
N SER E 372 -25.29 17.61 -0.92
CA SER E 372 -24.38 16.79 -1.72
C SER E 372 -24.61 15.42 -1.12
N SER E 373 -25.85 15.17 -0.70
CA SER E 373 -26.26 13.85 -0.22
C SER E 373 -27.24 13.23 -1.21
N LEU E 374 -26.84 13.15 -2.49
CA LEU E 374 -27.64 12.55 -3.56
C LEU E 374 -29.07 13.10 -3.60
N LEU E 375 -29.18 14.42 -3.49
CA LEU E 375 -30.45 15.10 -3.74
C LEU E 375 -30.24 16.14 -4.81
N GLN E 376 -30.83 15.88 -5.98
CA GLN E 376 -30.76 16.77 -7.13
C GLN E 376 -31.93 17.74 -7.01
N GLN E 377 -31.63 18.99 -6.65
CA GLN E 377 -32.66 19.98 -6.35
C GLN E 377 -32.43 21.20 -7.21
N HIS E 378 -33.26 21.37 -8.24
CA HIS E 378 -32.97 22.34 -9.30
C HIS E 378 -33.78 23.63 -9.11
N MET E 379 -33.46 24.34 -8.03
CA MET E 379 -33.79 25.75 -7.93
C MET E 379 -32.56 26.61 -8.24
N GLU E 380 -31.49 25.99 -8.73
CA GLU E 380 -30.25 26.66 -9.09
C GLU E 380 -30.29 27.27 -10.49
N LEU E 381 -31.42 27.88 -10.86
CA LEU E 381 -31.47 28.57 -12.14
C LEU E 381 -30.63 29.84 -12.10
N LEU E 382 -30.41 30.39 -13.28
CA LEU E 382 -29.70 31.65 -13.42
C LEU E 382 -30.53 32.81 -12.92
N LYS E 383 -30.05 33.47 -11.88
CA LYS E 383 -30.38 34.86 -11.59
C LYS E 383 -29.20 35.70 -12.07
N SER E 384 -29.45 36.60 -13.01
CA SER E 384 -28.35 37.35 -13.59
C SER E 384 -28.03 38.57 -12.74
N SER E 385 -26.78 39.02 -12.84
CA SER E 385 -26.27 40.11 -12.02
C SER E 385 -26.35 41.44 -12.76
N VAL E 386 -26.50 42.50 -12.00
CA VAL E 386 -26.42 43.86 -12.53
C VAL E 386 -25.10 44.47 -12.07
N ILE E 387 -24.55 45.34 -12.91
CA ILE E 387 -23.31 46.04 -12.63
C ILE E 387 -23.71 47.50 -12.41
N PRO E 388 -23.09 48.24 -11.49
CA PRO E 388 -23.56 49.59 -11.18
C PRO E 388 -23.72 50.48 -12.41
N LEU E 389 -24.91 51.08 -12.54
CA LEU E 389 -25.23 51.89 -13.70
C LEU E 389 -24.33 53.12 -13.80
N MET E 390 -23.99 53.71 -12.66
CA MET E 390 -23.22 54.94 -12.64
C MET E 390 -21.73 54.65 -12.54
N ALA F 4 -5.04 7.11 47.23
CA ALA F 4 -5.09 8.00 48.38
C ALA F 4 -4.42 7.36 49.58
N LEU F 5 -3.66 8.16 50.34
CA LEU F 5 -3.05 7.66 51.57
C LEU F 5 -4.14 7.33 52.58
N THR F 6 -4.05 6.14 53.18
CA THR F 6 -5.04 5.65 54.13
C THR F 6 -4.40 5.56 55.52
N GLN F 7 -4.89 6.37 56.43
CA GLN F 7 -4.42 6.45 57.81
C GLN F 7 -5.38 5.74 58.75
N PRO F 8 -4.87 5.13 59.81
CA PRO F 8 -5.72 4.31 60.70
C PRO F 8 -6.81 5.11 61.43
N ARG F 9 -7.54 4.43 62.31
CA ARG F 9 -8.71 4.99 62.98
C ARG F 9 -8.39 5.61 64.34
N SER F 10 -7.94 4.80 65.30
CA SER F 10 -7.63 5.29 66.64
C SER F 10 -6.87 4.21 67.41
N VAL F 11 -6.25 4.64 68.52
CA VAL F 11 -5.53 3.72 69.40
C VAL F 11 -5.64 4.16 70.85
N SER F 22 0.91 2.63 60.68
CA SER F 22 1.32 2.14 59.37
C SER F 22 0.54 2.83 58.25
N CYS F 23 1.20 3.77 57.57
CA CYS F 23 0.62 4.46 56.42
C CYS F 23 1.00 3.68 55.16
N THR F 24 0.00 3.11 54.50
CA THR F 24 0.23 2.08 53.48
C THR F 24 0.36 2.63 52.06
N GLY F 25 0.39 3.95 51.89
CA GLY F 25 0.30 4.51 50.55
C GLY F 25 1.57 5.10 49.96
N THR F 26 2.73 4.59 50.38
CA THR F 26 4.00 5.10 49.87
C THR F 26 3.71 4.91 48.39
N SER F 27 4.00 5.92 47.60
CA SER F 27 3.85 5.83 46.15
C SER F 27 5.27 6.26 45.78
N SER F 28 6.17 5.30 45.85
CA SER F 28 7.43 5.47 45.14
C SER F 28 7.12 5.61 43.65
N ASP F 29 7.43 6.77 43.08
CA ASP F 29 7.01 7.06 41.71
C ASP F 29 7.78 6.21 40.70
N ILE F 30 7.78 6.62 39.44
CA ILE F 30 8.45 5.83 38.40
C ILE F 30 9.97 5.83 38.62
N GLY F 31 10.53 6.96 39.03
CA GLY F 31 11.81 6.93 39.70
C GLY F 31 11.65 6.49 41.14
N GLY F 32 12.75 6.08 41.76
CA GLY F 32 12.65 5.66 43.15
C GLY F 32 12.18 6.74 44.10
N TYR F 33 12.04 7.98 43.62
CA TYR F 33 11.83 9.16 44.45
C TYR F 33 10.57 9.03 45.30
N ASN F 34 10.76 8.87 46.60
CA ASN F 34 9.68 8.76 47.55
C ASN F 34 9.99 9.69 48.72
N PHE F 35 9.05 10.56 49.05
CA PHE F 35 9.22 11.51 50.15
C PHE F 35 8.02 11.47 51.08
N VAL F 36 7.69 10.25 51.53
CA VAL F 36 6.76 10.10 52.63
C VAL F 36 7.23 10.97 53.78
N SER F 37 6.35 11.81 54.30
CA SER F 37 6.69 12.68 55.42
C SER F 37 5.46 12.83 56.29
N TRP F 38 5.69 13.02 57.58
CA TRP F 38 4.63 12.85 58.56
C TRP F 38 4.38 14.16 59.28
N TYR F 39 3.13 14.37 59.68
CA TYR F 39 2.71 15.63 60.29
C TYR F 39 1.67 15.34 61.36
N GLN F 40 1.59 16.24 62.34
CA GLN F 40 0.62 16.15 63.42
C GLN F 40 0.24 17.55 63.89
N GLN F 41 -1.06 17.74 64.14
CA GLN F 41 -1.63 18.99 64.62
C GLN F 41 -2.47 18.68 65.84
N HIS F 42 -2.30 19.47 66.92
CA HIS F 42 -2.79 19.00 68.21
C HIS F 42 -4.20 19.52 68.53
N PRO F 43 -4.44 20.82 68.84
CA PRO F 43 -5.83 21.22 69.08
C PRO F 43 -6.38 22.01 67.91
N GLY F 44 -6.28 23.33 68.03
CA GLY F 44 -6.29 24.22 66.89
C GLY F 44 -4.94 24.91 66.79
N LYS F 45 -4.02 24.31 66.04
CA LYS F 45 -2.67 24.82 65.91
C LYS F 45 -2.22 24.75 64.46
N ALA F 46 -1.11 25.42 64.21
CA ALA F 46 -0.37 25.15 62.99
C ALA F 46 0.20 23.74 63.05
N PRO F 47 0.11 22.96 61.97
CA PRO F 47 0.81 21.69 61.92
C PRO F 47 2.30 21.88 62.16
N LYS F 48 3.00 20.76 62.37
CA LYS F 48 4.40 20.80 62.67
C LYS F 48 5.05 19.64 61.92
N LEU F 49 6.32 19.82 61.56
CA LEU F 49 7.04 18.78 60.81
C LEU F 49 7.75 17.88 61.80
N MET F 50 7.42 16.58 61.76
CA MET F 50 7.92 15.62 62.73
C MET F 50 9.08 14.80 62.16
N ILE F 51 8.79 13.89 61.23
CA ILE F 51 9.82 13.13 60.53
C ILE F 51 9.75 13.47 59.06
N TYR F 52 10.89 13.78 58.45
CA TYR F 52 10.97 14.03 57.02
C TYR F 52 11.65 12.85 56.34
N ASP F 53 11.23 12.57 55.10
CA ASP F 53 11.38 11.22 54.55
C ASP F 53 10.73 10.32 55.61
N ALA F 54 11.13 9.06 55.72
CA ALA F 54 10.65 8.25 56.82
C ALA F 54 11.60 8.29 58.01
N THR F 55 12.88 8.46 57.77
CA THR F 55 13.92 8.28 58.79
C THR F 55 14.84 9.50 58.88
N LYS F 56 14.27 10.69 58.98
CA LYS F 56 15.05 11.92 59.10
C LYS F 56 14.20 12.99 59.79
N ARG F 57 14.79 13.70 60.75
CA ARG F 57 14.08 14.58 61.65
C ARG F 57 14.73 15.95 61.70
N PRO F 58 13.97 16.98 62.11
CA PRO F 58 14.56 18.31 62.34
C PRO F 58 14.86 18.57 63.81
N SER F 59 15.20 19.82 64.14
CA SER F 59 15.56 20.22 65.49
C SER F 59 14.34 20.77 66.24
N GLY F 60 14.55 21.05 67.53
CA GLY F 60 13.43 21.28 68.41
C GLY F 60 12.42 20.15 68.38
N VAL F 61 12.88 18.95 68.04
CA VAL F 61 12.03 17.80 67.71
C VAL F 61 12.72 16.52 68.17
N PRO F 62 12.10 15.71 69.06
CA PRO F 62 12.62 14.40 69.47
C PRO F 62 12.98 13.47 68.31
N GLY F 67 9.70 5.27 61.39
CA GLY F 67 10.41 5.52 60.15
C GLY F 67 10.44 4.33 59.21
N SER F 68 9.63 3.32 59.51
CA SER F 68 9.63 2.11 58.71
C SER F 68 9.20 2.42 57.29
N LYS F 69 9.93 1.84 56.32
CA LYS F 69 9.64 2.03 54.90
C LYS F 69 9.73 0.69 54.19
N SER F 70 8.56 0.11 53.89
CA SER F 70 8.45 -0.95 52.92
C SER F 70 8.22 -0.34 51.55
N GLY F 71 8.16 -1.18 50.51
CA GLY F 71 8.04 -0.69 49.15
C GLY F 71 6.91 0.31 48.98
N ASN F 72 5.71 -0.09 49.40
CA ASN F 72 4.56 0.82 49.41
C ASN F 72 4.08 1.16 50.81
N THR F 73 4.60 0.49 51.83
CA THR F 73 4.13 0.64 53.21
C THR F 73 5.11 1.47 54.00
N ALA F 74 4.58 2.43 54.77
CA ALA F 74 5.40 3.31 55.61
C ALA F 74 4.90 3.25 57.04
N SER F 75 5.82 3.27 57.99
CA SER F 75 5.46 3.31 59.40
C SER F 75 6.53 4.07 60.18
N CYS F 91 0.60 11.21 57.42
CA CYS F 91 1.63 10.98 56.42
C CYS F 91 1.35 11.79 55.15
N CYS F 92 2.41 12.14 54.43
CA CYS F 92 2.32 12.96 53.23
C CYS F 92 3.34 12.44 52.23
N SER F 93 2.89 11.62 51.29
CA SER F 93 3.76 11.01 50.29
C SER F 93 3.69 11.79 48.98
N TYR F 94 4.80 11.78 48.25
CA TYR F 94 4.89 12.52 47.00
C TYR F 94 4.17 11.76 45.90
N ALA F 95 3.33 12.47 45.14
CA ALA F 95 2.52 11.84 44.12
C ALA F 95 3.38 11.16 43.07
N GLY F 96 2.90 10.04 42.54
CA GLY F 96 3.66 9.22 41.63
C GLY F 96 3.67 9.66 40.19
N ASP F 97 4.04 10.91 39.94
CA ASP F 97 4.27 11.44 38.59
C ASP F 97 3.02 11.45 37.71
N TYR F 98 1.84 11.28 38.29
CA TYR F 98 0.61 11.40 37.50
C TYR F 98 -0.49 12.14 38.25
N THR F 99 -0.15 12.92 39.27
CA THR F 99 -1.12 13.67 40.06
C THR F 99 -0.39 14.88 40.65
N PRO F 100 -1.08 16.02 40.83
CA PRO F 100 -0.37 17.22 41.28
C PRO F 100 0.09 17.10 42.72
N GLY F 101 1.32 17.53 42.95
CA GLY F 101 1.80 17.79 44.29
C GLY F 101 1.87 16.52 45.11
N VAL F 102 1.18 16.54 46.26
CA VAL F 102 1.13 15.41 47.17
C VAL F 102 -0.28 15.29 47.73
N VAL F 103 -0.45 14.28 48.59
CA VAL F 103 -1.68 14.05 49.32
C VAL F 103 -1.32 13.88 50.78
N PHE F 104 -2.36 13.90 51.62
CA PHE F 104 -2.23 13.72 53.05
C PHE F 104 -3.06 12.53 53.50
N GLY F 105 -2.91 12.18 54.76
CA GLY F 105 -3.55 11.01 55.32
C GLY F 105 -5.05 11.19 55.51
N GLY F 106 -5.59 10.32 56.36
CA GLY F 106 -7.01 10.30 56.64
C GLY F 106 -7.36 10.59 58.09
N GLY F 107 -6.36 10.91 58.91
CA GLY F 107 -6.58 11.29 60.28
C GLY F 107 -6.86 10.11 61.20
N THR F 108 -6.59 10.32 62.48
CA THR F 108 -6.72 9.27 63.50
C THR F 108 -7.19 9.81 64.85
N VAL F 139 11.90 30.58 62.06
CA VAL F 139 10.88 31.15 61.20
C VAL F 139 9.50 30.72 61.67
N GLN F 140 8.51 31.59 61.49
CA GLN F 140 7.12 31.26 61.77
C GLN F 140 6.25 31.92 60.71
N LEU F 141 4.94 31.73 60.82
CA LEU F 141 3.99 32.24 59.85
C LEU F 141 2.84 32.93 60.56
N VAL F 142 2.49 34.11 60.08
CA VAL F 142 1.30 34.84 60.51
C VAL F 142 0.29 34.83 59.37
N GLN F 143 -0.99 34.71 59.73
CA GLN F 143 -2.06 34.63 58.76
C GLN F 143 -3.03 35.80 58.96
N SER F 144 -3.97 35.92 58.03
CA SER F 144 -5.15 36.75 58.20
C SER F 144 -6.33 35.79 58.33
N GLY F 145 -6.94 35.77 59.51
CA GLY F 145 -7.67 34.60 59.96
C GLY F 145 -9.18 34.54 59.86
N ALA F 146 -9.87 35.65 60.06
CA ALA F 146 -11.32 35.66 60.09
C ALA F 146 -11.87 36.18 58.77
N GLU F 147 -12.35 35.27 57.92
CA GLU F 147 -13.02 35.63 56.67
C GLU F 147 -14.51 35.31 56.79
N VAL F 148 -15.35 36.31 56.53
CA VAL F 148 -16.80 36.15 56.52
C VAL F 148 -17.29 36.32 55.10
N LYS F 149 -18.01 35.32 54.59
CA LYS F 149 -18.35 35.27 53.18
C LYS F 149 -19.74 34.67 53.00
N LYS F 150 -20.38 35.03 51.89
CA LYS F 150 -21.62 34.45 51.44
C LYS F 150 -21.41 33.85 50.06
N PRO F 151 -22.25 32.90 49.65
CA PRO F 151 -22.06 32.27 48.33
C PRO F 151 -22.08 33.30 47.22
N GLY F 152 -21.02 33.29 46.42
CA GLY F 152 -20.85 34.28 45.37
C GLY F 152 -19.84 35.37 45.68
N SER F 153 -18.81 35.06 46.46
CA SER F 153 -17.80 36.04 46.88
C SER F 153 -16.42 35.44 46.69
N SER F 154 -15.40 36.21 47.07
CA SER F 154 -14.00 35.80 46.92
C SER F 154 -13.29 35.90 48.26
N VAL F 155 -12.44 34.91 48.54
CA VAL F 155 -11.61 34.90 49.74
C VAL F 155 -10.16 35.09 49.32
N LYS F 156 -9.43 35.89 50.10
CA LYS F 156 -8.07 36.30 49.75
C LYS F 156 -7.24 36.31 51.02
N VAL F 157 -6.50 35.22 51.27
CA VAL F 157 -5.74 35.07 52.51
C VAL F 157 -4.26 35.27 52.20
N SER F 158 -3.53 35.80 53.20
CA SER F 158 -2.12 36.14 53.05
C SER F 158 -1.29 35.38 54.07
N CYS F 159 0.01 35.29 53.79
CA CYS F 159 0.95 34.62 54.68
C CYS F 159 2.37 35.08 54.33
N LYS F 160 3.02 35.76 55.26
CA LYS F 160 4.39 36.22 55.07
C LYS F 160 5.23 35.83 56.28
N ALA F 161 6.52 35.56 56.02
CA ALA F 161 7.48 35.19 57.04
C ALA F 161 8.74 36.02 56.88
N SER F 162 9.69 35.80 57.78
CA SER F 162 10.97 36.52 57.76
C SER F 162 12.02 35.76 56.97
N GLY F 164 13.22 31.52 51.89
CA GLY F 164 13.52 32.90 52.22
C GLY F 164 14.75 33.41 51.49
N THR F 165 15.86 32.73 51.71
CA THR F 165 17.16 33.14 51.18
C THR F 165 17.77 31.97 50.39
N PHE F 166 17.35 31.82 49.13
CA PHE F 166 17.98 30.95 48.14
C PHE F 166 16.96 30.86 47.01
N ASN F 167 16.45 29.65 46.77
CA ASN F 167 15.50 29.47 45.67
C ASN F 167 14.30 28.59 45.97
N ARG F 168 13.84 28.53 47.21
CA ARG F 168 12.89 27.48 47.56
C ARG F 168 11.90 27.98 48.61
N TYR F 169 10.92 28.76 48.16
CA TYR F 169 9.79 29.07 49.03
C TYR F 169 8.75 27.97 48.92
N THR F 170 8.15 27.82 47.74
CA THR F 170 7.11 26.82 47.48
C THR F 170 6.03 26.86 48.55
N VAL F 171 5.45 28.04 48.72
CA VAL F 171 4.44 28.25 49.75
C VAL F 171 3.14 27.58 49.31
N ASN F 172 2.62 26.70 50.16
CA ASN F 172 1.46 25.89 49.84
C ASN F 172 0.28 26.25 50.74
N TRP F 173 -0.92 26.05 50.20
CA TRP F 173 -2.16 26.33 50.92
C TRP F 173 -2.98 25.04 50.92
N VAL F 174 -2.83 24.23 51.96
CA VAL F 174 -3.56 22.99 52.06
C VAL F 174 -4.85 23.26 52.82
N ARG F 175 -5.80 22.33 52.78
CA ARG F 175 -7.13 22.56 53.32
C ARG F 175 -7.46 21.55 54.40
N GLN F 176 -8.07 22.04 55.48
CA GLN F 176 -8.49 21.24 56.63
C GLN F 176 -10.01 21.11 56.59
N ALA F 177 -10.50 19.92 56.28
CA ALA F 177 -11.96 19.69 56.16
C ALA F 177 -12.58 19.49 57.55
N PRO F 178 -13.85 19.89 57.77
CA PRO F 178 -14.50 19.74 59.08
C PRO F 178 -14.40 18.32 59.63
N GLY F 179 -13.55 18.10 60.63
CA GLY F 179 -13.44 16.79 61.27
C GLY F 179 -12.92 15.74 60.32
N GLN F 180 -12.29 16.14 59.21
CA GLN F 180 -11.76 15.18 58.25
C GLN F 180 -10.47 15.68 57.62
N GLY F 181 -9.83 14.86 56.79
CA GLY F 181 -8.48 15.11 56.33
C GLY F 181 -8.03 16.06 55.23
N LEU F 182 -6.74 16.40 55.30
CA LEU F 182 -6.13 17.37 54.41
C LEU F 182 -6.05 16.98 52.94
N GLU F 183 -6.21 17.98 52.06
CA GLU F 183 -5.89 17.80 50.65
C GLU F 183 -5.27 19.09 50.14
N TRP F 184 -4.01 19.00 49.70
CA TRP F 184 -3.27 20.17 49.24
C TRP F 184 -3.95 20.77 48.02
N MET F 185 -4.05 22.11 48.00
CA MET F 185 -4.76 22.83 46.94
C MET F 185 -3.83 23.36 45.86
N GLY F 186 -2.90 24.24 46.21
CA GLY F 186 -2.06 24.86 45.21
C GLY F 186 -0.74 25.32 45.77
N GLY F 187 0.21 25.51 44.87
CA GLY F 187 1.53 25.95 45.27
C GLY F 187 2.05 27.04 44.33
N ILE F 188 3.11 27.68 44.78
CA ILE F 188 3.77 28.75 44.02
C ILE F 188 5.21 28.83 44.47
N ILE F 189 6.11 29.01 43.50
CA ILE F 189 7.53 29.15 43.77
C ILE F 189 7.90 30.61 43.52
N PRO F 190 7.82 31.48 44.54
CA PRO F 190 7.92 32.93 44.30
C PRO F 190 9.14 33.38 43.53
N ILE F 191 10.28 32.68 43.66
CA ILE F 191 11.47 33.09 42.92
C ILE F 191 11.28 32.89 41.42
N PHE F 192 10.79 31.71 41.03
CA PHE F 192 10.49 31.44 39.63
C PHE F 192 9.10 31.92 39.21
N GLY F 193 8.22 32.25 40.16
CA GLY F 193 6.89 32.71 39.82
C GLY F 193 6.05 31.68 39.12
N THR F 194 5.98 30.47 39.70
CA THR F 194 5.24 29.36 39.13
C THR F 194 3.96 29.15 39.93
N ALA F 195 2.94 28.60 39.27
CA ALA F 195 1.65 28.35 39.91
C ALA F 195 1.21 26.93 39.58
N ASN F 196 1.18 26.06 40.60
CA ASN F 196 0.76 24.67 40.46
C ASN F 196 -0.44 24.44 41.37
N TYR F 197 -1.61 24.18 40.78
CA TYR F 197 -2.84 23.93 41.52
C TYR F 197 -3.27 22.48 41.39
N ALA F 198 -3.97 21.99 42.42
CA ALA F 198 -4.41 20.60 42.46
C ALA F 198 -5.62 20.40 41.57
N GLN F 199 -6.23 19.22 41.67
CA GLN F 199 -7.23 18.82 40.67
C GLN F 199 -8.57 19.52 40.86
N ARG F 200 -9.25 19.25 41.98
CA ARG F 200 -10.60 19.77 42.17
C ARG F 200 -10.62 21.29 42.31
N PHE F 201 -9.51 21.91 42.67
CA PHE F 201 -9.47 23.34 42.91
C PHE F 201 -9.07 24.15 41.69
N GLN F 202 -9.07 23.53 40.51
CA GLN F 202 -8.61 24.19 39.31
C GLN F 202 -9.62 25.22 38.82
N GLY F 203 -9.12 26.28 38.19
CA GLY F 203 -9.95 27.31 37.61
C GLY F 203 -10.52 28.31 38.61
N ARG F 204 -10.43 28.03 39.89
CA ARG F 204 -10.95 28.89 40.94
C ARG F 204 -9.88 29.47 41.83
N LEU F 205 -8.80 28.71 42.06
CA LEU F 205 -7.71 29.15 42.91
C LEU F 205 -6.75 30.03 42.12
N THR F 206 -6.29 31.11 42.76
CA THR F 206 -5.29 32.01 42.18
C THR F 206 -4.35 32.41 43.31
N ILE F 207 -3.38 31.56 43.60
CA ILE F 207 -2.42 31.80 44.68
C ILE F 207 -1.31 32.72 44.17
N THR F 208 -1.13 33.84 44.86
CA THR F 208 -0.02 34.76 44.55
C THR F 208 0.69 35.16 45.84
N THR F 213 9.40 40.77 49.95
CA THR F 213 8.45 41.87 49.94
C THR F 213 7.03 41.35 49.75
N SER F 214 6.78 40.73 48.59
CA SER F 214 5.47 40.17 48.31
C SER F 214 5.17 39.02 49.25
N THR F 215 3.94 38.99 49.75
CA THR F 215 3.45 37.92 50.60
C THR F 215 2.69 36.90 49.77
N ALA F 216 2.47 35.73 50.37
CA ALA F 216 1.64 34.72 49.73
C ALA F 216 0.19 35.19 49.68
N TYR F 217 -0.55 34.63 48.73
CA TYR F 217 -1.97 34.92 48.59
C TYR F 217 -2.72 33.64 48.31
N MET F 218 -4.03 33.78 48.13
CA MET F 218 -4.92 32.67 47.84
C MET F 218 -6.13 33.47 47.40
N GLU F 219 -6.76 33.10 46.27
CA GLU F 219 -7.95 33.78 45.79
C GLU F 219 -8.66 32.48 45.44
N LEU F 220 -9.82 32.27 46.05
CA LEU F 220 -10.69 31.15 45.75
C LEU F 220 -12.06 31.82 45.66
N SER F 221 -12.55 32.03 44.43
CA SER F 221 -13.61 32.99 44.16
C SER F 221 -15.00 32.37 43.99
N SER F 222 -15.14 31.05 44.06
CA SER F 222 -16.44 30.41 44.01
C SER F 222 -16.70 29.74 45.36
N LEU F 223 -17.10 30.56 46.33
CA LEU F 223 -17.39 30.07 47.68
C LEU F 223 -18.78 29.46 47.70
N ARG F 224 -18.85 28.14 47.81
CA ARG F 224 -20.11 27.42 47.77
C ARG F 224 -20.25 26.51 49.00
N SER F 225 -20.88 25.34 48.84
CA SER F 225 -21.34 24.58 50.00
C SER F 225 -20.23 23.80 50.69
N ASP F 226 -19.28 23.23 49.95
CA ASP F 226 -18.18 22.48 50.55
C ASP F 226 -17.02 23.37 50.98
N ASP F 227 -17.10 24.67 50.72
CA ASP F 227 -16.08 25.62 51.16
C ASP F 227 -16.34 25.99 52.62
N THR F 228 -15.53 25.42 53.51
CA THR F 228 -15.52 25.72 54.94
C THR F 228 -14.33 24.97 55.54
N ALA F 229 -13.30 25.69 55.94
CA ALA F 229 -12.04 25.07 56.31
C ALA F 229 -11.23 26.08 57.13
N VAL F 230 -10.06 25.62 57.59
CA VAL F 230 -9.04 26.48 58.18
C VAL F 230 -7.85 26.44 57.22
N TYR F 231 -7.76 27.45 56.35
CA TYR F 231 -6.73 27.48 55.31
C TYR F 231 -5.39 27.81 55.93
N PHE F 232 -4.51 26.83 56.04
CA PHE F 232 -3.17 27.03 56.56
C PHE F 232 -2.19 27.26 55.42
N CYS F 233 -1.19 28.08 55.69
CA CYS F 233 -0.11 28.37 54.76
C CYS F 233 1.16 27.64 55.20
N ALA F 234 1.95 27.19 54.24
CA ALA F 234 3.14 26.41 54.54
C ALA F 234 4.30 26.85 53.65
N ARG F 235 5.51 26.64 54.14
CA ARG F 235 6.74 26.91 53.43
C ARG F 235 7.55 25.62 53.39
N GLU F 236 8.42 25.48 52.38
CA GLU F 236 9.21 24.27 52.23
C GLU F 236 10.68 24.68 52.14
N ASN F 237 11.56 23.72 51.93
CA ASN F 237 12.99 24.00 52.11
C ASN F 237 13.81 23.67 50.87
N LEU F 238 14.97 24.31 50.81
CA LEU F 238 16.00 24.09 49.82
C LEU F 238 17.10 23.23 50.42
N ASP F 239 17.66 22.35 49.61
CA ASP F 239 18.89 21.63 49.97
C ASP F 239 19.82 21.86 48.78
N ASN F 240 20.46 23.02 48.77
CA ASN F 240 21.35 23.45 47.70
C ASN F 240 20.62 23.43 46.34
N TYR F 245 11.86 17.80 43.07
CA TYR F 245 11.80 17.93 44.51
C TYR F 245 10.55 18.70 44.95
N TYR F 246 10.16 19.70 44.15
CA TYR F 246 9.07 20.58 44.53
C TYR F 246 7.90 19.75 45.04
N PHE F 247 7.27 20.25 46.11
CA PHE F 247 5.94 19.84 46.58
C PHE F 247 5.92 18.51 47.33
N SER F 248 7.06 17.98 47.78
CA SER F 248 7.11 16.58 48.20
C SER F 248 6.53 16.35 49.59
N GLY F 249 6.61 17.33 50.47
CA GLY F 249 6.33 17.18 51.88
C GLY F 249 6.93 18.42 52.50
N TRP F 250 7.62 18.32 53.63
CA TRP F 250 8.36 19.48 54.18
C TRP F 250 7.53 20.76 54.18
N PHE F 251 6.25 20.61 54.48
CA PHE F 251 5.41 21.76 54.77
C PHE F 251 5.67 22.07 56.23
N ASP F 252 6.86 22.62 56.56
CA ASP F 252 7.36 22.62 57.94
C ASP F 252 6.91 23.96 58.49
N PRO F 253 7.28 25.12 57.92
CA PRO F 253 6.70 26.37 58.42
C PRO F 253 5.18 26.38 58.30
N TRP F 254 4.51 26.59 59.43
CA TRP F 254 3.05 26.59 59.51
C TRP F 254 2.57 27.80 60.29
N GLY F 255 1.36 28.27 59.95
CA GLY F 255 0.82 29.46 60.55
C GLY F 255 -0.08 29.17 61.74
N GLY F 257 -4.65 30.67 61.33
CA GLY F 257 -5.69 29.83 60.75
C GLY F 257 -6.81 30.64 60.13
N THR F 258 -7.36 30.18 59.00
CA THR F 258 -8.37 30.93 58.25
C THR F 258 -9.74 30.30 58.50
N LEU F 259 -10.51 30.89 59.39
CA LEU F 259 -11.78 30.31 59.85
C LEU F 259 -12.91 30.93 59.04
N VAL F 260 -13.08 30.44 57.80
CA VAL F 260 -13.93 31.09 56.81
C VAL F 260 -15.30 30.43 56.80
N THR F 261 -16.34 31.25 56.84
CA THR F 261 -17.73 30.82 56.84
C THR F 261 -18.39 31.22 55.53
N VAL F 262 -19.24 30.34 55.01
CA VAL F 262 -19.97 30.62 53.79
C VAL F 262 -21.45 30.78 54.08
#